data_8ZP9
#
_entry.id   8ZP9
#
loop_
_entity.id
_entity.type
_entity.pdbx_description
1 polymer 'RNA (61-MER)'
2 polymer 'CRISPR system Cascade subunit CasC'
3 polymer 'CRISPR system Cascade subunit CasD'
4 polymer 'DNA (60-MER)'
#
loop_
_entity_poly.entity_id
_entity_poly.type
_entity_poly.pdbx_seq_one_letter_code
_entity_poly.pdbx_strand_id
1 'polyribonucleotide' GUGAACCGGAUUGCCGUCAGGAAAUUAGGUGCGCUUAGCAGUAUUCCCCACGCAUGUGGGG A
2 'polypeptide(L)'
;MLIEIHMIQNHSPANLNRDDLGAPKTCYFGGVLRSRISSQCIKRSIRTSNDFKALLGGVRTRRLADLIQQEAGETECWKK
AQEILNKCGFKNKDDNTKMLVFMSKDKIKDLARIVLDNSLGLTEAAQQVANVIAQATLAPDIALCGRMLEPNDKDKDKKV
KWSNTTVEAALQVAHAISTHIARPEIDYFVAADDVPGEDAGAGHIGESMFASACFYKYFSIDWEQLVKNLKGDTNLAAHT
VGAFLLAAAKTNPSGKQNSFAAHNYPDGILVEFKNSPISYANAFVRPVSVVKESDLVEQSIGQLSNYVNDIRLGYYDEQS
PVIGFWFSPNNRYPLGYKHSKLASRNIGNLNELVGAVLDYIGGFKWEEVQKSKAYIGG
;
F,H,I,J,K,G
3 'polypeptide(L)'
;MSAPPNTLFLRLEGALQSWGSNEAKFALRRTADAPTKSGVLGLLCAAMGIGRAEAADSWLPKLANLRMGVRIDRPGIRWW
DFHTVGAGQRMRMAELKAPKKPSMVGAALAETLTPSKVKTRAETLLSRREYLADASFLVALQGEPELVAKLSAALAKPVW
AIYLGRKSCPPSRPVCEHPPGFYNTLEEALSAVPLQKRWHNEPLPQILPCVMDWIPGYDGEHAPDDAEIHYDLPVSFQPP
RHLPRFVIRRELVVGEDVQVSRETGTSVWRPKGTRADYNNSEYKKVRAERLVMDHAACMVCKHPATTVQHVNYRRAGGKE
IPEDLRALCRLCHDACTMLEYGSGMTTNRIDPCDPIWRERILAKRKEIVEFRSRGQRFRKMKPEEENG
;
B
4 'polydeoxyribonucleotide'
;(DC)(DG)(DG)(DA)(DG)(DA)(DG)(DC)(DT)(DT)(DG)(DA)(DC)(DA)(DT)(DG)(DT)(DG)(DT)(DG)
(DC)(DT)(DA)(DA)(DG)(DC)(DG)(DC)(DA)(DC)(DC)(DT)(DA)(DA)(DT)(DT)(DT)(DC)(DC)(DT)
(DG)(DA)(DC)(DG)(DG)(DC)(DA)(DA)(DT)(DC)(DC)(DT)(DT)(DA)(DC)(DC)(DA)(DG)(DC)(DT)
;
M
#
loop_
_chem_comp.id
_chem_comp.type
_chem_comp.name
_chem_comp.formula
A RNA linking ADENOSINE-5'-MONOPHOSPHATE 'C10 H14 N5 O7 P'
C RNA linking CYTIDINE-5'-MONOPHOSPHATE 'C9 H14 N3 O8 P'
DA DNA linking 2'-DEOXYADENOSINE-5'-MONOPHOSPHATE 'C10 H14 N5 O6 P'
DC DNA linking 2'-DEOXYCYTIDINE-5'-MONOPHOSPHATE 'C9 H14 N3 O7 P'
DG DNA linking 2'-DEOXYGUANOSINE-5'-MONOPHOSPHATE 'C10 H14 N5 O7 P'
DT DNA linking THYMIDINE-5'-MONOPHOSPHATE 'C10 H15 N2 O8 P'
G RNA linking GUANOSINE-5'-MONOPHOSPHATE 'C10 H14 N5 O8 P'
U RNA linking URIDINE-5'-MONOPHOSPHATE 'C9 H13 N2 O9 P'
#
# COMPACT_ATOMS: atom_id res chain seq x y z
N MET B 1 -1.81 47.54 21.31
CA MET B 1 -2.49 46.78 20.27
C MET B 1 -1.51 45.87 19.53
N LEU B 2 -1.84 44.58 19.48
CA LEU B 2 -0.98 43.57 18.88
C LEU B 2 -1.66 43.00 17.64
N ILE B 3 -0.89 42.84 16.58
CA ILE B 3 -1.35 42.19 15.35
C ILE B 3 -0.85 40.76 15.38
N GLU B 4 -1.75 39.81 15.63
CA GLU B 4 -1.42 38.40 15.72
C GLU B 4 -1.78 37.70 14.42
N ILE B 5 -0.81 36.99 13.85
CA ILE B 5 -1.00 36.29 12.58
C ILE B 5 -0.76 34.81 12.82
N HIS B 6 -1.81 34.01 12.71
CA HIS B 6 -1.73 32.56 12.78
C HIS B 6 -1.97 32.00 11.39
N MET B 7 -1.02 31.21 10.90
CA MET B 7 -1.10 30.64 9.56
C MET B 7 -1.01 29.13 9.62
N ILE B 8 -1.87 28.46 8.87
CA ILE B 8 -1.81 27.01 8.68
C ILE B 8 -1.31 26.77 7.27
N GLN B 9 -0.10 26.21 7.16
CA GLN B 9 0.56 26.02 5.88
C GLN B 9 1.05 24.59 5.77
N ASN B 10 0.74 23.95 4.65
CA ASN B 10 1.19 22.59 4.36
C ASN B 10 2.26 22.66 3.27
N HIS B 11 3.35 21.95 3.48
CA HIS B 11 4.50 22.01 2.59
C HIS B 11 4.74 20.65 1.92
N SER B 12 5.24 20.71 0.69
CA SER B 12 5.61 19.52 -0.05
C SER B 12 6.86 18.91 0.57
N PRO B 13 7.16 17.64 0.26
CA PRO B 13 8.42 17.04 0.75
C PRO B 13 9.62 17.96 0.54
N ALA B 14 10.23 18.40 1.63
CA ALA B 14 11.27 19.41 1.55
C ALA B 14 12.12 19.37 2.81
N ASN B 15 13.25 20.06 2.74
CA ASN B 15 14.14 20.28 3.89
C ASN B 15 14.42 21.77 3.96
N LEU B 16 13.52 22.50 4.62
CA LEU B 16 13.63 23.95 4.72
C LEU B 16 14.53 24.41 5.86
N ASN B 17 14.93 23.49 6.75
CA ASN B 17 15.79 23.81 7.87
C ASN B 17 16.46 22.53 8.33
N ARG B 18 17.78 22.55 8.47
CA ARG B 18 18.48 21.39 8.97
C ARG B 18 19.61 21.82 9.90
N ASP B 19 20.05 20.88 10.73
CA ASP B 19 21.13 21.09 11.67
C ASP B 19 22.45 20.72 10.99
N ASP B 20 23.52 20.58 11.79
CA ASP B 20 24.82 20.25 11.23
C ASP B 20 24.81 18.91 10.51
N LEU B 21 24.02 17.96 10.98
CA LEU B 21 23.98 16.63 10.39
C LEU B 21 23.16 16.56 9.11
N GLY B 22 22.45 17.63 8.76
CA GLY B 22 21.66 17.63 7.54
C GLY B 22 20.25 17.10 7.67
N ALA B 23 19.84 16.71 8.88
CA ALA B 23 18.46 16.24 9.06
C ALA B 23 17.54 17.41 9.34
N PRO B 24 16.29 17.33 8.88
CA PRO B 24 15.35 18.44 9.13
C PRO B 24 15.14 18.67 10.61
N LYS B 25 15.02 19.94 10.99
CA LYS B 25 14.90 20.30 12.39
C LYS B 25 13.61 19.74 12.98
N THR B 26 13.72 19.19 14.19
CA THR B 26 12.59 18.58 14.86
C THR B 26 12.51 19.08 16.29
N CYS B 27 11.35 18.91 16.90
CA CYS B 27 11.13 19.30 18.28
C CYS B 27 10.09 18.39 18.89
N TYR B 28 10.05 18.36 20.22
CA TYR B 28 9.06 17.60 20.96
C TYR B 28 7.99 18.55 21.49
N PHE B 29 6.74 18.28 21.12
CA PHE B 29 5.62 19.07 21.58
C PHE B 29 4.45 18.13 21.85
N GLY B 30 3.99 18.10 23.09
CA GLY B 30 2.97 17.15 23.47
C GLY B 30 3.45 15.73 23.65
N GLY B 31 4.76 15.54 23.81
CA GLY B 31 5.32 14.22 23.96
C GLY B 31 5.59 13.48 22.67
N VAL B 32 5.32 14.09 21.52
CA VAL B 32 5.53 13.45 20.22
C VAL B 32 6.50 14.31 19.41
N LEU B 33 7.13 13.66 18.44
CA LEU B 33 8.09 14.34 17.57
C LEU B 33 7.36 15.19 16.54
N ARG B 34 7.82 16.44 16.38
CA ARG B 34 7.21 17.37 15.45
C ARG B 34 8.28 18.00 14.57
N SER B 35 7.97 18.16 13.28
CA SER B 35 8.84 18.89 12.39
C SER B 35 8.87 20.37 12.76
N ARG B 36 10.02 20.99 12.61
CA ARG B 36 10.21 22.36 13.08
C ARG B 36 10.93 23.19 12.03
N ILE B 37 10.40 24.39 11.79
CA ILE B 37 11.08 25.41 10.99
C ILE B 37 11.41 26.55 11.92
N SER B 38 12.69 26.91 11.98
CA SER B 38 13.17 27.84 12.99
C SER B 38 12.60 29.23 12.78
N SER B 39 12.45 29.97 13.89
CA SER B 39 11.87 31.31 13.84
C SER B 39 12.75 32.28 13.07
N GLN B 40 14.07 32.24 13.29
CA GLN B 40 14.95 33.16 12.59
C GLN B 40 14.98 32.87 11.09
N CYS B 41 14.75 31.62 10.70
CA CYS B 41 14.64 31.31 9.27
C CYS B 41 13.49 32.07 8.62
N ILE B 42 12.30 32.04 9.25
CA ILE B 42 11.15 32.76 8.72
C ILE B 42 11.40 34.26 8.78
N LYS B 43 12.05 34.72 9.85
CA LYS B 43 12.35 36.14 9.98
C LYS B 43 13.25 36.61 8.84
N ARG B 44 14.26 35.82 8.48
CA ARG B 44 15.15 36.19 7.39
C ARG B 44 14.45 36.06 6.03
N SER B 45 13.61 35.05 5.86
CA SER B 45 12.89 34.89 4.61
C SER B 45 11.96 36.08 4.36
N ILE B 46 11.27 36.55 5.40
CA ILE B 46 10.51 37.78 5.29
C ILE B 46 11.43 38.97 5.09
N ARG B 47 12.61 38.94 5.72
CA ARG B 47 13.55 40.04 5.63
C ARG B 47 14.06 40.22 4.21
N THR B 48 14.54 39.14 3.60
CA THR B 48 15.08 39.19 2.24
C THR B 48 14.01 38.91 1.18
N SER B 49 12.75 39.06 1.53
CA SER B 49 11.66 38.83 0.59
C SER B 49 11.62 39.92 -0.47
N ASN B 50 11.00 39.59 -1.61
CA ASN B 50 10.80 40.58 -2.66
C ASN B 50 9.84 41.68 -2.24
N ASP B 51 8.99 41.42 -1.24
CA ASP B 51 8.05 42.42 -0.75
C ASP B 51 8.68 43.37 0.26
N PHE B 52 9.88 43.08 0.75
CA PHE B 52 10.60 43.95 1.66
C PHE B 52 11.69 44.75 0.96
N LYS B 53 11.68 44.80 -0.37
CA LYS B 53 12.70 45.57 -1.08
C LYS B 53 12.58 47.07 -0.78
N ALA B 54 11.38 47.55 -0.49
CA ALA B 54 11.15 48.95 -0.21
C ALA B 54 11.36 49.29 1.26
N LEU B 55 11.59 48.31 2.12
CA LEU B 55 11.77 48.55 3.54
C LEU B 55 13.04 47.93 4.10
N LEU B 56 13.83 47.22 3.30
CA LEU B 56 15.11 46.71 3.76
C LEU B 56 16.10 47.86 3.84
N GLY B 57 16.27 48.43 5.02
CA GLY B 57 17.13 49.59 5.19
C GLY B 57 18.15 49.42 6.29
N GLY B 58 18.32 48.20 6.77
CA GLY B 58 19.32 47.90 7.78
C GLY B 58 20.23 46.79 7.30
N VAL B 59 21.48 46.84 7.75
CA VAL B 59 22.49 45.87 7.34
C VAL B 59 23.11 45.26 8.60
N ARG B 60 23.28 43.94 8.58
CA ARG B 60 23.92 43.20 9.65
C ARG B 60 25.17 42.54 9.06
N THR B 61 26.31 43.17 9.27
CA THR B 61 27.56 42.71 8.69
C THR B 61 28.69 42.89 9.70
N ARG B 62 29.74 42.10 9.49
CA ARG B 62 30.98 42.25 10.25
C ARG B 62 32.08 42.91 9.44
N ARG B 63 31.98 42.92 8.12
CA ARG B 63 32.94 43.62 7.26
C ARG B 63 32.42 45.01 6.89
N LEU B 64 32.28 45.83 7.93
CA LEU B 64 31.81 47.20 7.73
C LEU B 64 32.86 48.05 7.01
N ALA B 65 34.14 47.72 7.19
CA ALA B 65 35.20 48.45 6.49
C ALA B 65 35.07 48.29 4.99
N ASP B 66 34.73 47.09 4.52
CA ASP B 66 34.51 46.87 3.09
C ASP B 66 33.35 47.71 2.60
N LEU B 67 32.27 47.78 3.39
CA LEU B 67 31.12 48.60 3.01
C LEU B 67 31.51 50.07 2.90
N ILE B 68 32.29 50.57 3.86
CA ILE B 68 32.72 51.97 3.81
C ILE B 68 33.60 52.22 2.59
N GLN B 69 34.55 51.32 2.32
CA GLN B 69 35.45 51.52 1.19
C GLN B 69 34.72 51.41 -0.14
N GLN B 70 33.61 50.67 -0.18
CA GLN B 70 32.86 50.51 -1.42
C GLN B 70 32.29 51.83 -1.93
N GLU B 71 32.01 52.78 -1.05
CA GLU B 71 31.50 54.08 -1.46
C GLU B 71 32.62 55.09 -1.70
N ALA B 72 33.58 54.72 -2.55
CA ALA B 72 34.68 55.61 -2.88
C ALA B 72 35.27 55.15 -4.21
N GLY B 73 35.13 55.97 -5.25
CA GLY B 73 35.65 55.60 -6.55
C GLY B 73 37.16 55.49 -6.56
N GLU B 74 37.85 56.46 -5.96
CA GLU B 74 39.31 56.47 -5.92
C GLU B 74 39.88 56.77 -4.55
N THR B 75 39.07 57.23 -3.59
CA THR B 75 39.56 57.58 -2.26
C THR B 75 39.80 56.30 -1.47
N GLU B 76 41.03 55.80 -1.54
CA GLU B 76 41.39 54.51 -0.92
C GLU B 76 41.60 54.74 0.56
N CYS B 77 40.54 54.49 1.36
CA CYS B 77 40.58 54.61 2.82
C CYS B 77 39.97 53.34 3.40
N TRP B 78 40.80 52.30 3.55
CA TRP B 78 40.36 51.01 4.07
C TRP B 78 41.14 50.59 5.31
N LYS B 79 42.46 50.79 5.32
CA LYS B 79 43.25 50.52 6.52
C LYS B 79 42.82 51.44 7.66
N LYS B 80 42.57 52.71 7.36
CA LYS B 80 42.10 53.64 8.38
C LYS B 80 40.73 53.24 8.91
N ALA B 81 39.85 52.75 8.02
CA ALA B 81 38.54 52.30 8.45
C ALA B 81 38.64 51.11 9.39
N GLN B 82 39.51 50.15 9.05
CA GLN B 82 39.70 49.01 9.93
C GLN B 82 40.28 49.44 11.27
N GLU B 83 41.24 50.37 11.26
CA GLU B 83 41.83 50.83 12.51
C GLU B 83 40.80 51.54 13.38
N ILE B 84 39.95 52.38 12.77
CA ILE B 84 38.96 53.11 13.54
C ILE B 84 37.89 52.15 14.07
N LEU B 85 37.52 51.13 13.29
CA LEU B 85 36.59 50.13 13.80
C LEU B 85 37.20 49.35 14.97
N ASN B 86 38.47 48.99 14.85
CA ASN B 86 39.14 48.26 15.94
C ASN B 86 39.20 49.10 17.20
N LYS B 87 39.52 50.38 17.07
CA LYS B 87 39.55 51.25 18.23
C LYS B 87 38.16 51.64 18.73
N CYS B 88 37.11 51.39 17.93
CA CYS B 88 35.76 51.64 18.38
C CYS B 88 35.26 50.61 19.38
N GLY B 89 35.83 49.40 19.36
CA GLY B 89 35.40 48.36 20.27
C GLY B 89 35.25 47.00 19.60
N PHE B 90 35.59 46.92 18.32
CA PHE B 90 35.61 45.65 17.61
C PHE B 90 37.04 45.13 17.54
N LYS B 91 37.17 43.81 17.49
CA LYS B 91 38.48 43.15 17.55
C LYS B 91 38.51 41.99 16.55
N ASN B 92 39.38 42.10 15.56
CA ASN B 92 39.60 41.00 14.62
C ASN B 92 40.67 40.04 15.14
N THR B 97 35.17 40.94 9.21
CA THR B 97 36.48 41.18 9.81
C THR B 97 36.33 41.76 11.21
N LYS B 98 35.22 41.45 11.86
CA LYS B 98 34.89 41.93 13.20
C LYS B 98 33.72 41.09 13.70
N MET B 99 33.12 41.51 14.81
CA MET B 99 31.86 40.91 15.25
C MET B 99 30.71 41.51 14.45
N LEU B 100 29.53 40.93 14.60
CA LEU B 100 28.37 41.36 13.81
C LEU B 100 27.87 42.71 14.31
N VAL B 101 27.63 43.63 13.37
CA VAL B 101 27.09 44.94 13.66
C VAL B 101 25.81 45.13 12.85
N PHE B 102 24.75 45.55 13.54
CA PHE B 102 23.44 45.77 12.93
C PHE B 102 23.10 47.25 13.02
N MET B 103 22.91 47.88 11.86
CA MET B 103 22.39 49.24 11.77
C MET B 103 22.17 49.55 10.29
N SER B 104 21.67 50.76 10.02
CA SER B 104 21.19 51.12 8.70
C SER B 104 22.34 51.10 7.68
N LYS B 105 21.96 51.20 6.40
CA LYS B 105 22.90 51.11 5.28
C LYS B 105 23.27 52.48 4.71
N ASP B 106 22.28 53.25 4.24
CA ASP B 106 22.57 54.57 3.72
C ASP B 106 23.15 55.47 4.80
N LYS B 107 22.64 55.35 6.02
CA LYS B 107 23.15 56.17 7.12
C LYS B 107 24.64 55.93 7.36
N ILE B 108 25.03 54.66 7.49
CA ILE B 108 26.45 54.38 7.71
C ILE B 108 27.28 54.80 6.50
N LYS B 109 26.77 54.58 5.29
CA LYS B 109 27.53 54.95 4.11
C LYS B 109 27.84 56.44 4.11
N ASP B 110 26.79 57.27 4.21
CA ASP B 110 26.98 58.72 4.16
C ASP B 110 27.81 59.21 5.35
N LEU B 111 27.52 58.70 6.54
CA LEU B 111 28.16 59.25 7.73
C LEU B 111 29.62 58.83 7.81
N ALA B 112 29.93 57.57 7.48
CA ALA B 112 31.33 57.16 7.41
C ALA B 112 32.08 57.93 6.33
N ARG B 113 31.43 58.16 5.19
CA ARG B 113 32.07 58.94 4.12
C ARG B 113 32.39 60.36 4.57
N ILE B 114 31.50 61.01 5.32
CA ILE B 114 31.74 62.38 5.76
C ILE B 114 32.59 62.47 7.02
N VAL B 115 32.76 61.36 7.76
CA VAL B 115 33.52 61.42 9.00
C VAL B 115 34.92 60.85 8.83
N LEU B 116 35.02 59.56 8.48
CA LEU B 116 36.31 58.91 8.50
C LEU B 116 37.16 59.23 7.27
N ASP B 117 36.57 59.77 6.20
CA ASP B 117 37.34 60.19 5.04
C ASP B 117 37.93 61.58 5.18
N ASN B 118 37.49 62.35 6.18
CA ASN B 118 38.02 63.68 6.40
C ASN B 118 39.33 63.62 7.19
N SER B 119 40.29 64.43 6.78
CA SER B 119 41.61 64.46 7.44
C SER B 119 41.43 65.11 8.81
N LEU B 120 41.43 64.28 9.85
CA LEU B 120 41.16 64.76 11.20
C LEU B 120 41.70 63.71 12.18
N GLY B 121 41.57 63.98 13.47
CA GLY B 121 42.09 63.09 14.50
C GLY B 121 41.42 61.72 14.48
N LEU B 122 41.80 60.91 15.46
CA LEU B 122 41.43 59.50 15.48
C LEU B 122 40.44 59.14 16.59
N THR B 123 40.75 59.46 17.84
CA THR B 123 39.89 59.01 18.94
C THR B 123 38.50 59.63 18.85
N GLU B 124 38.43 60.93 18.57
CA GLU B 124 37.11 61.55 18.38
C GLU B 124 36.44 61.08 17.11
N ALA B 125 37.21 60.66 16.10
CA ALA B 125 36.60 60.01 14.95
C ALA B 125 35.95 58.68 15.34
N ALA B 126 36.60 57.93 16.22
CA ALA B 126 36.00 56.71 16.75
C ALA B 126 34.74 57.03 17.55
N GLN B 127 34.76 58.10 18.33
CA GLN B 127 33.57 58.49 19.08
C GLN B 127 32.42 58.85 18.15
N GLN B 128 32.71 59.61 17.09
CA GLN B 128 31.68 60.01 16.14
C GLN B 128 31.11 58.79 15.41
N VAL B 129 31.97 57.87 14.99
CA VAL B 129 31.48 56.67 14.31
C VAL B 129 30.70 55.78 15.27
N ALA B 130 31.06 55.76 16.56
CA ALA B 130 30.27 55.00 17.53
C ALA B 130 28.89 55.61 17.72
N ASN B 131 28.81 56.93 17.80
CA ASN B 131 27.52 57.59 17.90
C ASN B 131 26.67 57.32 16.67
N VAL B 132 27.30 57.32 15.49
CA VAL B 132 26.57 57.03 14.26
C VAL B 132 26.07 55.59 14.28
N ILE B 133 26.89 54.67 14.77
CA ILE B 133 26.51 53.27 14.87
C ILE B 133 25.30 53.11 15.78
N ALA B 134 25.33 53.78 16.93
CA ALA B 134 24.25 53.65 17.91
C ALA B 134 22.97 54.31 17.42
N GLN B 135 23.10 55.42 16.70
CA GLN B 135 21.94 56.23 16.30
C GLN B 135 21.33 55.81 14.97
N ALA B 136 21.85 54.76 14.33
CA ALA B 136 21.32 54.32 13.04
C ALA B 136 20.32 53.19 13.24
N THR B 137 19.13 53.58 13.72
CA THR B 137 18.03 52.66 13.94
C THR B 137 16.79 53.03 13.14
N LEU B 138 16.93 53.85 12.10
CA LEU B 138 15.82 54.24 11.24
C LEU B 138 15.67 53.24 10.09
N ALA B 139 15.43 51.98 10.47
CA ALA B 139 15.22 50.93 9.51
C ALA B 139 14.08 50.05 9.99
N PRO B 140 13.07 49.80 9.16
CA PRO B 140 11.99 48.90 9.58
C PRO B 140 12.47 47.51 9.94
N ASP B 141 13.55 47.05 9.30
CA ASP B 141 14.09 45.73 9.62
C ASP B 141 14.59 45.68 11.06
N ILE B 142 15.32 46.71 11.49
CA ILE B 142 15.76 46.79 12.88
C ILE B 142 14.57 47.02 13.81
N ALA B 143 13.58 47.79 13.36
CA ALA B 143 12.39 48.02 14.18
C ALA B 143 11.66 46.72 14.46
N LEU B 144 11.64 45.80 13.48
CA LEU B 144 10.95 44.53 13.68
C LEU B 144 11.83 43.54 14.45
N CYS B 145 13.02 43.25 13.91
CA CYS B 145 13.85 42.20 14.51
C CYS B 145 14.51 42.65 15.80
N GLY B 146 14.81 43.93 15.93
CA GLY B 146 15.52 44.43 17.09
C GLY B 146 16.99 44.06 17.06
N ARG B 147 17.74 44.68 17.97
CA ARG B 147 19.17 44.43 18.02
C ARG B 147 19.73 44.84 19.38
N MET B 148 20.92 44.30 19.67
CA MET B 148 21.76 44.82 20.74
C MET B 148 23.19 44.43 20.42
N LEU B 149 24.12 45.27 20.84
CA LEU B 149 25.54 44.95 20.72
C LEU B 149 26.33 45.81 21.68
N GLU B 150 27.18 45.17 22.48
CA GLU B 150 28.06 45.90 23.40
C GLU B 150 29.51 45.52 23.11
N PRO B 151 30.30 46.45 22.61
CA PRO B 151 31.71 46.14 22.32
C PRO B 151 32.48 45.81 23.59
N ASN B 152 33.54 45.01 23.42
CA ASN B 152 34.39 44.64 24.54
C ASN B 152 35.06 45.87 25.12
N ASP B 153 35.10 45.94 26.45
CA ASP B 153 35.67 47.09 27.14
C ASP B 153 37.18 47.02 27.28
N LYS B 154 37.81 45.93 26.85
CA LYS B 154 39.26 45.80 26.93
C LYS B 154 39.96 46.49 25.75
N ASP B 155 39.57 46.13 24.53
CA ASP B 155 40.18 46.72 23.35
C ASP B 155 39.74 48.15 23.10
N LYS B 156 38.51 48.50 23.52
CA LYS B 156 37.99 49.83 23.29
C LYS B 156 38.77 50.87 24.09
N ASP B 157 39.01 52.02 23.48
CA ASP B 157 39.67 53.11 24.17
C ASP B 157 38.73 53.75 25.20
N LYS B 158 39.31 54.21 26.30
CA LYS B 158 38.53 54.85 27.34
C LYS B 158 37.95 56.19 26.92
N LYS B 159 38.42 56.76 25.81
CA LYS B 159 37.92 58.03 25.31
C LYS B 159 36.65 57.87 24.48
N VAL B 160 36.19 56.64 24.26
CA VAL B 160 35.01 56.36 23.45
C VAL B 160 33.88 55.97 24.39
N LYS B 161 32.77 56.71 24.33
CA LYS B 161 31.60 56.45 25.15
C LYS B 161 30.43 56.05 24.26
N TRP B 162 29.68 55.04 24.68
CA TRP B 162 28.57 54.51 23.92
C TRP B 162 27.24 54.93 24.55
N SER B 163 26.34 55.43 23.72
CA SER B 163 24.99 55.75 24.16
C SER B 163 24.18 54.45 24.21
N ASN B 164 22.89 54.57 24.49
CA ASN B 164 22.04 53.38 24.57
C ASN B 164 21.89 52.76 23.18
N THR B 165 22.16 51.46 23.09
CA THR B 165 22.19 50.77 21.81
C THR B 165 21.17 49.63 21.72
N THR B 166 20.51 49.28 22.82
CA THR B 166 19.55 48.19 22.80
C THR B 166 18.28 48.64 22.10
N VAL B 167 17.93 47.96 21.02
CA VAL B 167 16.69 48.21 20.29
C VAL B 167 15.73 47.07 20.58
N GLU B 168 14.62 47.38 21.24
CA GLU B 168 13.64 46.36 21.59
C GLU B 168 12.88 45.93 20.35
N ALA B 169 12.82 44.63 20.11
CA ALA B 169 12.14 44.10 18.95
C ALA B 169 10.63 44.27 19.08
N ALA B 170 9.98 44.64 17.98
CA ALA B 170 8.53 44.77 17.93
C ALA B 170 7.87 43.55 17.30
N LEU B 171 8.63 42.52 16.94
CA LEU B 171 8.11 41.34 16.27
C LEU B 171 8.52 40.10 17.04
N GLN B 172 7.55 39.23 17.33
CA GLN B 172 7.79 37.94 17.97
C GLN B 172 7.33 36.84 17.02
N VAL B 173 8.24 35.94 16.66
CA VAL B 173 7.95 34.85 15.75
C VAL B 173 8.22 33.53 16.46
N ALA B 174 7.25 32.63 16.41
CA ALA B 174 7.37 31.31 17.01
C ALA B 174 7.95 30.32 16.02
N HIS B 175 8.51 29.24 16.55
CA HIS B 175 9.01 28.16 15.72
C HIS B 175 7.85 27.41 15.08
N ALA B 176 7.91 27.21 13.77
CA ALA B 176 6.83 26.55 13.04
C ALA B 176 6.84 25.07 13.37
N ILE B 177 5.89 24.64 14.19
CA ILE B 177 5.79 23.24 14.59
C ILE B 177 4.69 22.57 13.77
N SER B 178 4.92 21.31 13.43
CA SER B 178 3.93 20.55 12.68
C SER B 178 2.71 20.25 13.54
N THR B 179 1.55 20.20 12.89
CA THR B 179 0.31 19.91 13.59
C THR B 179 0.08 18.43 13.82
N HIS B 180 1.00 17.58 13.35
CA HIS B 180 0.84 16.14 13.42
C HIS B 180 2.19 15.53 13.79
N ILE B 181 2.22 14.18 13.85
CA ILE B 181 3.47 13.48 14.11
C ILE B 181 4.45 13.72 12.97
N ALA B 182 5.73 13.76 13.31
CA ALA B 182 6.78 13.99 12.33
C ALA B 182 7.23 12.65 11.75
N ARG B 183 7.37 12.59 10.43
CA ARG B 183 7.84 11.40 9.73
C ARG B 183 9.07 11.77 8.92
N PRO B 184 10.25 11.78 9.52
CA PRO B 184 11.48 11.99 8.76
C PRO B 184 11.68 10.87 7.75
N GLU B 185 12.20 11.23 6.58
CA GLU B 185 12.39 10.30 5.49
C GLU B 185 13.79 10.46 4.93
N ILE B 186 14.32 9.36 4.39
CA ILE B 186 15.68 9.32 3.83
C ILE B 186 15.58 9.22 2.32
N ASP B 187 16.14 10.19 1.62
CA ASP B 187 16.26 10.18 0.17
C ASP B 187 17.68 9.78 -0.17
N TYR B 188 17.85 8.55 -0.66
CA TYR B 188 19.18 8.04 -0.95
C TYR B 188 19.54 8.43 -2.37
N PHE B 189 20.68 9.12 -2.53
CA PHE B 189 21.07 9.69 -3.81
C PHE B 189 22.42 9.13 -4.26
N VAL B 190 22.67 9.27 -5.56
CA VAL B 190 23.96 8.99 -6.17
C VAL B 190 24.36 10.20 -7.00
N ALA B 191 25.63 10.24 -7.39
CA ALA B 191 26.16 11.30 -8.25
C ALA B 191 26.80 10.63 -9.46
N ALA B 192 26.10 10.69 -10.60
CA ALA B 192 26.53 9.95 -11.78
C ALA B 192 27.82 10.52 -12.34
N ASP B 193 28.68 9.62 -12.82
CA ASP B 193 29.91 10.00 -13.50
C ASP B 193 29.66 9.99 -15.01
N ASP B 194 29.96 11.11 -15.66
CA ASP B 194 29.65 11.25 -17.08
C ASP B 194 30.53 10.38 -17.95
N VAL B 195 31.81 10.23 -17.61
CA VAL B 195 32.75 9.44 -18.39
C VAL B 195 32.60 7.98 -17.97
N PRO B 196 32.32 7.06 -18.89
CA PRO B 196 32.26 5.64 -18.51
C PRO B 196 33.62 5.12 -18.07
N GLY B 197 33.58 4.15 -17.16
CA GLY B 197 34.78 3.54 -16.64
C GLY B 197 34.73 2.03 -16.60
N GLU B 198 35.67 1.42 -15.89
CA GLU B 198 35.71 -0.04 -15.75
C GLU B 198 34.88 -0.55 -14.58
N ASP B 199 34.28 0.33 -13.79
CA ASP B 199 33.52 -0.06 -12.61
C ASP B 199 32.03 0.20 -12.73
N ALA B 200 31.62 1.23 -13.48
CA ALA B 200 30.23 1.60 -13.65
C ALA B 200 29.57 1.89 -12.30
N GLY B 201 30.15 2.85 -11.59
CA GLY B 201 29.63 3.26 -10.30
C GLY B 201 29.54 4.78 -10.21
N ALA B 202 28.73 5.22 -9.25
CA ALA B 202 28.50 6.65 -9.07
C ALA B 202 29.74 7.33 -8.49
N GLY B 203 29.86 8.63 -8.79
CA GLY B 203 30.96 9.40 -8.24
C GLY B 203 30.80 9.68 -6.77
N HIS B 204 29.57 9.66 -6.26
CA HIS B 204 29.32 9.90 -4.85
C HIS B 204 28.07 9.15 -4.43
N ILE B 205 28.06 8.71 -3.17
CA ILE B 205 26.93 8.01 -2.57
C ILE B 205 26.61 8.71 -1.27
N GLY B 206 25.33 8.99 -1.06
CA GLY B 206 24.92 9.64 0.17
C GLY B 206 23.48 9.43 0.54
N GLU B 207 23.04 10.08 1.62
CA GLU B 207 21.66 9.99 2.08
C GLU B 207 21.16 11.39 2.40
N SER B 208 20.14 11.83 1.69
CA SER B 208 19.49 13.09 2.00
C SER B 208 18.30 12.84 2.92
N MET B 209 17.95 13.87 3.69
CA MET B 209 16.86 13.79 4.65
C MET B 209 15.85 14.88 4.34
N PHE B 210 14.56 14.54 4.40
CA PHE B 210 13.50 15.48 4.10
C PHE B 210 12.26 15.08 4.88
N ALA B 211 11.31 16.01 4.96
CA ALA B 211 10.05 15.76 5.63
C ALA B 211 8.98 16.67 5.06
N SER B 212 7.75 16.16 4.99
CA SER B 212 6.59 16.94 4.58
C SER B 212 5.65 17.05 5.77
N ALA B 213 5.27 18.29 6.09
CA ALA B 213 4.46 18.52 7.28
C ALA B 213 3.59 19.75 7.09
N CYS B 214 2.45 19.75 7.78
CA CYS B 214 1.58 20.92 7.87
C CYS B 214 2.01 21.72 9.10
N PHE B 215 2.50 22.93 8.86
CA PHE B 215 3.10 23.75 9.92
C PHE B 215 2.10 24.78 10.44
N TYR B 216 2.15 25.03 11.73
CA TYR B 216 1.41 26.12 12.35
C TYR B 216 2.39 27.25 12.64
N LYS B 217 2.21 28.38 11.97
CA LYS B 217 3.10 29.53 12.09
C LYS B 217 2.42 30.63 12.89
N TYR B 218 3.15 31.25 13.80
CA TYR B 218 2.63 32.28 14.68
C TYR B 218 3.52 33.51 14.59
N PHE B 219 2.91 34.66 14.29
CA PHE B 219 3.60 35.94 14.27
C PHE B 219 2.87 36.91 15.20
N SER B 220 3.61 37.87 15.73
CA SER B 220 3.04 38.84 16.66
C SER B 220 3.78 40.17 16.48
N ILE B 221 3.08 41.18 15.98
CA ILE B 221 3.64 42.50 15.75
C ILE B 221 3.04 43.45 16.79
N ASP B 222 3.91 44.11 17.55
CA ASP B 222 3.48 45.12 18.52
C ASP B 222 3.40 46.47 17.79
N TRP B 223 2.18 46.96 17.60
CA TRP B 223 2.00 48.20 16.86
C TRP B 223 2.64 49.39 17.58
N GLU B 224 2.44 49.47 18.89
CA GLU B 224 3.00 50.58 19.65
C GLU B 224 4.52 50.58 19.60
N GLN B 225 5.13 49.41 19.76
CA GLN B 225 6.59 49.32 19.71
C GLN B 225 7.12 49.59 18.31
N LEU B 226 6.42 49.12 17.28
CA LEU B 226 6.84 49.39 15.91
C LEU B 226 6.78 50.89 15.61
N VAL B 227 5.74 51.57 16.10
CA VAL B 227 5.67 53.02 15.92
C VAL B 227 6.77 53.71 16.71
N LYS B 228 7.02 53.27 17.93
CA LYS B 228 8.06 53.88 18.76
C LYS B 228 9.43 53.73 18.12
N ASN B 229 9.72 52.56 17.56
CA ASN B 229 11.02 52.34 16.93
C ASN B 229 11.20 53.18 15.68
N LEU B 230 10.11 53.56 15.03
CA LEU B 230 10.15 54.42 13.85
C LEU B 230 9.77 55.87 14.16
N LYS B 231 9.55 56.19 15.43
CA LYS B 231 9.13 57.53 15.87
C LYS B 231 7.81 57.90 15.18
N GLY B 232 7.63 59.18 14.89
CA GLY B 232 6.32 59.69 14.48
C GLY B 232 5.87 59.24 13.11
N ASP B 233 6.71 58.52 12.36
CA ASP B 233 6.35 58.08 11.01
C ASP B 233 5.49 56.83 11.13
N THR B 234 4.23 57.05 11.53
CA THR B 234 3.29 55.95 11.72
C THR B 234 2.91 55.30 10.39
N ASN B 235 2.85 56.09 9.32
CA ASN B 235 2.58 55.53 7.99
C ASN B 235 3.64 54.50 7.62
N LEU B 236 4.89 54.74 8.00
CA LEU B 236 5.94 53.75 7.77
C LEU B 236 5.65 52.46 8.53
N ALA B 237 5.15 52.59 9.77
CA ALA B 237 4.80 51.40 10.54
C ALA B 237 3.66 50.62 9.89
N ALA B 238 2.66 51.33 9.37
CA ALA B 238 1.58 50.64 8.66
C ALA B 238 2.09 49.95 7.42
N HIS B 239 2.96 50.61 6.66
CA HIS B 239 3.56 49.97 5.49
C HIS B 239 4.36 48.74 5.88
N THR B 240 5.10 48.83 6.99
CA THR B 240 5.87 47.68 7.46
C THR B 240 4.97 46.52 7.85
N VAL B 241 3.85 46.81 8.52
CA VAL B 241 2.92 45.75 8.91
C VAL B 241 2.34 45.08 7.67
N GLY B 242 1.91 45.88 6.69
CA GLY B 242 1.35 45.31 5.48
C GLY B 242 2.36 44.49 4.69
N ALA B 243 3.58 45.00 4.54
CA ALA B 243 4.61 44.28 3.81
C ALA B 243 5.00 43.00 4.54
N PHE B 244 5.07 43.04 5.88
CA PHE B 244 5.35 41.83 6.64
C PHE B 244 4.26 40.79 6.44
N LEU B 245 3.00 41.22 6.46
CA LEU B 245 1.90 40.29 6.24
C LEU B 245 2.02 39.65 4.86
N LEU B 246 2.26 40.46 3.83
CA LEU B 246 2.38 39.94 2.48
C LEU B 246 3.56 38.98 2.35
N ALA B 247 4.70 39.34 2.94
CA ALA B 247 5.88 38.49 2.84
C ALA B 247 5.68 37.17 3.58
N ALA B 248 5.10 37.21 4.77
CA ALA B 248 4.85 35.98 5.51
C ALA B 248 3.87 35.09 4.76
N ALA B 249 2.87 35.70 4.10
CA ALA B 249 1.90 34.91 3.35
C ALA B 249 2.51 34.29 2.10
N LYS B 250 3.37 35.03 1.40
CA LYS B 250 3.79 34.63 0.06
C LYS B 250 5.25 34.18 -0.05
N THR B 251 6.02 34.23 1.03
CA THR B 251 7.42 33.82 0.97
C THR B 251 7.67 32.63 1.88
N ASN B 252 8.50 31.70 1.40
CA ASN B 252 8.84 30.46 2.08
C ASN B 252 10.32 30.42 2.37
N PRO B 253 10.75 29.63 3.36
CA PRO B 253 12.18 29.52 3.64
C PRO B 253 12.95 28.99 2.43
N SER B 254 14.15 29.55 2.24
CA SER B 254 14.97 29.21 1.08
C SER B 254 15.98 28.13 1.45
N GLY B 255 15.45 26.96 1.78
CA GLY B 255 16.28 25.83 2.11
C GLY B 255 16.75 25.12 0.86
N LYS B 256 16.58 23.80 0.80
CA LYS B 256 16.94 23.03 -0.40
C LYS B 256 15.83 23.15 -1.45
N GLN B 257 15.53 24.41 -1.80
CA GLN B 257 14.42 24.68 -2.71
C GLN B 257 14.73 24.32 -4.15
N ASN B 258 16.01 24.31 -4.54
CA ASN B 258 16.36 23.85 -5.88
C ASN B 258 16.03 22.37 -6.04
N SER B 259 16.24 21.58 -4.99
CA SER B 259 15.94 20.16 -5.03
C SER B 259 14.53 19.85 -4.55
N PHE B 260 14.01 20.63 -3.60
CA PHE B 260 12.65 20.47 -3.08
C PHE B 260 11.94 21.81 -3.27
N ALA B 261 11.32 22.00 -4.42
CA ALA B 261 10.65 23.26 -4.74
C ALA B 261 9.29 23.28 -4.04
N ALA B 262 9.34 23.39 -2.73
CA ALA B 262 8.14 23.45 -1.89
C ALA B 262 7.78 24.92 -1.70
N HIS B 263 7.01 25.45 -2.64
CA HIS B 263 6.59 26.85 -2.63
C HIS B 263 5.10 26.98 -2.36
N ASN B 264 4.57 26.11 -1.51
CA ASN B 264 3.14 26.10 -1.22
C ASN B 264 2.76 27.30 -0.36
N TYR B 265 1.61 27.90 -0.67
CA TYR B 265 1.04 29.01 0.06
C TYR B 265 0.17 28.50 1.20
N PRO B 266 0.05 29.25 2.29
CA PRO B 266 -0.79 28.80 3.41
C PRO B 266 -2.25 28.72 3.00
N ASP B 267 -2.95 27.72 3.56
CA ASP B 267 -4.35 27.51 3.28
C ASP B 267 -5.27 28.26 4.23
N GLY B 268 -4.72 28.91 5.27
CA GLY B 268 -5.53 29.69 6.17
C GLY B 268 -4.72 30.64 7.01
N ILE B 269 -5.13 31.91 7.06
CA ILE B 269 -4.45 32.94 7.85
C ILE B 269 -5.50 33.59 8.75
N LEU B 270 -5.22 33.61 10.05
CA LEU B 270 -6.08 34.24 11.03
C LEU B 270 -5.36 35.45 11.61
N VAL B 271 -5.82 36.63 11.25
CA VAL B 271 -5.25 37.88 11.76
C VAL B 271 -6.18 38.38 12.86
N GLU B 272 -5.66 38.45 14.08
CA GLU B 272 -6.46 38.82 15.23
C GLU B 272 -5.81 39.98 15.97
N PHE B 273 -6.64 40.87 16.50
CA PHE B 273 -6.19 42.08 17.18
C PHE B 273 -6.56 41.99 18.65
N LYS B 274 -5.55 41.92 19.52
CA LYS B 274 -5.77 41.93 20.95
C LYS B 274 -4.61 42.63 21.63
N ASN B 275 -4.81 42.97 22.91
CA ASN B 275 -3.78 43.62 23.70
C ASN B 275 -2.83 42.65 24.39
N SER B 276 -3.13 41.35 24.33
CA SER B 276 -2.27 40.33 24.91
C SER B 276 -2.02 39.23 23.88
N PRO B 277 -0.83 38.64 23.87
CA PRO B 277 -0.51 37.65 22.86
C PRO B 277 -1.05 36.27 23.21
N ILE B 278 -1.58 35.59 22.20
CA ILE B 278 -2.14 34.25 22.34
C ILE B 278 -1.48 33.35 21.31
N SER B 279 -0.92 32.23 21.76
CA SER B 279 -0.38 31.21 20.88
C SER B 279 -1.35 30.03 20.85
N TYR B 280 -1.80 29.67 19.66
CA TYR B 280 -2.71 28.53 19.49
C TYR B 280 -1.96 27.23 19.24
N ALA B 281 -0.72 27.13 19.70
CA ALA B 281 0.05 25.90 19.51
C ALA B 281 -0.57 24.73 20.25
N ASN B 282 -1.23 24.99 21.37
CA ASN B 282 -1.86 23.93 22.15
C ASN B 282 -3.06 23.31 21.44
N ALA B 283 -3.51 23.90 20.33
CA ALA B 283 -4.55 23.28 19.54
C ALA B 283 -4.10 21.94 18.98
N PHE B 284 -2.79 21.75 18.83
CA PHE B 284 -2.23 20.57 18.19
C PHE B 284 -1.35 19.78 19.15
N VAL B 285 -1.69 19.79 20.44
CA VAL B 285 -1.01 18.90 21.38
C VAL B 285 -1.29 17.45 21.00
N ARG B 286 -2.54 17.13 20.72
CA ARG B 286 -2.88 15.85 20.13
C ARG B 286 -2.53 15.89 18.66
N PRO B 287 -1.64 15.03 18.17
CA PRO B 287 -1.28 15.07 16.74
C PRO B 287 -2.50 14.80 15.87
N VAL B 288 -2.53 15.48 14.73
CA VAL B 288 -3.64 15.33 13.78
C VAL B 288 -3.43 14.03 13.01
N SER B 289 -4.36 13.10 13.15
CA SER B 289 -4.34 11.84 12.43
C SER B 289 -5.31 11.93 11.25
N VAL B 290 -4.80 11.68 10.05
CA VAL B 290 -5.64 11.76 8.87
C VAL B 290 -6.56 10.55 8.79
N VAL B 291 -7.80 10.78 8.36
CA VAL B 291 -8.79 9.72 8.22
C VAL B 291 -9.27 9.68 6.78
N LYS B 292 -10.20 8.77 6.48
CA LYS B 292 -10.62 8.57 5.10
C LYS B 292 -11.23 9.84 4.50
N GLU B 293 -12.21 10.42 5.19
CA GLU B 293 -12.78 11.68 4.74
C GLU B 293 -11.97 12.84 5.29
N SER B 294 -12.14 14.00 4.65
CA SER B 294 -11.37 15.21 4.97
C SER B 294 -9.88 14.99 4.72
N ASP B 295 -9.06 16.00 5.02
CA ASP B 295 -7.63 15.95 4.77
C ASP B 295 -6.87 16.53 5.95
N LEU B 296 -5.55 16.52 5.84
CA LEU B 296 -4.70 17.00 6.93
C LEU B 296 -4.91 18.49 7.16
N VAL B 297 -4.99 19.28 6.09
CA VAL B 297 -5.19 20.71 6.25
C VAL B 297 -6.58 21.01 6.81
N GLU B 298 -7.60 20.31 6.31
CA GLU B 298 -8.95 20.51 6.82
C GLU B 298 -9.05 20.15 8.30
N GLN B 299 -8.44 19.03 8.70
CA GLN B 299 -8.46 18.63 10.10
C GLN B 299 -7.69 19.61 10.97
N SER B 300 -6.55 20.11 10.47
CA SER B 300 -5.79 21.09 11.23
C SER B 300 -6.59 22.38 11.42
N ILE B 301 -7.27 22.84 10.36
CA ILE B 301 -8.09 24.04 10.48
C ILE B 301 -9.25 23.80 11.44
N GLY B 302 -9.83 22.61 11.41
CA GLY B 302 -10.90 22.30 12.35
C GLY B 302 -10.44 22.31 13.79
N GLN B 303 -9.27 21.71 14.05
CA GLN B 303 -8.73 21.72 15.41
C GLN B 303 -8.39 23.14 15.85
N LEU B 304 -7.83 23.94 14.95
CA LEU B 304 -7.53 25.34 15.28
C LEU B 304 -8.80 26.11 15.59
N SER B 305 -9.86 25.91 14.80
CA SER B 305 -11.12 26.58 15.06
C SER B 305 -11.72 26.15 16.38
N ASN B 306 -11.62 24.86 16.71
CA ASN B 306 -12.10 24.38 18.00
C ASN B 306 -11.36 25.06 19.14
N TYR B 307 -10.04 25.14 19.04
CA TYR B 307 -9.26 25.77 20.11
C TYR B 307 -9.57 27.26 20.22
N VAL B 308 -9.73 27.94 19.08
CA VAL B 308 -10.07 29.36 19.12
C VAL B 308 -11.45 29.57 19.73
N ASN B 309 -12.39 28.68 19.43
CA ASN B 309 -13.73 28.78 20.02
C ASN B 309 -13.67 28.59 21.53
N ASP B 310 -12.91 27.60 22.00
CA ASP B 310 -12.77 27.41 23.44
C ASP B 310 -12.04 28.56 24.11
N ILE B 311 -11.06 29.15 23.44
CA ILE B 311 -10.36 30.30 24.00
C ILE B 311 -11.30 31.51 24.11
N ARG B 312 -12.09 31.75 23.06
CA ARG B 312 -13.04 32.87 23.08
C ARG B 312 -14.12 32.67 24.13
N LEU B 313 -14.63 31.44 24.26
CA LEU B 313 -15.60 31.14 25.30
C LEU B 313 -14.94 30.93 26.66
N GLY B 314 -13.63 30.94 26.72
CA GLY B 314 -12.90 30.85 27.98
C GLY B 314 -12.44 32.23 28.42
N TYR B 315 -11.19 32.56 28.16
CA TYR B 315 -10.65 33.87 28.52
C TYR B 315 -11.31 34.92 27.62
N TYR B 316 -12.34 35.58 28.14
CA TYR B 316 -13.07 36.59 27.40
C TYR B 316 -13.35 37.79 28.31
N ASP B 317 -13.12 38.99 27.78
CA ASP B 317 -13.37 40.22 28.51
C ASP B 317 -14.34 41.08 27.72
N GLU B 318 -15.45 41.46 28.34
CA GLU B 318 -16.44 42.30 27.66
C GLU B 318 -15.95 43.71 27.44
N GLN B 319 -15.01 44.19 28.27
CA GLN B 319 -14.51 45.55 28.13
C GLN B 319 -13.80 45.75 26.80
N SER B 320 -12.97 44.79 26.40
CA SER B 320 -12.21 44.86 25.15
C SER B 320 -12.42 43.58 24.37
N PRO B 321 -13.53 43.46 23.65
CA PRO B 321 -13.74 42.27 22.81
C PRO B 321 -12.67 42.18 21.73
N VAL B 322 -12.27 40.96 21.42
CA VAL B 322 -11.24 40.71 20.42
C VAL B 322 -11.87 40.43 19.07
N ILE B 323 -11.46 41.18 18.06
CA ILE B 323 -11.93 40.98 16.70
C ILE B 323 -10.82 40.31 15.91
N GLY B 324 -11.21 39.66 14.81
CA GLY B 324 -10.27 38.95 13.99
C GLY B 324 -10.80 38.73 12.60
N PHE B 325 -9.88 38.40 11.69
CA PHE B 325 -10.22 38.13 10.30
C PHE B 325 -9.67 36.77 9.91
N TRP B 326 -10.47 36.01 9.16
CA TRP B 326 -10.06 34.72 8.63
C TRP B 326 -9.84 34.82 7.13
N PHE B 327 -8.70 34.32 6.68
CA PHE B 327 -8.38 34.29 5.26
C PHE B 327 -8.21 32.85 4.79
N SER B 328 -8.81 32.55 3.64
CA SER B 328 -8.64 31.29 2.95
C SER B 328 -8.79 31.63 1.48
N PRO B 329 -7.91 31.13 0.62
CA PRO B 329 -7.98 31.47 -0.81
C PRO B 329 -9.32 31.09 -1.43
N ASN B 330 -10.10 32.10 -1.83
CA ASN B 330 -11.40 31.91 -2.45
C ASN B 330 -12.34 31.10 -1.54
N ASN B 331 -12.20 31.28 -0.22
CA ASN B 331 -13.02 30.59 0.77
C ASN B 331 -12.96 29.07 0.59
N ARG B 332 -11.76 28.56 0.29
CA ARG B 332 -11.59 27.12 0.10
C ARG B 332 -11.76 26.37 1.41
N TYR B 333 -11.09 26.82 2.46
CA TYR B 333 -11.12 26.15 3.76
C TYR B 333 -11.75 27.07 4.79
N PRO B 334 -13.00 26.84 5.18
CA PRO B 334 -13.62 27.66 6.22
C PRO B 334 -13.11 27.28 7.61
N LEU B 335 -13.22 28.23 8.53
CA LEU B 335 -12.80 27.99 9.89
C LEU B 335 -13.86 27.21 10.66
N GLY B 336 -15.04 27.78 10.83
CA GLY B 336 -16.16 27.09 11.42
C GLY B 336 -16.95 26.33 10.38
N TYR B 337 -16.39 25.22 9.89
CA TYR B 337 -16.96 24.54 8.74
C TYR B 337 -18.30 23.87 9.08
N LYS B 338 -18.49 23.41 10.31
CA LYS B 338 -19.67 22.63 10.65
C LYS B 338 -20.68 23.39 11.51
N HIS B 339 -20.25 24.15 12.51
CA HIS B 339 -21.20 24.91 13.31
C HIS B 339 -20.77 26.33 13.66
N SER B 340 -19.48 26.65 13.64
CA SER B 340 -18.99 27.93 14.18
C SER B 340 -19.10 29.01 13.11
N LYS B 341 -20.31 29.54 12.96
CA LYS B 341 -20.57 30.67 12.06
C LYS B 341 -20.45 31.99 12.82
N LEU B 342 -19.31 32.15 13.50
CA LEU B 342 -19.08 33.32 14.34
C LEU B 342 -18.32 34.43 13.63
N ALA B 343 -17.39 34.08 12.74
CA ALA B 343 -16.61 35.09 12.03
C ALA B 343 -17.43 35.62 10.85
N SER B 344 -17.86 36.87 10.95
CA SER B 344 -18.68 37.47 9.90
C SER B 344 -17.85 38.15 8.82
N ARG B 345 -16.53 38.15 8.94
CA ARG B 345 -15.66 38.87 8.01
C ARG B 345 -14.61 37.91 7.45
N ASN B 346 -15.07 36.76 6.97
CA ASN B 346 -14.19 35.87 6.23
C ASN B 346 -13.81 36.51 4.90
N ILE B 347 -12.51 36.47 4.58
CA ILE B 347 -12.00 37.06 3.35
C ILE B 347 -11.42 35.96 2.48
N GLY B 348 -11.57 36.14 1.17
CA GLY B 348 -11.00 35.23 0.20
C GLY B 348 -10.01 35.91 -0.71
N ASN B 349 -9.34 36.94 -0.19
CA ASN B 349 -8.32 37.65 -0.95
C ASN B 349 -7.29 38.22 0.02
N LEU B 350 -6.01 37.98 -0.27
CA LEU B 350 -4.94 38.45 0.61
C LEU B 350 -4.85 39.97 0.63
N ASN B 351 -4.98 40.61 -0.54
CA ASN B 351 -4.93 42.07 -0.59
C ASN B 351 -6.11 42.68 0.15
N GLU B 352 -7.29 42.07 0.06
CA GLU B 352 -8.43 42.54 0.84
C GLU B 352 -8.18 42.38 2.33
N LEU B 353 -7.51 41.28 2.74
CA LEU B 353 -7.15 41.12 4.15
C LEU B 353 -6.17 42.19 4.59
N VAL B 354 -5.19 42.52 3.76
CA VAL B 354 -4.23 43.57 4.08
C VAL B 354 -4.95 44.91 4.22
N GLY B 355 -5.87 45.18 3.30
CA GLY B 355 -6.64 46.42 3.38
C GLY B 355 -7.49 46.49 4.64
N ALA B 356 -8.13 45.39 5.01
CA ALA B 356 -8.94 45.36 6.21
C ALA B 356 -8.08 45.57 7.45
N VAL B 357 -6.92 44.93 7.52
CA VAL B 357 -6.02 45.11 8.65
C VAL B 357 -5.57 46.56 8.74
N LEU B 358 -5.16 47.14 7.61
CA LEU B 358 -4.69 48.51 7.60
C LEU B 358 -5.80 49.48 8.01
N ASP B 359 -7.04 49.22 7.56
CA ASP B 359 -8.16 50.04 7.97
C ASP B 359 -8.41 49.93 9.46
N TYR B 360 -8.25 48.73 10.03
CA TYR B 360 -8.50 48.58 11.45
C TYR B 360 -7.43 49.27 12.29
N ILE B 361 -6.16 49.22 11.87
CA ILE B 361 -5.14 49.94 12.62
C ILE B 361 -5.41 51.45 12.58
N GLY B 362 -5.79 51.96 11.43
CA GLY B 362 -6.09 53.37 11.31
C GLY B 362 -6.55 53.71 9.92
N GLY B 363 -6.54 55.00 9.60
CA GLY B 363 -6.92 55.43 8.27
C GLY B 363 -5.81 55.22 7.27
N PHE B 364 -5.46 53.95 7.04
CA PHE B 364 -4.35 53.60 6.15
C PHE B 364 -4.88 52.85 4.95
N LYS B 365 -4.50 53.33 3.76
CA LYS B 365 -4.77 52.65 2.50
C LYS B 365 -3.46 52.13 1.93
N TRP B 366 -3.54 50.99 1.23
CA TRP B 366 -2.33 50.38 0.70
C TRP B 366 -1.66 51.27 -0.34
N GLU B 367 -2.43 52.08 -1.05
CA GLU B 367 -1.85 53.02 -2.01
C GLU B 367 -1.39 54.31 -1.35
N GLU B 368 -1.82 54.55 -0.10
CA GLU B 368 -1.48 55.79 0.58
C GLU B 368 0.02 55.89 0.89
N VAL B 369 0.71 54.76 0.90
CA VAL B 369 2.16 54.77 1.15
C VAL B 369 2.96 55.24 -0.06
N GLN B 370 2.30 55.44 -1.20
CA GLN B 370 2.97 55.94 -2.40
C GLN B 370 3.01 57.47 -2.43
N LYS B 371 3.59 58.06 -1.38
CA LYS B 371 3.66 59.52 -1.29
C LYS B 371 5.06 60.01 -0.92
N SER B 372 6.05 59.14 -0.86
CA SER B 372 7.41 59.55 -0.51
C SER B 372 8.45 58.84 -1.37
N MET C 1 11.08 37.56 -13.93
CA MET C 1 10.09 36.69 -14.53
C MET C 1 10.45 35.23 -14.30
N LEU C 2 9.48 34.46 -13.82
CA LEU C 2 9.65 33.03 -13.55
C LEU C 2 8.79 32.23 -14.51
N ILE C 3 9.33 31.13 -15.01
CA ILE C 3 8.60 30.22 -15.87
C ILE C 3 8.24 29.00 -15.04
N GLU C 4 6.95 28.82 -14.79
CA GLU C 4 6.46 27.74 -13.94
C GLU C 4 5.80 26.69 -14.82
N ILE C 5 6.28 25.46 -14.74
CA ILE C 5 5.73 24.33 -15.49
C ILE C 5 5.11 23.36 -14.49
N HIS C 6 3.79 23.21 -14.56
CA HIS C 6 3.06 22.24 -13.74
C HIS C 6 2.56 21.13 -14.65
N MET C 7 2.85 19.88 -14.29
CA MET C 7 2.61 18.74 -15.15
C MET C 7 1.83 17.68 -14.39
N ILE C 8 0.75 17.20 -15.02
CA ILE C 8 0.00 16.05 -14.50
C ILE C 8 0.20 14.91 -15.48
N GLN C 9 0.81 13.82 -15.02
CA GLN C 9 1.15 12.71 -15.89
C GLN C 9 0.94 11.40 -15.14
N ASN C 10 0.31 10.44 -15.81
CA ASN C 10 0.07 9.12 -15.26
C ASN C 10 1.04 8.14 -15.90
N HIS C 11 1.55 7.21 -15.09
CA HIS C 11 2.56 6.26 -15.53
C HIS C 11 2.02 4.83 -15.45
N SER C 12 2.50 3.99 -16.37
CA SER C 12 2.23 2.57 -16.32
C SER C 12 2.96 1.96 -15.13
N PRO C 13 2.53 0.77 -14.68
CA PRO C 13 3.25 0.09 -13.59
C PRO C 13 4.75 0.03 -13.86
N ALA C 14 5.55 0.66 -13.00
CA ALA C 14 6.98 0.78 -13.24
C ALA C 14 7.69 1.06 -11.94
N ASN C 15 9.02 0.99 -12.00
CA ASN C 15 9.91 1.37 -10.90
C ASN C 15 10.91 2.36 -11.48
N LEU C 16 10.51 3.63 -11.53
CA LEU C 16 11.38 4.66 -12.10
C LEU C 16 12.50 5.06 -11.15
N ASN C 17 12.22 5.08 -9.86
CA ASN C 17 13.20 5.42 -8.83
C ASN C 17 13.17 4.37 -7.74
N ARG C 18 14.34 4.05 -7.19
CA ARG C 18 14.42 3.11 -6.09
C ARG C 18 15.58 3.48 -5.17
N ASP C 19 15.48 3.03 -3.92
CA ASP C 19 16.51 3.27 -2.93
C ASP C 19 17.49 2.08 -2.93
N ASP C 20 18.31 1.99 -1.89
CA ASP C 20 19.29 0.91 -1.81
C ASP C 20 18.63 -0.47 -1.79
N LEU C 21 17.42 -0.58 -1.24
CA LEU C 21 16.75 -1.86 -1.13
C LEU C 21 15.92 -2.22 -2.35
N GLY C 22 15.81 -1.31 -3.33
CA GLY C 22 15.12 -1.61 -4.56
C GLY C 22 13.65 -1.26 -4.60
N ALA C 23 13.08 -0.83 -3.48
CA ALA C 23 11.67 -0.46 -3.46
C ALA C 23 11.48 0.90 -4.14
N PRO C 24 10.31 1.13 -4.75
CA PRO C 24 10.05 2.45 -5.31
C PRO C 24 10.04 3.52 -4.23
N LYS C 25 10.56 4.70 -4.58
CA LYS C 25 10.66 5.78 -3.62
C LYS C 25 9.27 6.26 -3.21
N THR C 26 9.13 6.59 -1.93
CA THR C 26 7.84 6.99 -1.36
C THR C 26 8.02 8.22 -0.48
N CYS C 27 6.94 8.98 -0.31
CA CYS C 27 6.94 10.15 0.55
C CYS C 27 5.61 10.22 1.29
N TYR C 28 5.61 10.96 2.39
CA TYR C 28 4.44 11.14 3.23
C TYR C 28 3.96 12.58 3.09
N PHE C 29 3.09 12.81 2.10
CA PHE C 29 2.53 14.13 1.84
C PHE C 29 1.07 14.14 2.25
N GLY C 30 0.70 15.08 3.11
CA GLY C 30 -0.66 15.15 3.58
C GLY C 30 -1.03 14.06 4.57
N GLY C 31 -0.05 13.44 5.21
CA GLY C 31 -0.31 12.35 6.13
C GLY C 31 -0.52 10.99 5.49
N VAL C 32 -0.37 10.88 4.18
CA VAL C 32 -0.62 9.64 3.46
C VAL C 32 0.57 9.31 2.58
N LEU C 33 0.77 8.02 2.34
CA LEU C 33 1.91 7.56 1.56
C LEU C 33 1.70 7.85 0.08
N ARG C 34 2.73 8.43 -0.55
CA ARG C 34 2.70 8.77 -1.97
C ARG C 34 3.87 8.12 -2.67
N SER C 35 3.83 8.15 -4.00
CA SER C 35 4.93 7.71 -4.84
C SER C 35 5.76 8.91 -5.24
N ARG C 36 7.08 8.76 -5.19
CA ARG C 36 7.99 9.89 -5.39
C ARG C 36 8.98 9.59 -6.50
N ILE C 37 9.21 10.58 -7.36
CA ILE C 37 10.32 10.59 -8.29
C ILE C 37 11.21 11.77 -7.91
N SER C 38 12.46 11.49 -7.59
CA SER C 38 13.35 12.52 -7.09
C SER C 38 13.63 13.58 -8.14
N SER C 39 13.89 14.80 -7.67
CA SER C 39 14.19 15.90 -8.59
C SER C 39 15.49 15.66 -9.34
N GLN C 40 16.46 15.00 -8.70
CA GLN C 40 17.72 14.69 -9.38
C GLN C 40 17.48 13.77 -10.57
N CYS C 41 16.57 12.80 -10.42
CA CYS C 41 16.30 11.86 -11.51
C CYS C 41 15.66 12.57 -12.69
N ILE C 42 14.69 13.45 -12.44
CA ILE C 42 14.07 14.21 -13.52
C ILE C 42 15.09 15.14 -14.17
N LYS C 43 15.95 15.75 -13.36
CA LYS C 43 16.99 16.62 -13.90
C LYS C 43 17.95 15.87 -14.81
N ARG C 44 18.36 14.67 -14.40
CA ARG C 44 19.25 13.87 -15.23
C ARG C 44 18.55 13.41 -16.50
N SER C 45 17.27 13.03 -16.39
CA SER C 45 16.53 12.61 -17.57
C SER C 45 16.40 13.75 -18.58
N ILE C 46 16.12 14.96 -18.10
CA ILE C 46 16.04 16.11 -18.99
C ILE C 46 17.41 16.42 -19.58
N ARG C 47 18.45 16.38 -18.75
CA ARG C 47 19.79 16.70 -19.22
C ARG C 47 20.29 15.71 -20.27
N THR C 48 20.08 14.42 -20.02
CA THR C 48 20.52 13.38 -20.96
C THR C 48 19.34 12.95 -21.83
N SER C 49 18.89 13.90 -22.64
CA SER C 49 17.75 13.69 -23.54
C SER C 49 18.10 14.20 -24.93
N ASN C 50 17.39 13.67 -25.93
CA ASN C 50 17.63 14.09 -27.30
C ASN C 50 17.32 15.56 -27.50
N ASP C 51 16.26 16.06 -26.87
CA ASP C 51 15.88 17.47 -27.01
C ASP C 51 16.84 18.41 -26.31
N PHE C 52 17.69 17.91 -25.41
CA PHE C 52 18.68 18.73 -24.73
C PHE C 52 20.10 18.40 -25.16
N LYS C 53 20.26 17.63 -26.23
CA LYS C 53 21.60 17.26 -26.70
C LYS C 53 22.40 18.48 -27.17
N ALA C 54 21.75 19.40 -27.88
CA ALA C 54 22.46 20.57 -28.39
C ALA C 54 22.99 21.44 -27.27
N LEU C 55 22.19 21.63 -26.22
CA LEU C 55 22.60 22.48 -25.08
C LEU C 55 23.27 21.67 -23.99
N LEU C 56 24.27 20.88 -24.36
CA LEU C 56 25.14 20.23 -23.41
C LEU C 56 26.48 20.98 -23.38
N GLY C 57 27.43 20.43 -22.63
CA GLY C 57 28.72 21.08 -22.50
C GLY C 57 29.27 20.99 -21.09
N GLY C 58 28.38 20.83 -20.13
CA GLY C 58 28.82 20.62 -18.76
C GLY C 58 29.10 19.16 -18.49
N VAL C 59 30.31 18.85 -18.03
CA VAL C 59 30.71 17.49 -17.70
C VAL C 59 31.05 17.43 -16.21
N ARG C 60 30.48 16.44 -15.53
CA ARG C 60 30.66 16.26 -14.09
C ARG C 60 31.37 14.92 -13.89
N THR C 61 32.69 14.97 -13.76
CA THR C 61 33.51 13.76 -13.72
C THR C 61 34.55 13.85 -12.63
N ARG C 62 34.93 12.68 -12.12
CA ARG C 62 36.12 12.53 -11.30
C ARG C 62 37.32 12.09 -12.12
N ARG C 63 37.16 11.94 -13.43
CA ARG C 63 38.20 11.41 -14.31
C ARG C 63 38.67 12.48 -15.29
N LEU C 64 38.91 13.69 -14.77
CA LEU C 64 39.37 14.79 -15.60
C LEU C 64 40.68 14.47 -16.31
N ALA C 65 41.55 13.70 -15.68
CA ALA C 65 42.83 13.35 -16.30
C ALA C 65 42.61 12.56 -17.58
N ASP C 66 41.62 11.67 -17.58
CA ASP C 66 41.30 10.91 -18.79
C ASP C 66 40.86 11.83 -19.92
N LEU C 67 40.03 12.83 -19.60
CA LEU C 67 39.60 13.77 -20.62
C LEU C 67 40.75 14.60 -21.15
N ILE C 68 41.65 15.03 -20.26
CA ILE C 68 42.81 15.81 -20.68
C ILE C 68 43.70 14.97 -21.58
N GLN C 69 43.91 13.71 -21.24
CA GLN C 69 44.69 12.82 -22.10
C GLN C 69 44.02 12.60 -23.46
N GLN C 70 42.70 12.42 -23.47
CA GLN C 70 42.01 12.19 -24.73
C GLN C 70 42.08 13.43 -25.62
N GLU C 71 41.95 14.62 -25.04
CA GLU C 71 42.04 15.85 -25.83
C GLU C 71 43.46 16.15 -26.29
N ALA C 72 44.45 15.87 -25.44
CA ALA C 72 45.84 16.18 -25.80
C ALA C 72 46.35 15.28 -26.92
N GLY C 73 45.84 14.06 -27.01
CA GLY C 73 46.27 13.15 -28.06
C GLY C 73 47.29 12.15 -27.56
N GLU C 74 48.21 11.75 -28.44
CA GLU C 74 49.24 10.77 -28.09
C GLU C 74 50.51 11.49 -27.64
N THR C 75 50.46 11.99 -26.41
CA THR C 75 51.61 12.68 -25.84
C THR C 75 51.81 12.30 -24.38
N GLU C 76 51.21 11.19 -23.93
CA GLU C 76 51.30 10.72 -22.56
C GLU C 76 50.86 11.82 -21.58
N CYS C 77 51.76 12.20 -20.66
CA CYS C 77 51.54 13.29 -19.71
C CYS C 77 50.31 13.08 -18.84
N TRP C 78 49.73 11.87 -18.83
CA TRP C 78 48.60 11.61 -17.96
C TRP C 78 48.99 11.68 -16.50
N LYS C 79 50.14 11.12 -16.13
CA LYS C 79 50.59 11.17 -14.75
C LYS C 79 50.89 12.61 -14.32
N LYS C 80 51.51 13.39 -15.22
CA LYS C 80 51.83 14.77 -14.88
C LYS C 80 50.57 15.62 -14.79
N ALA C 81 49.58 15.35 -15.65
CA ALA C 81 48.29 16.03 -15.52
C ALA C 81 47.61 15.68 -14.19
N GLN C 82 47.67 14.40 -13.81
CA GLN C 82 47.09 13.99 -12.53
C GLN C 82 47.79 14.68 -11.37
N GLU C 83 49.11 14.81 -11.44
CA GLU C 83 49.85 15.49 -10.38
C GLU C 83 49.54 16.99 -10.35
N ILE C 84 49.33 17.61 -11.51
CA ILE C 84 48.93 19.00 -11.55
C ILE C 84 47.58 19.19 -10.90
N LEU C 85 46.63 18.31 -11.22
CA LEU C 85 45.33 18.35 -10.54
C LEU C 85 45.48 18.12 -9.05
N ASN C 86 46.40 17.23 -8.67
CA ASN C 86 46.61 16.92 -7.26
C ASN C 86 47.09 18.16 -6.50
N LYS C 87 48.07 18.86 -7.08
CA LYS C 87 48.52 20.12 -6.50
C LYS C 87 47.44 21.19 -6.57
N CYS C 88 46.50 21.08 -7.51
CA CYS C 88 45.44 22.07 -7.63
C CYS C 88 44.41 21.94 -6.51
N GLY C 89 44.24 20.74 -5.96
CA GLY C 89 43.29 20.53 -4.89
C GLY C 89 42.31 19.40 -5.13
N PHE C 90 42.64 18.50 -6.05
CA PHE C 90 41.83 17.32 -6.34
C PHE C 90 42.69 16.09 -6.10
N LYS C 91 42.65 15.57 -4.86
CA LYS C 91 43.35 14.34 -4.55
C LYS C 91 42.74 13.16 -5.28
N ASN C 92 43.59 12.24 -5.73
CA ASN C 92 43.15 11.02 -6.37
C ASN C 92 43.09 9.88 -5.36
N LYS C 93 42.23 8.90 -5.64
CA LYS C 93 42.18 7.71 -4.80
C LYS C 93 43.09 6.62 -5.38
N ASP C 94 42.77 6.14 -6.58
CA ASP C 94 43.65 5.23 -7.31
C ASP C 94 44.06 5.80 -8.65
N ASP C 95 43.10 6.18 -9.49
CA ASP C 95 43.38 6.80 -10.78
C ASP C 95 42.53 8.02 -11.07
N ASN C 96 41.38 8.16 -10.42
CA ASN C 96 40.48 9.30 -10.59
C ASN C 96 40.49 10.16 -9.34
N THR C 97 40.06 11.41 -9.51
CA THR C 97 40.01 12.33 -8.39
C THR C 97 38.96 11.88 -7.37
N LYS C 98 39.17 12.30 -6.12
CA LYS C 98 38.26 11.95 -5.04
C LYS C 98 36.96 12.73 -5.06
N MET C 99 36.88 13.81 -5.84
CA MET C 99 35.68 14.63 -5.89
C MET C 99 35.33 14.93 -7.34
N LEU C 100 34.03 15.15 -7.58
CA LEU C 100 33.54 15.45 -8.91
C LEU C 100 33.80 16.91 -9.26
N VAL C 101 34.12 17.15 -10.53
CA VAL C 101 34.38 18.49 -11.04
C VAL C 101 33.39 18.76 -12.16
N PHE C 102 32.65 19.86 -12.03
CA PHE C 102 31.69 20.29 -13.04
C PHE C 102 32.33 21.41 -13.86
N MET C 103 32.38 21.23 -15.18
CA MET C 103 33.11 22.17 -16.02
C MET C 103 32.60 22.06 -17.45
N SER C 104 32.72 23.16 -18.19
CA SER C 104 32.38 23.16 -19.61
C SER C 104 33.34 22.26 -20.39
N LYS C 105 32.79 21.52 -21.35
CA LYS C 105 33.61 20.65 -22.18
C LYS C 105 34.44 21.42 -23.20
N ASP C 106 34.15 22.70 -23.40
CA ASP C 106 34.94 23.50 -24.34
C ASP C 106 36.30 23.88 -23.77
N LYS C 107 36.47 23.82 -22.45
CA LYS C 107 37.72 24.20 -21.81
C LYS C 107 38.64 23.00 -21.56
N ILE C 108 38.24 21.80 -21.97
CA ILE C 108 39.15 20.66 -21.93
C ILE C 108 40.36 20.92 -22.83
N LYS C 109 40.13 21.57 -23.96
CA LYS C 109 41.24 21.94 -24.85
C LYS C 109 42.18 22.91 -24.16
N ASP C 110 41.64 23.90 -23.45
CA ASP C 110 42.49 24.84 -22.72
C ASP C 110 43.29 24.14 -21.64
N LEU C 111 42.65 23.22 -20.92
CA LEU C 111 43.36 22.46 -19.89
C LEU C 111 44.48 21.61 -20.51
N ALA C 112 44.20 20.97 -21.64
CA ALA C 112 45.21 20.16 -22.29
C ALA C 112 46.39 21.00 -22.78
N ARG C 113 46.10 22.17 -23.36
CA ARG C 113 47.17 23.06 -23.78
C ARG C 113 47.99 23.54 -22.60
N ILE C 114 47.33 23.84 -21.49
CA ILE C 114 48.03 24.35 -20.31
C ILE C 114 48.91 23.26 -19.70
N VAL C 115 48.43 22.01 -19.72
CA VAL C 115 49.24 20.91 -19.20
C VAL C 115 50.41 20.62 -20.12
N LEU C 116 50.17 20.64 -21.43
CA LEU C 116 51.14 20.09 -22.39
C LEU C 116 52.44 20.89 -22.46
N ASP C 117 52.43 22.17 -22.16
CA ASP C 117 53.64 22.96 -22.33
C ASP C 117 54.70 22.58 -21.30
N ASN C 118 55.96 22.83 -21.64
CA ASN C 118 57.08 22.53 -20.77
C ASN C 118 57.73 23.78 -20.18
N SER C 119 57.41 24.97 -20.71
CA SER C 119 57.96 26.20 -20.15
C SER C 119 57.38 26.49 -18.77
N LEU C 120 56.09 26.25 -18.59
CA LEU C 120 55.45 26.51 -17.30
C LEU C 120 55.91 25.50 -16.27
N GLY C 121 56.00 25.96 -15.02
CA GLY C 121 56.42 25.11 -13.93
C GLY C 121 55.29 24.23 -13.42
N LEU C 122 55.18 24.11 -12.11
CA LEU C 122 54.12 23.32 -11.50
C LEU C 122 53.09 24.16 -10.75
N THR C 123 53.54 25.12 -9.95
CA THR C 123 52.62 26.04 -9.31
C THR C 123 51.88 26.88 -10.34
N GLU C 124 52.59 27.37 -11.35
CA GLU C 124 51.95 28.16 -12.40
C GLU C 124 50.94 27.34 -13.18
N ALA C 125 51.29 26.09 -13.50
CA ALA C 125 50.36 25.22 -14.23
C ALA C 125 49.11 24.92 -13.41
N ALA C 126 49.29 24.65 -12.12
CA ALA C 126 48.13 24.41 -11.25
C ALA C 126 47.26 25.66 -11.14
N GLN C 127 47.87 26.82 -11.00
CA GLN C 127 47.10 28.07 -10.93
C GLN C 127 46.32 28.30 -12.21
N GLN C 128 46.96 28.07 -13.36
CA GLN C 128 46.26 28.25 -14.63
C GLN C 128 45.13 27.24 -14.80
N VAL C 129 45.33 25.99 -14.36
CA VAL C 129 44.28 24.99 -14.42
C VAL C 129 43.10 25.40 -13.56
N ALA C 130 43.38 25.89 -12.34
CA ALA C 130 42.32 26.34 -11.45
C ALA C 130 41.56 27.52 -12.05
N ASN C 131 42.29 28.46 -12.66
CA ASN C 131 41.65 29.61 -13.28
C ASN C 131 40.75 29.18 -14.43
N VAL C 132 41.22 28.24 -15.25
CA VAL C 132 40.40 27.76 -16.36
C VAL C 132 39.16 27.04 -15.86
N ILE C 133 39.33 26.19 -14.84
CA ILE C 133 38.21 25.40 -14.34
C ILE C 133 37.15 26.29 -13.71
N ALA C 134 37.58 27.26 -12.91
CA ALA C 134 36.64 28.13 -12.22
C ALA C 134 35.88 29.06 -13.16
N GLN C 135 36.40 29.30 -14.36
CA GLN C 135 35.77 30.19 -15.31
C GLN C 135 34.95 29.46 -16.37
N ALA C 136 34.78 28.14 -16.24
CA ALA C 136 34.05 27.36 -17.24
C ALA C 136 32.63 27.09 -16.74
N THR C 137 31.78 28.11 -16.89
CA THR C 137 30.39 28.04 -16.49
C THR C 137 29.44 28.41 -17.62
N LEU C 138 29.92 28.43 -18.86
CA LEU C 138 29.10 28.88 -19.98
C LEU C 138 28.09 27.84 -20.44
N ALA C 139 28.26 26.58 -20.06
CA ALA C 139 27.37 25.53 -20.52
C ALA C 139 25.95 25.77 -19.99
N PRO C 140 24.92 25.58 -20.83
CA PRO C 140 23.54 25.80 -20.37
C PRO C 140 23.13 24.92 -19.22
N ASP C 141 23.60 23.66 -19.18
CA ASP C 141 23.23 22.78 -18.08
C ASP C 141 23.85 23.24 -16.77
N ILE C 142 25.06 23.80 -16.81
CA ILE C 142 25.65 24.38 -15.61
C ILE C 142 24.82 25.59 -15.16
N ALA C 143 24.31 26.36 -16.11
CA ALA C 143 23.46 27.50 -15.77
C ALA C 143 22.17 27.05 -15.11
N LEU C 144 21.57 25.97 -15.61
CA LEU C 144 20.31 25.50 -15.05
C LEU C 144 20.50 24.83 -13.69
N CYS C 145 21.50 23.96 -13.55
CA CYS C 145 21.65 23.16 -12.36
C CYS C 145 22.52 23.80 -11.29
N GLY C 146 23.51 24.58 -11.69
CA GLY C 146 24.43 25.18 -10.74
C GLY C 146 25.65 24.31 -10.49
N ARG C 147 26.52 24.83 -9.63
CA ARG C 147 27.79 24.16 -9.34
C ARG C 147 28.32 24.64 -8.01
N MET C 148 28.88 23.72 -7.23
CA MET C 148 29.73 24.06 -6.12
C MET C 148 30.99 23.20 -6.18
N LEU C 149 32.12 23.81 -5.86
CA LEU C 149 33.41 23.15 -5.95
C LEU C 149 34.27 23.63 -4.80
N GLU C 150 34.58 22.74 -3.87
CA GLU C 150 35.44 23.06 -2.74
C GLU C 150 36.70 22.20 -2.82
N PRO C 151 37.81 22.72 -3.34
CA PRO C 151 39.03 21.93 -3.43
C PRO C 151 39.62 21.61 -2.08
N ASN C 152 40.34 20.50 -2.01
CA ASN C 152 41.00 20.07 -0.79
C ASN C 152 42.08 21.08 -0.41
N ASP C 153 41.82 21.88 0.62
CA ASP C 153 42.78 22.90 1.02
C ASP C 153 44.04 22.28 1.60
N LYS C 154 43.90 21.22 2.38
CA LYS C 154 45.05 20.59 3.01
C LYS C 154 46.01 20.02 1.98
N ASP C 155 45.49 19.29 1.01
CA ASP C 155 46.32 18.68 -0.04
C ASP C 155 46.33 19.56 -1.29
N LYS C 156 46.76 20.80 -1.10
CA LYS C 156 46.81 21.78 -2.17
C LYS C 156 48.11 22.57 -2.07
N ASP C 157 48.58 23.07 -3.21
CA ASP C 157 49.74 23.93 -3.22
C ASP C 157 49.43 25.25 -2.51
N LYS C 158 50.40 25.73 -1.73
CA LYS C 158 50.21 26.97 -1.00
C LYS C 158 50.01 28.16 -1.93
N LYS C 159 50.78 28.21 -3.02
CA LYS C 159 50.69 29.32 -3.96
C LYS C 159 49.72 29.02 -5.10
N VAL C 160 48.51 28.60 -4.74
CA VAL C 160 47.42 28.40 -5.69
C VAL C 160 46.16 28.98 -5.07
N LYS C 161 45.61 30.00 -5.70
CA LYS C 161 44.43 30.70 -5.19
C LYS C 161 43.26 30.44 -6.13
N TRP C 162 42.12 30.06 -5.55
CA TRP C 162 40.92 29.77 -6.32
C TRP C 162 40.01 30.98 -6.36
N SER C 163 39.48 31.28 -7.54
CA SER C 163 38.47 32.32 -7.68
C SER C 163 37.11 31.76 -7.29
N ASN C 164 36.04 32.48 -7.58
CA ASN C 164 34.70 32.01 -7.23
C ASN C 164 34.32 30.83 -8.14
N THR C 165 33.90 29.73 -7.53
CA THR C 165 33.60 28.51 -8.27
C THR C 165 32.12 28.14 -8.27
N THR C 166 31.27 28.93 -7.64
CA THR C 166 29.85 28.62 -7.53
C THR C 166 29.05 29.43 -8.54
N VAL C 167 28.07 28.79 -9.16
CA VAL C 167 27.14 29.44 -10.07
C VAL C 167 25.73 29.21 -9.54
N GLU C 168 24.95 30.29 -9.46
CA GLU C 168 23.57 30.21 -8.99
C GLU C 168 22.75 29.31 -9.90
N ALA C 169 21.87 28.52 -9.29
CA ALA C 169 20.99 27.65 -10.05
C ALA C 169 19.76 28.41 -10.51
N ALA C 170 19.51 28.39 -11.82
CA ALA C 170 18.36 29.07 -12.40
C ALA C 170 17.15 28.16 -12.55
N LEU C 171 17.25 26.91 -12.11
CA LEU C 171 16.16 25.94 -12.25
C LEU C 171 15.86 25.33 -10.89
N GLN C 172 14.57 25.28 -10.55
CA GLN C 172 14.10 24.64 -9.32
C GLN C 172 13.14 23.54 -9.71
N VAL C 173 13.43 22.31 -9.28
CA VAL C 173 12.61 21.15 -9.59
C VAL C 173 12.18 20.50 -8.29
N ALA C 174 10.88 20.26 -8.15
CA ALA C 174 10.33 19.59 -6.99
C ALA C 174 10.20 18.10 -7.24
N HIS C 175 10.22 17.33 -6.16
CA HIS C 175 10.04 15.89 -6.27
C HIS C 175 8.64 15.58 -6.77
N ALA C 176 8.55 14.62 -7.69
CA ALA C 176 7.28 14.29 -8.32
C ALA C 176 6.47 13.42 -7.38
N ILE C 177 5.48 14.02 -6.73
CA ILE C 177 4.61 13.30 -5.81
C ILE C 177 3.38 12.81 -6.57
N SER C 178 2.76 11.77 -6.03
CA SER C 178 1.54 11.23 -6.61
C SER C 178 0.32 11.94 -6.05
N THR C 179 -0.76 11.96 -6.83
CA THR C 179 -1.98 12.65 -6.46
C THR C 179 -2.96 11.77 -5.69
N HIS C 180 -2.58 10.53 -5.37
CA HIS C 180 -3.48 9.59 -4.71
C HIS C 180 -2.70 8.76 -3.72
N ILE C 181 -3.42 7.91 -2.98
CA ILE C 181 -2.77 6.94 -2.11
C ILE C 181 -1.98 5.98 -2.99
N ALA C 182 -0.66 6.02 -2.86
CA ALA C 182 0.22 5.21 -3.69
C ALA C 182 0.39 3.84 -3.05
N ARG C 183 -0.20 2.83 -3.65
CA ARG C 183 -0.05 1.49 -3.13
C ARG C 183 1.02 0.73 -3.94
N PRO C 184 2.00 0.15 -3.27
CA PRO C 184 3.03 -0.62 -3.97
C PRO C 184 2.64 -2.07 -4.17
N GLU C 185 3.13 -2.64 -5.25
CA GLU C 185 2.87 -4.02 -5.61
C GLU C 185 4.19 -4.78 -5.72
N ILE C 186 4.16 -6.04 -5.30
CA ILE C 186 5.34 -6.90 -5.29
C ILE C 186 5.23 -7.85 -6.48
N ASP C 187 6.27 -7.88 -7.31
CA ASP C 187 6.34 -8.80 -8.45
C ASP C 187 7.24 -9.96 -8.10
N TYR C 188 6.70 -11.18 -8.15
CA TYR C 188 7.45 -12.39 -7.85
C TYR C 188 8.00 -12.95 -9.17
N PHE C 189 9.32 -12.85 -9.34
CA PHE C 189 9.96 -13.33 -10.56
C PHE C 189 10.80 -14.57 -10.28
N VAL C 190 11.17 -15.24 -11.38
CA VAL C 190 11.97 -16.46 -11.34
C VAL C 190 12.91 -16.42 -12.54
N ALA C 191 14.12 -16.93 -12.35
CA ALA C 191 15.10 -17.06 -13.42
C ALA C 191 15.20 -18.53 -13.81
N ALA C 192 14.99 -18.81 -15.09
CA ALA C 192 14.93 -20.18 -15.58
C ALA C 192 16.27 -20.57 -16.18
N ASP C 193 16.74 -21.76 -15.83
CA ASP C 193 17.94 -22.34 -16.43
C ASP C 193 17.54 -23.12 -17.68
N ASP C 194 18.16 -22.78 -18.81
CA ASP C 194 17.85 -23.47 -20.05
C ASP C 194 18.32 -24.92 -20.02
N VAL C 195 19.44 -25.20 -19.37
CA VAL C 195 19.94 -26.57 -19.26
C VAL C 195 19.02 -27.37 -18.35
N PRO C 196 18.46 -28.50 -18.80
CA PRO C 196 17.56 -29.28 -17.94
C PRO C 196 18.23 -29.74 -16.65
N GLY C 197 19.36 -30.43 -16.76
CA GLY C 197 20.02 -30.95 -15.58
C GLY C 197 19.16 -32.00 -14.88
N GLU C 198 19.30 -32.04 -13.55
CA GLU C 198 18.54 -32.97 -12.73
C GLU C 198 17.77 -32.28 -11.60
N ASP C 199 18.04 -31.02 -11.30
CA ASP C 199 17.33 -30.34 -10.22
C ASP C 199 15.88 -30.05 -10.61
N ALA C 200 15.65 -29.66 -11.87
CA ALA C 200 14.32 -29.31 -12.37
C ALA C 200 13.70 -28.18 -11.56
N GLY C 201 14.52 -27.20 -11.19
CA GLY C 201 14.06 -26.07 -10.41
C GLY C 201 14.14 -24.75 -11.14
N ALA C 202 14.81 -23.77 -10.52
CA ALA C 202 14.92 -22.46 -11.11
C ALA C 202 16.29 -21.89 -10.76
N GLY C 203 16.77 -20.99 -11.62
CA GLY C 203 18.07 -20.38 -11.42
C GLY C 203 18.10 -19.39 -10.28
N HIS C 204 17.02 -18.63 -10.12
CA HIS C 204 16.97 -17.61 -9.08
C HIS C 204 15.52 -17.30 -8.75
N ILE C 205 15.27 -17.07 -7.46
CA ILE C 205 13.96 -16.66 -6.96
C ILE C 205 14.14 -15.32 -6.28
N GLY C 206 13.30 -14.35 -6.64
CA GLY C 206 13.47 -13.02 -6.10
C GLY C 206 12.14 -12.29 -6.00
N GLU C 207 12.22 -11.07 -5.48
CA GLU C 207 11.05 -10.23 -5.26
C GLU C 207 11.32 -8.87 -5.87
N SER C 208 10.46 -8.44 -6.79
CA SER C 208 10.56 -7.14 -7.42
C SER C 208 9.41 -6.26 -6.97
N MET C 209 9.68 -4.97 -6.81
CA MET C 209 8.71 -4.01 -6.32
C MET C 209 8.46 -2.95 -7.38
N PHE C 210 7.19 -2.66 -7.64
CA PHE C 210 6.80 -1.66 -8.62
C PHE C 210 5.52 -0.98 -8.16
N ALA C 211 5.22 0.17 -8.77
CA ALA C 211 4.04 0.93 -8.43
C ALA C 211 3.66 1.82 -9.60
N SER C 212 2.36 2.02 -9.78
CA SER C 212 1.83 2.91 -10.80
C SER C 212 1.12 4.08 -10.12
N ALA C 213 1.40 5.30 -10.57
CA ALA C 213 0.85 6.47 -9.92
C ALA C 213 0.71 7.60 -10.93
N CYS C 214 -0.21 8.52 -10.65
CA CYS C 214 -0.36 9.75 -11.41
C CYS C 214 0.46 10.83 -10.72
N PHE C 215 1.48 11.34 -11.40
CA PHE C 215 2.48 12.21 -10.80
C PHE C 215 2.20 13.67 -11.12
N TYR C 216 2.46 14.53 -10.15
CA TYR C 216 2.42 15.98 -10.32
C TYR C 216 3.84 16.51 -10.24
N LYS C 217 4.34 17.07 -11.33
CA LYS C 217 5.71 17.59 -11.39
C LYS C 217 5.68 19.10 -11.57
N TYR C 218 6.56 19.77 -10.82
CA TYR C 218 6.63 21.23 -10.78
C TYR C 218 8.04 21.67 -11.13
N PHE C 219 8.16 22.56 -12.10
CA PHE C 219 9.43 23.14 -12.50
C PHE C 219 9.37 24.65 -12.38
N SER C 220 10.53 25.27 -12.10
CA SER C 220 10.62 26.71 -11.96
C SER C 220 11.94 27.17 -12.58
N ILE C 221 11.85 28.07 -13.56
CA ILE C 221 13.02 28.59 -14.27
C ILE C 221 13.07 30.10 -14.04
N ASP C 222 14.21 30.59 -13.58
CA ASP C 222 14.43 32.01 -13.39
C ASP C 222 15.02 32.60 -14.66
N TRP C 223 14.22 33.41 -15.36
CA TRP C 223 14.67 33.94 -16.64
C TRP C 223 15.84 34.89 -16.48
N GLU C 224 15.75 35.83 -15.54
CA GLU C 224 16.83 36.79 -15.35
C GLU C 224 18.12 36.09 -14.91
N GLN C 225 18.00 35.11 -14.01
CA GLN C 225 19.20 34.41 -13.55
C GLN C 225 19.78 33.50 -14.64
N LEU C 226 18.92 32.89 -15.45
CA LEU C 226 19.41 32.11 -16.58
C LEU C 226 20.14 33.00 -17.58
N VAL C 227 19.61 34.20 -17.84
CA VAL C 227 20.30 35.12 -18.74
C VAL C 227 21.62 35.56 -18.14
N LYS C 228 21.65 35.87 -16.84
CA LYS C 228 22.88 36.32 -16.20
C LYS C 228 23.95 35.23 -16.20
N ASN C 229 23.54 33.97 -15.96
CA ASN C 229 24.50 32.89 -15.90
C ASN C 229 25.17 32.66 -17.25
N LEU C 230 24.48 32.95 -18.35
CA LEU C 230 25.04 32.84 -19.69
C LEU C 230 25.66 34.14 -20.17
N LYS C 231 25.78 35.14 -19.29
CA LYS C 231 26.36 36.44 -19.61
C LYS C 231 25.62 37.12 -20.75
N GLY C 232 24.33 37.34 -20.55
CA GLY C 232 23.53 38.13 -21.45
C GLY C 232 23.11 37.45 -22.73
N ASP C 233 23.39 36.16 -22.89
CA ASP C 233 23.02 35.43 -24.09
C ASP C 233 21.53 35.13 -24.02
N THR C 234 20.71 36.08 -24.49
CA THR C 234 19.27 35.91 -24.41
C THR C 234 18.77 34.83 -25.35
N ASN C 235 19.36 34.74 -26.54
CA ASN C 235 18.97 33.69 -27.49
C ASN C 235 19.26 32.31 -26.95
N LEU C 236 20.43 32.13 -26.33
CA LEU C 236 20.76 30.84 -25.73
C LEU C 236 19.83 30.52 -24.57
N ALA C 237 19.44 31.53 -23.79
CA ALA C 237 18.50 31.31 -22.70
C ALA C 237 17.14 30.88 -23.22
N ALA C 238 16.66 31.51 -24.29
CA ALA C 238 15.38 31.12 -24.88
C ALA C 238 15.44 29.71 -25.43
N HIS C 239 16.55 29.35 -26.10
CA HIS C 239 16.71 27.99 -26.59
C HIS C 239 16.74 27.00 -25.44
N THR C 240 17.41 27.35 -24.34
CA THR C 240 17.44 26.49 -23.17
C THR C 240 16.05 26.28 -22.60
N VAL C 241 15.27 27.35 -22.49
CA VAL C 241 13.92 27.22 -21.93
C VAL C 241 13.05 26.35 -22.82
N GLY C 242 13.10 26.58 -24.14
CA GLY C 242 12.28 25.79 -25.05
C GLY C 242 12.66 24.32 -25.06
N ALA C 243 13.96 24.03 -25.12
CA ALA C 243 14.40 22.64 -25.09
C ALA C 243 14.12 21.98 -23.76
N PHE C 244 14.21 22.72 -22.66
CA PHE C 244 13.84 22.18 -21.36
C PHE C 244 12.36 21.80 -21.32
N LEU C 245 11.50 22.68 -21.85
CA LEU C 245 10.07 22.37 -21.90
C LEU C 245 9.83 21.11 -22.73
N LEU C 246 10.44 21.04 -23.91
CA LEU C 246 10.24 19.88 -24.78
C LEU C 246 10.76 18.60 -24.12
N ALA C 247 11.91 18.67 -23.47
CA ALA C 247 12.46 17.49 -22.80
C ALA C 247 11.56 17.05 -21.66
N ALA C 248 11.23 17.97 -20.74
CA ALA C 248 10.39 17.61 -19.61
C ALA C 248 9.06 17.04 -20.07
N ALA C 249 8.55 17.48 -21.22
CA ALA C 249 7.33 16.90 -21.74
C ALA C 249 7.58 15.53 -22.37
N LYS C 250 8.73 15.33 -23.00
CA LYS C 250 8.89 14.21 -23.92
C LYS C 250 9.84 13.12 -23.45
N THR C 251 10.47 13.25 -22.29
CA THR C 251 11.34 12.17 -21.81
C THR C 251 10.95 11.81 -20.39
N ASN C 252 11.26 10.57 -20.02
CA ASN C 252 10.96 9.99 -18.72
C ASN C 252 12.22 9.39 -18.11
N PRO C 253 12.23 9.20 -16.78
CA PRO C 253 13.38 8.54 -16.16
C PRO C 253 13.63 7.16 -16.75
N SER C 254 14.90 6.84 -16.95
CA SER C 254 15.30 5.55 -17.52
C SER C 254 15.62 4.53 -16.43
N GLY C 255 14.68 4.32 -15.52
CA GLY C 255 14.87 3.37 -14.45
C GLY C 255 14.01 2.13 -14.62
N LYS C 256 14.66 0.99 -14.87
CA LYS C 256 13.96 -0.28 -15.10
C LYS C 256 12.97 -0.19 -16.25
N GLN C 257 13.31 0.60 -17.27
CA GLN C 257 12.42 0.78 -18.41
C GLN C 257 12.52 -0.35 -19.43
N ASN C 258 13.58 -1.18 -19.35
CA ASN C 258 13.65 -2.35 -20.21
C ASN C 258 12.59 -3.38 -19.84
N SER C 259 12.22 -3.43 -18.57
CA SER C 259 11.17 -4.33 -18.10
C SER C 259 9.86 -3.62 -17.81
N PHE C 260 9.88 -2.31 -17.57
CA PHE C 260 8.69 -1.50 -17.32
C PHE C 260 8.75 -0.32 -18.29
N ALA C 261 8.20 -0.51 -19.50
CA ALA C 261 8.26 0.53 -20.53
C ALA C 261 7.19 1.58 -20.24
N ALA C 262 7.45 2.36 -19.18
CA ALA C 262 6.54 3.44 -18.78
C ALA C 262 6.95 4.70 -19.52
N HIS C 263 6.54 4.78 -20.78
CA HIS C 263 6.86 5.89 -21.67
C HIS C 263 5.63 6.76 -21.92
N ASN C 264 4.84 6.99 -20.88
CA ASN C 264 3.61 7.75 -21.00
C ASN C 264 3.91 9.25 -21.05
N TYR C 265 3.28 9.94 -21.98
CA TYR C 265 3.42 11.37 -22.10
C TYR C 265 2.49 12.08 -21.12
N PRO C 266 2.81 13.31 -20.73
CA PRO C 266 1.94 14.04 -19.81
C PRO C 266 0.56 14.27 -20.40
N ASP C 267 -0.44 14.18 -19.53
CA ASP C 267 -1.83 14.38 -19.92
C ASP C 267 -2.29 15.82 -19.77
N GLY C 268 -1.47 16.67 -19.15
CA GLY C 268 -1.78 18.09 -19.02
C GLY C 268 -0.60 18.88 -18.51
N ILE C 269 -0.25 19.96 -19.19
CA ILE C 269 0.87 20.82 -18.83
C ILE C 269 0.34 22.24 -18.67
N LEU C 270 0.62 22.85 -17.53
CA LEU C 270 0.24 24.23 -17.26
C LEU C 270 1.51 25.07 -17.15
N VAL C 271 1.62 26.08 -18.00
CA VAL C 271 2.77 26.97 -18.01
C VAL C 271 2.28 28.35 -17.57
N GLU C 272 2.87 28.86 -16.49
CA GLU C 272 2.45 30.13 -15.90
C GLU C 272 3.67 31.02 -15.70
N PHE C 273 3.48 32.32 -15.93
CA PHE C 273 4.52 33.32 -15.76
C PHE C 273 4.16 34.24 -14.60
N LYS C 274 5.06 34.36 -13.63
CA LYS C 274 4.81 35.18 -12.45
C LYS C 274 6.15 35.58 -11.85
N ASN C 275 6.11 36.52 -10.90
CA ASN C 275 7.30 36.97 -10.23
C ASN C 275 7.64 36.18 -8.97
N SER C 276 6.71 35.37 -8.47
CA SER C 276 6.95 34.55 -7.30
C SER C 276 6.61 33.10 -7.61
N PRO C 277 7.35 32.14 -7.02
CA PRO C 277 7.09 30.73 -7.32
C PRO C 277 5.91 30.21 -6.51
N ILE C 278 4.97 29.58 -7.19
CA ILE C 278 3.79 28.98 -6.56
C ILE C 278 3.70 27.52 -6.97
N SER C 279 3.61 26.63 -6.00
CA SER C 279 3.47 25.21 -6.24
C SER C 279 2.05 24.78 -5.91
N TYR C 280 1.42 24.04 -6.84
CA TYR C 280 0.06 23.56 -6.67
C TYR C 280 0.00 22.17 -6.06
N ALA C 281 1.01 21.78 -5.28
CA ALA C 281 1.03 20.47 -4.66
C ALA C 281 -0.07 20.31 -3.62
N ASN C 282 -0.52 21.41 -3.01
CA ASN C 282 -1.58 21.34 -2.02
C ASN C 282 -2.93 21.02 -2.64
N ALA C 283 -3.03 21.01 -3.97
CA ALA C 283 -4.25 20.55 -4.62
C ALA C 283 -4.53 19.08 -4.30
N PHE C 284 -3.49 18.33 -3.95
CA PHE C 284 -3.59 16.89 -3.79
C PHE C 284 -3.29 16.46 -2.35
N VAL C 285 -3.54 17.34 -1.38
CA VAL C 285 -3.48 16.91 0.02
C VAL C 285 -4.53 15.83 0.26
N ARG C 286 -5.72 16.02 -0.27
CA ARG C 286 -6.67 14.92 -0.35
C ARG C 286 -6.22 13.95 -1.43
N PRO C 287 -5.93 12.69 -1.09
CA PRO C 287 -5.62 11.72 -2.15
C PRO C 287 -6.82 11.52 -3.05
N VAL C 288 -6.56 11.45 -4.36
CA VAL C 288 -7.64 11.33 -5.33
C VAL C 288 -8.18 9.90 -5.30
N SER C 289 -9.46 9.76 -4.98
CA SER C 289 -10.14 8.47 -5.00
C SER C 289 -10.89 8.34 -6.32
N VAL C 290 -10.60 7.28 -7.07
CA VAL C 290 -11.17 7.10 -8.40
C VAL C 290 -12.64 6.73 -8.26
N VAL C 291 -13.50 7.48 -8.95
CA VAL C 291 -14.92 7.20 -8.98
C VAL C 291 -15.27 6.55 -10.31
N LYS C 292 -16.40 5.84 -10.33
CA LYS C 292 -16.80 5.14 -11.54
C LYS C 292 -17.20 6.11 -12.65
N GLU C 293 -17.76 7.26 -12.29
CA GLU C 293 -18.28 8.19 -13.28
C GLU C 293 -17.20 9.11 -13.85
N SER C 294 -15.95 8.95 -13.45
CA SER C 294 -14.87 9.79 -13.94
C SER C 294 -13.60 8.95 -14.07
N ASP C 295 -12.48 9.63 -14.26
CA ASP C 295 -11.19 8.98 -14.47
C ASP C 295 -10.17 9.60 -13.52
N LEU C 296 -9.14 8.82 -13.18
CA LEU C 296 -8.13 9.29 -12.24
C LEU C 296 -7.42 10.54 -12.75
N VAL C 297 -7.02 10.55 -14.01
CA VAL C 297 -6.37 11.73 -14.57
C VAL C 297 -7.34 12.90 -14.63
N GLU C 298 -8.60 12.64 -15.03
CA GLU C 298 -9.59 13.70 -15.05
C GLU C 298 -9.85 14.26 -13.66
N GLN C 299 -9.92 13.39 -12.65
CA GLN C 299 -10.13 13.86 -11.29
C GLN C 299 -8.94 14.68 -10.79
N SER C 300 -7.72 14.23 -11.09
CA SER C 300 -6.54 14.99 -10.68
C SER C 300 -6.51 16.35 -11.36
N ILE C 301 -6.85 16.41 -12.64
CA ILE C 301 -6.86 17.68 -13.36
C ILE C 301 -7.95 18.59 -12.81
N GLY C 302 -9.10 18.03 -12.44
CA GLY C 302 -10.16 18.84 -11.84
C GLY C 302 -9.77 19.41 -10.50
N GLN C 303 -9.14 18.60 -9.64
CA GLN C 303 -8.65 19.09 -8.36
C GLN C 303 -7.60 20.18 -8.55
N LEU C 304 -6.68 19.97 -9.49
CA LEU C 304 -5.67 20.98 -9.79
C LEU C 304 -6.31 22.26 -10.27
N SER C 305 -7.33 22.16 -11.12
CA SER C 305 -8.02 23.33 -11.62
C SER C 305 -8.72 24.09 -10.49
N ASN C 306 -9.36 23.36 -9.57
CA ASN C 306 -10.01 24.02 -8.44
C ASN C 306 -8.99 24.75 -7.58
N TYR C 307 -7.86 24.12 -7.28
CA TYR C 307 -6.85 24.78 -6.46
C TYR C 307 -6.23 25.97 -7.19
N VAL C 308 -6.03 25.85 -8.50
CA VAL C 308 -5.47 26.95 -9.28
C VAL C 308 -6.42 28.14 -9.27
N ASN C 309 -7.73 27.87 -9.43
CA ASN C 309 -8.71 28.94 -9.38
C ASN C 309 -8.73 29.60 -8.00
N ASP C 310 -8.66 28.79 -6.94
CA ASP C 310 -8.66 29.36 -5.59
C ASP C 310 -7.44 30.23 -5.37
N ILE C 311 -6.26 29.76 -5.81
CA ILE C 311 -5.03 30.53 -5.64
C ILE C 311 -5.10 31.83 -6.44
N ARG C 312 -5.59 31.75 -7.69
CA ARG C 312 -5.68 32.94 -8.52
C ARG C 312 -6.63 33.97 -7.91
N LEU C 313 -7.77 33.51 -7.37
CA LEU C 313 -8.76 34.42 -6.84
C LEU C 313 -8.45 34.90 -5.43
N GLY C 314 -7.54 34.24 -4.72
CA GLY C 314 -7.27 34.64 -3.35
C GLY C 314 -5.86 35.13 -3.08
N TYR C 315 -4.97 35.05 -4.07
CA TYR C 315 -3.59 35.47 -3.88
C TYR C 315 -3.04 36.34 -5.00
N TYR C 316 -3.62 36.30 -6.20
CA TYR C 316 -3.06 36.96 -7.38
C TYR C 316 -4.10 37.84 -8.03
N ASP C 317 -4.80 38.64 -7.23
CA ASP C 317 -5.75 39.62 -7.73
C ASP C 317 -5.18 41.01 -7.46
N GLU C 318 -4.34 41.48 -8.37
CA GLU C 318 -3.69 42.78 -8.24
C GLU C 318 -3.78 43.49 -9.59
N GLN C 319 -3.05 44.60 -9.70
CA GLN C 319 -3.00 45.32 -10.97
C GLN C 319 -2.20 44.57 -12.03
N SER C 320 -1.43 43.56 -11.64
CA SER C 320 -0.66 42.77 -12.58
C SER C 320 -1.29 41.41 -12.73
N PRO C 321 -1.97 41.12 -13.83
CA PRO C 321 -2.57 39.79 -14.01
C PRO C 321 -1.51 38.75 -14.35
N VAL C 322 -1.83 37.50 -14.04
CA VAL C 322 -0.95 36.37 -14.28
C VAL C 322 -1.42 35.68 -15.56
N ILE C 323 -0.51 35.53 -16.51
CA ILE C 323 -0.82 34.92 -17.80
C ILE C 323 -0.32 33.48 -17.77
N GLY C 324 -1.21 32.55 -18.09
CA GLY C 324 -0.87 31.14 -18.08
C GLY C 324 -1.42 30.42 -19.29
N PHE C 325 -0.67 29.41 -19.74
CA PHE C 325 -1.05 28.62 -20.89
C PHE C 325 -1.29 27.19 -20.45
N TRP C 326 -2.39 26.61 -20.90
CA TRP C 326 -2.76 25.23 -20.55
C TRP C 326 -2.67 24.36 -21.80
N PHE C 327 -1.92 23.26 -21.69
CA PHE C 327 -1.74 22.32 -22.78
C PHE C 327 -2.30 20.97 -22.41
N SER C 328 -3.11 20.40 -23.31
CA SER C 328 -3.52 19.01 -23.27
C SER C 328 -3.42 18.47 -24.69
N PRO C 329 -3.12 17.18 -24.84
CA PRO C 329 -2.99 16.63 -26.19
C PRO C 329 -4.33 16.64 -26.93
N ASN C 330 -4.44 17.50 -27.94
CA ASN C 330 -5.69 17.68 -28.70
C ASN C 330 -6.84 18.08 -27.77
N ASN C 331 -6.52 18.85 -26.73
CA ASN C 331 -7.50 19.29 -25.74
C ASN C 331 -8.27 18.12 -25.16
N ARG C 332 -7.56 17.03 -24.88
CA ARG C 332 -8.20 15.82 -24.36
C ARG C 332 -8.76 16.05 -22.96
N TYR C 333 -7.95 16.60 -22.06
CA TYR C 333 -8.40 16.96 -20.71
C TYR C 333 -8.30 18.45 -20.52
N PRO C 334 -9.40 19.20 -20.59
CA PRO C 334 -9.35 20.63 -20.30
C PRO C 334 -9.32 20.85 -18.79
N LEU C 335 -9.34 22.12 -18.41
CA LEU C 335 -9.41 22.47 -17.00
C LEU C 335 -10.84 22.34 -16.50
N GLY C 336 -11.13 22.84 -15.31
CA GLY C 336 -12.46 22.73 -14.75
C GLY C 336 -13.54 23.37 -15.60
N TYR C 337 -14.64 22.65 -15.83
CA TYR C 337 -15.76 23.19 -16.60
C TYR C 337 -16.46 24.33 -15.87
N LYS C 338 -16.32 24.41 -14.55
CA LYS C 338 -17.03 25.44 -13.79
C LYS C 338 -16.48 26.83 -14.05
N HIS C 339 -15.26 26.95 -14.58
CA HIS C 339 -14.65 28.25 -14.83
C HIS C 339 -14.45 28.50 -16.32
N SER C 340 -13.72 27.62 -17.00
CA SER C 340 -13.45 27.72 -18.44
C SER C 340 -12.74 29.01 -18.83
N LYS C 341 -12.15 29.71 -17.86
CA LYS C 341 -11.41 30.93 -18.14
C LYS C 341 -10.12 31.03 -17.34
N LEU C 342 -9.74 29.98 -16.62
CA LEU C 342 -8.55 30.03 -15.78
C LEU C 342 -7.29 30.26 -16.61
N ALA C 343 -7.14 29.53 -17.70
CA ALA C 343 -5.97 29.68 -18.56
C ALA C 343 -6.21 30.74 -19.62
N SER C 344 -5.16 31.52 -19.91
CA SER C 344 -5.26 32.53 -20.95
C SER C 344 -5.50 31.89 -22.31
N ARG C 345 -4.80 30.79 -22.60
CA ARG C 345 -4.97 30.05 -23.84
C ARG C 345 -5.02 28.56 -23.54
N ASN C 346 -5.71 27.81 -24.39
CA ASN C 346 -5.79 26.36 -24.31
C ASN C 346 -5.15 25.80 -25.58
N ILE C 347 -3.85 25.58 -25.54
CA ILE C 347 -3.12 25.07 -26.69
C ILE C 347 -3.22 23.56 -26.73
N GLY C 348 -3.45 23.02 -27.93
CA GLY C 348 -3.53 21.59 -28.14
C GLY C 348 -2.30 20.96 -28.77
N ASN C 349 -1.20 21.70 -28.91
CA ASN C 349 0.02 21.16 -29.49
C ASN C 349 1.22 21.59 -28.65
N LEU C 350 2.16 20.67 -28.48
CA LEU C 350 3.34 20.98 -27.67
C LEU C 350 4.24 21.99 -28.36
N ASN C 351 4.44 21.86 -29.66
CA ASN C 351 5.26 22.82 -30.39
C ASN C 351 4.64 24.20 -30.38
N GLU C 352 3.32 24.28 -30.53
CA GLU C 352 2.63 25.56 -30.44
C GLU C 352 2.77 26.17 -29.05
N LEU C 353 2.70 25.34 -28.00
CA LEU C 353 2.89 25.85 -26.64
C LEU C 353 4.30 26.37 -26.43
N VAL C 354 5.30 25.66 -26.96
CA VAL C 354 6.68 26.13 -26.86
C VAL C 354 6.84 27.46 -27.60
N GLY C 355 6.25 27.56 -28.79
CA GLY C 355 6.32 28.82 -29.51
C GLY C 355 5.64 29.96 -28.78
N ALA C 356 4.50 29.69 -28.15
CA ALA C 356 3.81 30.72 -27.38
C ALA C 356 4.63 31.16 -26.18
N VAL C 357 5.24 30.22 -25.47
CA VAL C 357 6.08 30.57 -24.33
C VAL C 357 7.26 31.41 -24.79
N LEU C 358 7.91 31.01 -25.87
CA LEU C 358 9.05 31.77 -26.38
C LEU C 358 8.64 33.16 -26.83
N ASP C 359 7.50 33.28 -27.50
CA ASP C 359 7.03 34.60 -27.94
C ASP C 359 6.74 35.48 -26.74
N TYR C 360 6.08 34.93 -25.71
CA TYR C 360 5.72 35.75 -24.56
C TYR C 360 6.95 36.15 -23.74
N ILE C 361 7.99 35.30 -23.73
CA ILE C 361 9.15 35.58 -22.90
C ILE C 361 9.80 36.90 -23.29
N GLY C 362 10.29 36.99 -24.53
CA GLY C 362 10.78 38.25 -25.04
C GLY C 362 10.51 38.45 -26.51
N GLY C 363 9.87 37.46 -27.12
CA GLY C 363 9.66 37.47 -28.55
C GLY C 363 10.74 36.63 -29.22
N PHE C 364 10.41 35.39 -29.58
CA PHE C 364 11.43 34.44 -30.01
C PHE C 364 10.76 33.37 -30.85
N LYS C 365 11.27 33.15 -32.06
CA LYS C 365 10.82 32.04 -32.87
C LYS C 365 11.70 30.82 -32.59
N TRP C 366 11.07 29.64 -32.66
CA TRP C 366 11.81 28.41 -32.38
C TRP C 366 12.89 28.17 -33.43
N GLU C 367 12.61 28.52 -34.68
CA GLU C 367 13.58 28.29 -35.75
C GLU C 367 14.84 29.13 -35.55
N GLU C 368 14.68 30.39 -35.13
CA GLU C 368 15.83 31.27 -35.00
C GLU C 368 16.64 31.05 -33.73
N VAL C 369 16.12 30.27 -32.77
CA VAL C 369 16.93 29.85 -31.63
C VAL C 369 17.51 28.46 -31.84
N GLN C 370 16.86 27.60 -32.63
CA GLN C 370 17.49 26.36 -33.04
C GLN C 370 18.58 26.58 -34.08
N LYS C 371 18.58 27.73 -34.75
CA LYS C 371 19.53 28.01 -35.82
C LYS C 371 20.94 28.28 -35.31
N SER C 372 21.13 28.43 -34.00
CA SER C 372 22.44 28.67 -33.42
C SER C 372 23.12 27.32 -33.21
N LYS C 373 23.87 26.89 -34.22
CA LYS C 373 24.61 25.63 -34.16
C LYS C 373 25.99 25.83 -34.76
N ALA C 374 26.94 25.04 -34.28
CA ALA C 374 28.33 25.09 -34.73
C ALA C 374 28.61 23.88 -35.62
N TYR C 375 29.10 24.13 -36.82
CA TYR C 375 29.41 23.06 -37.77
C TYR C 375 30.44 23.52 -38.80
N MET D 1 15.97 5.26 -35.02
CA MET D 1 14.53 5.07 -35.12
C MET D 1 14.09 3.79 -34.42
N LEU D 2 12.96 3.85 -33.73
CA LEU D 2 12.50 2.76 -32.88
C LEU D 2 11.34 2.02 -33.53
N ILE D 3 11.38 0.69 -33.48
CA ILE D 3 10.28 -0.15 -33.91
C ILE D 3 9.45 -0.47 -32.67
N GLU D 4 8.23 0.06 -32.61
CA GLU D 4 7.35 -0.15 -31.46
C GLU D 4 6.08 -0.85 -31.91
N ILE D 5 5.67 -1.86 -31.14
CA ILE D 5 4.54 -2.70 -31.48
C ILE D 5 3.51 -2.57 -30.35
N HIS D 6 2.32 -2.11 -30.69
CA HIS D 6 1.20 -2.01 -29.75
C HIS D 6 0.18 -3.09 -30.12
N MET D 7 -0.23 -3.87 -29.13
CA MET D 7 -1.10 -5.02 -29.35
C MET D 7 -2.31 -4.93 -28.43
N ILE D 8 -3.49 -5.18 -28.99
CA ILE D 8 -4.71 -5.39 -28.22
C ILE D 8 -5.08 -6.85 -28.37
N GLN D 9 -5.15 -7.57 -27.23
CA GLN D 9 -5.34 -9.00 -27.25
C GLN D 9 -6.28 -9.40 -26.12
N ASN D 10 -7.31 -10.17 -26.46
CA ASN D 10 -8.25 -10.69 -25.47
C ASN D 10 -7.98 -12.17 -25.23
N HIS D 11 -7.92 -12.56 -23.97
CA HIS D 11 -7.57 -13.92 -23.59
C HIS D 11 -8.76 -14.62 -22.94
N SER D 12 -8.85 -15.92 -23.18
CA SER D 12 -9.87 -16.74 -22.56
C SER D 12 -9.58 -16.87 -21.07
N PRO D 13 -10.59 -17.28 -20.27
CA PRO D 13 -10.34 -17.51 -18.83
C PRO D 13 -9.13 -18.40 -18.61
N ALA D 14 -8.08 -17.85 -18.01
CA ALA D 14 -6.82 -18.57 -17.92
C ALA D 14 -5.99 -17.98 -16.79
N ASN D 15 -4.87 -18.64 -16.51
CA ASN D 15 -3.85 -18.16 -15.57
C ASN D 15 -2.51 -18.18 -16.32
N LEU D 16 -2.24 -17.11 -17.05
CA LEU D 16 -1.00 -17.02 -17.81
C LEU D 16 0.19 -16.69 -16.92
N ASN D 17 -0.02 -15.91 -15.87
CA ASN D 17 1.01 -15.59 -14.90
C ASN D 17 0.43 -15.68 -13.50
N ARG D 18 1.20 -16.24 -12.57
CA ARG D 18 0.79 -16.31 -11.18
C ARG D 18 1.99 -16.13 -10.28
N ASP D 19 1.72 -15.77 -9.03
CA ASP D 19 2.76 -15.56 -8.04
C ASP D 19 3.00 -16.85 -7.27
N ASP D 20 3.74 -16.76 -6.16
CA ASP D 20 4.00 -17.94 -5.34
C ASP D 20 2.74 -18.47 -4.68
N LEU D 21 1.75 -17.61 -4.46
CA LEU D 21 0.49 -18.03 -3.86
C LEU D 21 -0.47 -18.65 -4.88
N GLY D 22 -0.14 -18.59 -6.17
CA GLY D 22 -0.98 -19.15 -7.21
C GLY D 22 -2.00 -18.19 -7.79
N ALA D 23 -2.14 -17.00 -7.22
CA ALA D 23 -3.10 -16.04 -7.74
C ALA D 23 -2.58 -15.42 -9.03
N PRO D 24 -3.45 -15.19 -10.01
CA PRO D 24 -3.03 -14.53 -11.23
C PRO D 24 -2.46 -13.14 -10.93
N LYS D 25 -1.40 -12.78 -11.65
CA LYS D 25 -0.72 -11.53 -11.38
C LYS D 25 -1.62 -10.34 -11.74
N THR D 26 -1.60 -9.33 -10.87
CA THR D 26 -2.46 -8.17 -11.00
C THR D 26 -1.66 -6.90 -10.76
N CYS D 27 -2.28 -5.77 -11.07
CA CYS D 27 -1.67 -4.47 -10.85
C CYS D 27 -2.78 -3.43 -10.71
N TYR D 28 -2.41 -2.28 -10.14
CA TYR D 28 -3.33 -1.17 -9.95
C TYR D 28 -2.96 -0.07 -10.95
N PHE D 29 -3.74 0.02 -12.03
CA PHE D 29 -3.56 1.06 -13.03
C PHE D 29 -4.82 1.92 -13.09
N GLY D 30 -4.64 3.23 -13.01
CA GLY D 30 -5.77 4.13 -12.97
C GLY D 30 -6.56 4.09 -11.68
N GLY D 31 -5.97 3.58 -10.60
CA GLY D 31 -6.67 3.42 -9.35
C GLY D 31 -7.53 2.19 -9.24
N VAL D 32 -7.58 1.34 -10.27
CA VAL D 32 -8.42 0.16 -10.28
C VAL D 32 -7.57 -1.06 -10.61
N LEU D 33 -8.02 -2.21 -10.15
CA LEU D 33 -7.28 -3.44 -10.33
C LEU D 33 -7.29 -3.87 -11.80
N ARG D 34 -6.14 -4.35 -12.27
CA ARG D 34 -5.99 -4.83 -13.63
C ARG D 34 -5.27 -6.17 -13.63
N SER D 35 -5.68 -7.07 -14.52
CA SER D 35 -4.93 -8.29 -14.74
C SER D 35 -3.61 -7.96 -15.43
N ARG D 36 -2.55 -8.68 -15.04
CA ARG D 36 -1.21 -8.34 -15.49
C ARG D 36 -0.47 -9.59 -15.96
N ILE D 37 0.35 -9.42 -16.98
CA ILE D 37 1.33 -10.41 -17.42
C ILE D 37 2.71 -9.75 -17.35
N SER D 38 3.63 -10.40 -16.66
CA SER D 38 4.96 -9.83 -16.47
C SER D 38 5.72 -9.74 -17.79
N SER D 39 6.59 -8.75 -17.88
CA SER D 39 7.38 -8.55 -19.10
C SER D 39 8.32 -9.73 -19.35
N GLN D 40 8.92 -10.27 -18.30
CA GLN D 40 9.84 -11.40 -18.48
C GLN D 40 9.10 -12.63 -19.00
N CYS D 41 7.83 -12.79 -18.64
CA CYS D 41 7.05 -13.92 -19.16
C CYS D 41 6.88 -13.81 -20.68
N ILE D 42 6.47 -12.64 -21.17
CA ILE D 42 6.34 -12.45 -22.61
C ILE D 42 7.69 -12.56 -23.29
N LYS D 43 8.74 -12.03 -22.65
CA LYS D 43 10.07 -12.09 -23.24
C LYS D 43 10.54 -13.52 -23.40
N ARG D 44 10.31 -14.37 -22.40
CA ARG D 44 10.71 -15.76 -22.50
C ARG D 44 9.81 -16.56 -23.44
N SER D 45 8.52 -16.21 -23.49
CA SER D 45 7.64 -16.86 -24.47
C SER D 45 8.09 -16.57 -25.89
N ILE D 46 8.48 -15.33 -26.16
CA ILE D 46 9.03 -14.99 -27.47
C ILE D 46 10.37 -15.70 -27.68
N ARG D 47 11.22 -15.70 -26.65
CA ARG D 47 12.56 -16.28 -26.79
C ARG D 47 12.49 -17.79 -26.97
N THR D 48 11.55 -18.45 -26.29
CA THR D 48 11.38 -19.90 -26.40
C THR D 48 10.27 -20.29 -27.36
N SER D 49 10.05 -19.49 -28.40
CA SER D 49 9.02 -19.75 -29.40
C SER D 49 9.63 -20.40 -30.63
N ASN D 50 8.76 -20.93 -31.49
CA ASN D 50 9.22 -21.58 -32.71
C ASN D 50 9.64 -20.55 -33.76
N ASP D 51 9.01 -19.38 -33.78
CA ASP D 51 9.41 -18.35 -34.73
C ASP D 51 10.76 -17.75 -34.37
N PHE D 52 11.16 -17.82 -33.10
CA PHE D 52 12.46 -17.33 -32.65
C PHE D 52 13.47 -18.45 -32.50
N LYS D 53 13.13 -19.67 -32.91
CA LYS D 53 14.03 -20.80 -32.70
C LYS D 53 15.33 -20.65 -33.50
N ALA D 54 15.22 -20.12 -34.73
CA ALA D 54 16.40 -20.01 -35.59
C ALA D 54 17.41 -19.00 -35.07
N LEU D 55 17.00 -18.10 -34.18
CA LEU D 55 17.88 -17.07 -33.65
C LEU D 55 18.19 -17.26 -32.17
N LEU D 56 17.85 -18.42 -31.61
CA LEU D 56 18.07 -18.69 -30.19
C LEU D 56 19.50 -19.15 -29.99
N GLY D 57 20.40 -18.19 -29.76
CA GLY D 57 21.75 -18.48 -29.35
C GLY D 57 22.03 -17.87 -27.99
N GLY D 58 22.22 -18.71 -26.99
CA GLY D 58 22.36 -18.23 -25.63
C GLY D 58 21.78 -19.21 -24.63
N VAL D 59 22.40 -19.32 -23.46
CA VAL D 59 22.08 -20.36 -22.50
C VAL D 59 21.45 -19.78 -21.23
N ARG D 60 22.11 -18.80 -20.61
CA ARG D 60 21.71 -18.29 -19.30
C ARG D 60 21.52 -19.45 -18.31
N THR D 61 22.62 -20.13 -18.02
CA THR D 61 22.62 -21.34 -17.22
C THR D 61 23.58 -21.19 -16.03
N ARG D 62 23.31 -21.94 -14.98
CA ARG D 62 24.25 -22.11 -13.88
C ARG D 62 24.92 -23.47 -13.91
N ARG D 63 24.88 -24.15 -15.07
CA ARG D 63 25.47 -25.47 -15.22
C ARG D 63 26.43 -25.48 -16.39
N LEU D 64 27.30 -24.46 -16.47
CA LEU D 64 28.26 -24.37 -17.55
C LEU D 64 29.24 -25.54 -17.53
N ALA D 65 29.56 -26.05 -16.34
CA ALA D 65 30.45 -27.20 -16.24
C ALA D 65 29.85 -28.43 -16.91
N ASP D 66 28.53 -28.63 -16.77
CA ASP D 66 27.88 -29.74 -17.46
C ASP D 66 27.93 -29.56 -18.98
N LEU D 67 27.77 -28.34 -19.46
CA LEU D 67 27.85 -28.10 -20.90
C LEU D 67 29.25 -28.39 -21.42
N ILE D 68 30.28 -27.96 -20.69
CA ILE D 68 31.65 -28.28 -21.10
C ILE D 68 31.96 -29.76 -20.96
N GLN D 69 31.27 -30.47 -20.06
CA GLN D 69 31.52 -31.88 -19.83
C GLN D 69 31.20 -32.75 -21.03
N GLN D 70 30.42 -32.24 -21.99
CA GLN D 70 29.90 -33.06 -23.09
C GLN D 70 30.99 -33.66 -23.98
N GLU D 71 32.26 -33.43 -23.71
CA GLU D 71 33.33 -34.03 -24.48
C GLU D 71 33.47 -35.52 -24.15
N ALA D 72 34.28 -36.22 -24.94
CA ALA D 72 34.53 -37.64 -24.69
C ALA D 72 35.25 -37.85 -23.36
N GLY D 73 36.24 -37.03 -23.07
CA GLY D 73 36.91 -37.10 -21.78
C GLY D 73 35.95 -36.79 -20.64
N GLU D 74 35.99 -37.64 -19.61
CA GLU D 74 35.09 -37.50 -18.47
C GLU D 74 35.85 -37.19 -17.18
N THR D 75 37.08 -36.71 -17.29
CA THR D 75 37.89 -36.37 -16.12
C THR D 75 38.22 -34.88 -16.06
N GLU D 76 37.29 -34.05 -16.55
CA GLU D 76 37.50 -32.61 -16.56
C GLU D 76 36.27 -31.83 -16.12
N CYS D 77 35.22 -32.50 -15.62
CA CYS D 77 34.01 -31.82 -15.18
C CYS D 77 33.98 -31.58 -13.69
N TRP D 78 34.04 -32.66 -12.90
CA TRP D 78 33.88 -32.53 -11.45
C TRP D 78 35.03 -31.76 -10.83
N LYS D 79 36.24 -31.93 -11.36
CA LYS D 79 37.41 -31.25 -10.78
C LYS D 79 37.84 -30.05 -11.61
N LYS D 80 38.19 -30.27 -12.88
CA LYS D 80 38.89 -29.25 -13.66
C LYS D 80 37.97 -28.07 -13.97
N ALA D 81 36.83 -28.34 -14.60
CA ALA D 81 35.92 -27.26 -14.98
C ALA D 81 35.40 -26.53 -13.74
N GLN D 82 35.10 -27.28 -12.68
CA GLN D 82 34.63 -26.65 -11.45
C GLN D 82 35.70 -25.72 -10.87
N GLU D 83 36.95 -26.18 -10.84
CA GLU D 83 38.04 -25.34 -10.32
C GLU D 83 38.24 -24.09 -11.15
N ILE D 84 38.20 -24.24 -12.48
CA ILE D 84 38.43 -23.07 -13.34
C ILE D 84 37.28 -22.08 -13.23
N LEU D 85 36.04 -22.59 -13.14
CA LEU D 85 34.91 -21.68 -12.93
C LEU D 85 34.98 -20.99 -11.58
N ASN D 86 35.40 -21.70 -10.53
CA ASN D 86 35.56 -21.07 -9.22
C ASN D 86 36.64 -19.99 -9.28
N LYS D 87 37.75 -20.26 -9.97
CA LYS D 87 38.81 -19.28 -10.09
C LYS D 87 38.43 -18.11 -11.00
N CYS D 88 37.44 -18.30 -11.87
CA CYS D 88 36.94 -17.20 -12.67
C CYS D 88 36.05 -16.25 -11.87
N GLY D 89 35.63 -16.66 -10.67
CA GLY D 89 34.73 -15.88 -9.86
C GLY D 89 33.34 -16.44 -9.71
N PHE D 90 33.09 -17.66 -10.16
CA PHE D 90 31.78 -18.29 -10.09
C PHE D 90 31.83 -19.35 -8.99
N LYS D 91 31.24 -19.04 -7.84
CA LYS D 91 31.23 -19.98 -6.73
C LYS D 91 30.40 -21.21 -7.05
N ASN D 92 30.77 -22.33 -6.45
CA ASN D 92 30.13 -23.61 -6.68
C ASN D 92 29.30 -24.03 -5.48
N LYS D 93 28.13 -24.60 -5.74
CA LYS D 93 27.28 -25.17 -4.70
C LYS D 93 26.39 -26.22 -5.36
N ASP D 94 26.58 -27.48 -4.96
CA ASP D 94 25.76 -28.60 -5.44
C ASP D 94 25.75 -28.69 -6.96
N ASP D 95 26.94 -28.97 -7.50
CA ASP D 95 27.18 -29.18 -8.94
C ASP D 95 26.53 -28.09 -9.80
N ASN D 96 26.43 -26.88 -9.27
CA ASN D 96 25.96 -25.73 -10.01
C ASN D 96 26.76 -24.51 -9.57
N THR D 97 26.78 -23.49 -10.44
CA THR D 97 27.66 -22.35 -10.25
C THR D 97 26.97 -21.17 -9.55
N LYS D 98 25.92 -21.44 -8.79
CA LYS D 98 25.19 -20.45 -7.98
C LYS D 98 24.41 -19.47 -8.85
N MET D 99 25.09 -18.51 -9.47
CA MET D 99 24.41 -17.50 -10.26
C MET D 99 24.47 -17.82 -11.74
N LEU D 100 23.50 -17.29 -12.49
CA LEU D 100 23.38 -17.58 -13.90
C LEU D 100 24.49 -16.90 -14.69
N VAL D 101 24.85 -17.51 -15.82
CA VAL D 101 25.84 -16.98 -16.74
C VAL D 101 25.21 -16.97 -18.13
N PHE D 102 24.94 -15.78 -18.65
CA PHE D 102 24.40 -15.62 -20.00
C PHE D 102 25.55 -15.53 -20.99
N MET D 103 25.53 -16.40 -21.99
CA MET D 103 26.69 -16.57 -22.87
C MET D 103 26.24 -17.22 -24.16
N SER D 104 27.04 -17.01 -25.21
CA SER D 104 26.73 -17.58 -26.51
C SER D 104 26.79 -19.10 -26.47
N LYS D 105 25.96 -19.75 -27.28
CA LYS D 105 25.67 -21.16 -27.10
C LYS D 105 26.76 -22.08 -27.66
N ASP D 106 27.11 -21.94 -28.93
CA ASP D 106 27.96 -22.93 -29.59
C ASP D 106 29.44 -22.53 -29.63
N LYS D 107 29.74 -21.42 -30.28
CA LYS D 107 31.13 -21.10 -30.60
C LYS D 107 31.94 -20.78 -29.35
N ILE D 108 31.43 -19.92 -28.48
CA ILE D 108 32.21 -19.64 -27.28
C ILE D 108 32.22 -20.85 -26.37
N LYS D 109 31.24 -21.73 -26.49
CA LYS D 109 31.24 -22.95 -25.70
C LYS D 109 32.38 -23.88 -26.09
N ASP D 110 32.55 -24.16 -27.39
CA ASP D 110 33.64 -25.05 -27.75
C ASP D 110 35.00 -24.36 -27.66
N LEU D 111 35.03 -23.02 -27.75
CA LEU D 111 36.26 -22.33 -27.37
C LEU D 111 36.60 -22.55 -25.90
N ALA D 112 35.62 -22.47 -25.00
CA ALA D 112 35.88 -22.75 -23.59
C ALA D 112 36.20 -24.23 -23.35
N ARG D 113 35.66 -25.12 -24.18
CA ARG D 113 36.03 -26.53 -24.10
C ARG D 113 37.49 -26.74 -24.49
N ILE D 114 37.93 -26.10 -25.58
CA ILE D 114 39.32 -26.20 -26.01
C ILE D 114 40.24 -25.61 -24.95
N VAL D 115 39.84 -24.49 -24.35
CA VAL D 115 40.66 -23.84 -23.33
C VAL D 115 40.82 -24.75 -22.13
N LEU D 116 39.75 -25.44 -21.73
CA LEU D 116 39.78 -26.28 -20.54
C LEU D 116 40.56 -27.57 -20.72
N ASP D 117 40.74 -28.04 -21.96
CA ASP D 117 41.34 -29.35 -22.23
C ASP D 117 42.82 -29.17 -22.53
N ASN D 118 43.65 -29.28 -21.49
CA ASN D 118 45.10 -29.38 -21.62
C ASN D 118 45.73 -28.10 -22.17
N SER D 119 47.06 -28.07 -22.21
CA SER D 119 47.84 -26.98 -22.79
C SER D 119 47.67 -25.67 -22.01
N LEU D 120 48.39 -24.63 -22.43
CA LEU D 120 48.33 -23.28 -21.90
C LEU D 120 48.55 -23.21 -20.39
N GLY D 121 48.97 -24.32 -19.79
CA GLY D 121 49.32 -24.32 -18.38
C GLY D 121 48.14 -24.12 -17.46
N LEU D 122 48.46 -23.89 -16.20
CA LEU D 122 47.46 -23.65 -15.16
C LEU D 122 47.48 -22.17 -14.74
N THR D 123 46.49 -21.79 -13.95
CA THR D 123 46.33 -20.45 -13.40
C THR D 123 46.10 -19.41 -14.49
N GLU D 124 46.14 -19.82 -15.75
CA GLU D 124 45.89 -18.95 -16.88
C GLU D 124 44.67 -19.35 -17.68
N ALA D 125 44.18 -20.58 -17.51
CA ALA D 125 42.94 -20.99 -18.18
C ALA D 125 41.75 -20.19 -17.65
N ALA D 126 41.81 -19.74 -16.40
CA ALA D 126 40.76 -18.86 -15.89
C ALA D 126 40.72 -17.55 -16.67
N GLN D 127 41.89 -17.00 -17.00
CA GLN D 127 41.95 -15.79 -17.81
C GLN D 127 41.30 -16.01 -19.17
N GLN D 128 41.62 -17.13 -19.83
CA GLN D 128 41.05 -17.39 -21.14
C GLN D 128 39.54 -17.59 -21.06
N VAL D 129 39.07 -18.31 -20.05
CA VAL D 129 37.63 -18.55 -19.91
C VAL D 129 36.90 -17.24 -19.66
N ALA D 130 37.46 -16.39 -18.79
CA ALA D 130 36.83 -15.10 -18.52
C ALA D 130 36.82 -14.23 -19.78
N ASN D 131 37.92 -14.25 -20.54
CA ASN D 131 37.98 -13.45 -21.75
C ASN D 131 36.96 -13.90 -22.78
N VAL D 132 36.80 -15.22 -22.96
CA VAL D 132 35.82 -15.68 -23.93
C VAL D 132 34.40 -15.44 -23.44
N ILE D 133 34.14 -15.54 -22.13
CA ILE D 133 32.78 -15.33 -21.63
C ILE D 133 32.39 -13.86 -21.74
N ALA D 134 33.30 -12.96 -21.39
CA ALA D 134 32.99 -11.53 -21.32
C ALA D 134 32.93 -10.86 -22.68
N GLN D 135 33.27 -11.57 -23.76
CA GLN D 135 33.40 -10.93 -25.07
C GLN D 135 32.50 -11.56 -26.13
N ALA D 136 31.68 -12.55 -25.77
CA ALA D 136 30.84 -13.21 -26.77
C ALA D 136 29.87 -12.24 -27.42
N THR D 137 28.87 -11.77 -26.66
CA THR D 137 28.03 -10.63 -27.03
C THR D 137 27.30 -10.82 -28.36
N LEU D 138 27.50 -11.96 -29.02
CA LEU D 138 27.02 -12.16 -30.39
C LEU D 138 25.84 -13.13 -30.35
N ALA D 139 24.65 -12.59 -30.13
CA ALA D 139 23.44 -13.39 -30.00
C ALA D 139 22.21 -12.50 -30.09
N PRO D 140 21.24 -12.83 -30.94
CA PRO D 140 20.03 -11.99 -31.02
C PRO D 140 19.30 -11.86 -29.70
N ASP D 141 19.22 -12.94 -28.92
CA ASP D 141 18.53 -12.86 -27.63
C ASP D 141 19.34 -12.06 -26.61
N ILE D 142 20.67 -12.19 -26.63
CA ILE D 142 21.49 -11.33 -25.78
C ILE D 142 21.42 -9.88 -26.26
N ALA D 143 21.35 -9.68 -27.57
CA ALA D 143 21.23 -8.34 -28.10
C ALA D 143 19.90 -7.70 -27.71
N LEU D 144 18.86 -8.50 -27.55
CA LEU D 144 17.55 -7.94 -27.20
C LEU D 144 17.39 -7.79 -25.69
N CYS D 145 17.50 -8.90 -24.95
CA CYS D 145 17.24 -8.88 -23.51
C CYS D 145 18.40 -8.35 -22.70
N GLY D 146 19.59 -8.20 -23.28
CA GLY D 146 20.73 -7.69 -22.57
C GLY D 146 21.46 -8.75 -21.78
N ARG D 147 22.58 -8.34 -21.20
CA ARG D 147 23.42 -9.21 -20.39
C ARG D 147 24.06 -8.36 -19.31
N MET D 148 24.28 -8.96 -18.14
CA MET D 148 24.84 -8.22 -17.00
C MET D 148 25.30 -9.24 -15.97
N LEU D 149 26.60 -9.21 -15.66
CA LEU D 149 27.23 -10.32 -14.96
C LEU D 149 28.45 -9.79 -14.21
N GLU D 150 28.44 -9.91 -12.90
CA GLU D 150 29.63 -9.63 -12.09
C GLU D 150 30.04 -10.87 -11.31
N PRO D 151 31.18 -11.47 -11.60
CA PRO D 151 31.64 -12.61 -10.80
C PRO D 151 32.02 -12.17 -9.40
N ASN D 152 31.88 -13.12 -8.46
CA ASN D 152 32.21 -12.86 -7.07
C ASN D 152 33.73 -12.73 -6.97
N ASP D 153 34.18 -11.68 -6.27
CA ASP D 153 35.61 -11.38 -6.18
C ASP D 153 36.30 -12.10 -5.02
N LYS D 154 35.55 -12.65 -4.08
CA LYS D 154 36.18 -13.31 -2.93
C LYS D 154 36.85 -14.62 -3.34
N ASP D 155 36.14 -15.46 -4.11
CA ASP D 155 36.69 -16.75 -4.50
C ASP D 155 37.70 -16.61 -5.64
N LYS D 156 37.49 -15.67 -6.55
CA LYS D 156 38.37 -15.52 -7.69
C LYS D 156 39.76 -15.06 -7.25
N ASP D 157 40.80 -15.64 -7.86
CA ASP D 157 42.15 -15.23 -7.56
C ASP D 157 42.40 -13.82 -8.11
N LYS D 158 43.31 -13.10 -7.44
CA LYS D 158 43.59 -11.72 -7.81
C LYS D 158 44.31 -11.61 -9.14
N LYS D 159 44.80 -12.71 -9.71
CA LYS D 159 45.51 -12.67 -10.97
C LYS D 159 44.59 -12.76 -12.18
N VAL D 160 43.27 -12.82 -11.97
CA VAL D 160 42.31 -12.90 -13.06
C VAL D 160 41.54 -11.59 -13.11
N LYS D 161 41.53 -10.96 -14.29
CA LYS D 161 40.84 -9.70 -14.51
C LYS D 161 39.73 -9.91 -15.53
N TRP D 162 38.58 -9.30 -15.24
CA TRP D 162 37.37 -9.47 -16.06
C TRP D 162 37.14 -8.24 -16.91
N SER D 163 36.85 -8.46 -18.20
CA SER D 163 36.54 -7.38 -19.11
C SER D 163 35.09 -6.95 -18.91
N ASN D 164 34.59 -6.09 -19.79
CA ASN D 164 33.23 -5.58 -19.68
C ASN D 164 32.26 -6.69 -20.08
N THR D 165 31.44 -7.13 -19.12
CA THR D 165 30.49 -8.21 -19.35
C THR D 165 29.11 -7.70 -19.76
N THR D 166 28.75 -6.49 -19.32
CA THR D 166 27.41 -5.99 -19.57
C THR D 166 27.22 -5.60 -21.03
N VAL D 167 26.00 -5.84 -21.53
CA VAL D 167 25.59 -5.34 -22.83
C VAL D 167 24.28 -4.58 -22.63
N GLU D 168 24.04 -3.62 -23.53
CA GLU D 168 22.85 -2.78 -23.44
C GLU D 168 21.70 -3.43 -24.19
N ALA D 169 20.57 -3.56 -23.52
CA ALA D 169 19.41 -4.22 -24.11
C ALA D 169 18.79 -3.34 -25.20
N ALA D 170 18.52 -3.95 -26.34
CA ALA D 170 17.87 -3.26 -27.45
C ALA D 170 16.37 -3.46 -27.46
N LEU D 171 15.81 -4.12 -26.45
CA LEU D 171 14.38 -4.41 -26.39
C LEU D 171 13.80 -3.92 -25.08
N GLN D 172 12.69 -3.19 -25.17
CA GLN D 172 11.92 -2.77 -24.01
C GLN D 172 10.53 -3.37 -24.10
N VAL D 173 10.12 -4.09 -23.07
CA VAL D 173 8.82 -4.74 -23.01
C VAL D 173 8.09 -4.25 -21.79
N ALA D 174 6.87 -3.76 -21.98
CA ALA D 174 6.02 -3.34 -20.88
C ALA D 174 5.14 -4.49 -20.42
N HIS D 175 4.79 -4.46 -19.13
CA HIS D 175 3.88 -5.45 -18.60
C HIS D 175 2.51 -5.32 -19.25
N ALA D 176 1.91 -6.45 -19.61
CA ALA D 176 0.60 -6.45 -20.21
C ALA D 176 -0.45 -6.11 -19.17
N ILE D 177 -1.18 -5.02 -19.37
CA ILE D 177 -2.19 -4.57 -18.43
C ILE D 177 -3.56 -4.66 -19.10
N SER D 178 -4.55 -5.11 -18.33
CA SER D 178 -5.91 -5.21 -18.85
C SER D 178 -6.49 -3.82 -19.06
N THR D 179 -7.32 -3.71 -20.11
CA THR D 179 -7.98 -2.46 -20.44
C THR D 179 -9.22 -2.21 -19.60
N HIS D 180 -9.62 -3.16 -18.75
CA HIS D 180 -10.80 -3.07 -17.93
C HIS D 180 -10.45 -3.48 -16.51
N ILE D 181 -11.45 -3.43 -15.62
CA ILE D 181 -11.23 -3.83 -14.23
C ILE D 181 -11.04 -5.34 -14.16
N ALA D 182 -10.08 -5.77 -13.36
CA ALA D 182 -9.82 -7.20 -13.20
C ALA D 182 -10.95 -7.86 -12.44
N ARG D 183 -11.31 -9.07 -12.88
CA ARG D 183 -12.36 -9.87 -12.24
C ARG D 183 -11.76 -11.24 -11.94
N PRO D 184 -10.99 -11.35 -10.86
CA PRO D 184 -10.41 -12.65 -10.50
C PRO D 184 -11.49 -13.61 -10.03
N GLU D 185 -11.58 -14.77 -10.67
CA GLU D 185 -12.57 -15.77 -10.34
C GLU D 185 -11.90 -17.00 -9.77
N ILE D 186 -12.58 -17.64 -8.82
CA ILE D 186 -12.09 -18.82 -8.12
C ILE D 186 -12.76 -20.04 -8.74
N ASP D 187 -11.95 -21.04 -9.08
CA ASP D 187 -12.44 -22.31 -9.60
C ASP D 187 -12.25 -23.38 -8.52
N TYR D 188 -13.35 -24.04 -8.17
CA TYR D 188 -13.34 -25.07 -7.14
C TYR D 188 -13.20 -26.43 -7.82
N PHE D 189 -12.17 -27.18 -7.45
CA PHE D 189 -11.91 -28.47 -8.07
C PHE D 189 -11.69 -29.52 -6.99
N VAL D 190 -11.95 -30.78 -7.36
CA VAL D 190 -11.64 -31.93 -6.53
C VAL D 190 -10.87 -32.93 -7.39
N ALA D 191 -10.15 -33.81 -6.71
CA ALA D 191 -9.45 -34.91 -7.35
C ALA D 191 -10.06 -36.22 -6.86
N ALA D 192 -10.53 -37.04 -7.77
CA ALA D 192 -11.33 -38.21 -7.42
C ALA D 192 -10.47 -39.47 -7.44
N ASP D 193 -10.60 -40.27 -6.39
CA ASP D 193 -9.97 -41.58 -6.33
C ASP D 193 -10.68 -42.54 -7.28
N ASP D 194 -9.89 -43.22 -8.10
CA ASP D 194 -10.48 -44.07 -9.14
C ASP D 194 -11.13 -45.32 -8.55
N VAL D 195 -10.44 -45.99 -7.63
CA VAL D 195 -10.91 -47.23 -7.05
C VAL D 195 -11.60 -46.93 -5.72
N PRO D 196 -12.79 -47.46 -5.45
CA PRO D 196 -13.45 -47.29 -4.14
C PRO D 196 -13.07 -48.40 -3.15
N GLY D 197 -11.81 -48.41 -2.75
CA GLY D 197 -11.32 -49.39 -1.80
C GLY D 197 -11.57 -49.06 -0.36
N GLU D 198 -12.29 -47.97 -0.09
CA GLU D 198 -12.58 -47.53 1.27
C GLU D 198 -13.96 -46.87 1.25
N ASP D 199 -14.25 -46.08 2.27
CA ASP D 199 -15.51 -45.36 2.32
C ASP D 199 -15.65 -44.39 1.14
N ALA D 200 -16.85 -43.84 0.98
CA ALA D 200 -17.19 -43.02 -0.19
C ALA D 200 -16.63 -41.60 0.00
N GLY D 201 -15.31 -41.51 -0.06
CA GLY D 201 -14.61 -40.24 -0.06
C GLY D 201 -14.46 -39.69 -1.46
N ALA D 202 -13.69 -38.59 -1.55
CA ALA D 202 -13.41 -37.96 -2.83
C ALA D 202 -11.93 -37.98 -3.18
N GLY D 203 -11.07 -37.48 -2.28
CA GLY D 203 -9.65 -37.39 -2.57
C GLY D 203 -9.06 -36.06 -2.16
N HIS D 204 -8.50 -35.33 -3.12
CA HIS D 204 -7.93 -34.01 -2.85
C HIS D 204 -8.90 -32.91 -3.29
N ILE D 205 -9.00 -31.87 -2.47
CA ILE D 205 -9.82 -30.70 -2.75
C ILE D 205 -8.91 -29.48 -2.70
N GLY D 206 -9.01 -28.63 -3.73
CA GLY D 206 -8.12 -27.48 -3.79
C GLY D 206 -8.78 -26.21 -4.26
N GLU D 207 -7.97 -25.19 -4.50
CA GLU D 207 -8.44 -23.88 -4.93
C GLU D 207 -7.70 -23.47 -6.18
N SER D 208 -8.43 -23.17 -7.24
CA SER D 208 -7.87 -22.69 -8.50
C SER D 208 -8.41 -21.31 -8.80
N MET D 209 -7.51 -20.36 -9.06
CA MET D 209 -7.87 -18.98 -9.31
C MET D 209 -7.42 -18.59 -10.71
N PHE D 210 -8.34 -18.02 -11.47
CA PHE D 210 -8.11 -17.66 -12.87
C PHE D 210 -8.81 -16.34 -13.16
N ALA D 211 -8.60 -15.83 -14.37
CA ALA D 211 -9.24 -14.59 -14.79
C ALA D 211 -9.24 -14.53 -16.31
N SER D 212 -10.10 -13.66 -16.84
CA SER D 212 -10.16 -13.37 -18.26
C SER D 212 -10.05 -11.86 -18.45
N ALA D 213 -9.20 -11.45 -19.40
CA ALA D 213 -8.95 -10.03 -19.58
C ALA D 213 -8.56 -9.76 -21.01
N CYS D 214 -8.73 -8.50 -21.41
CA CYS D 214 -8.26 -7.97 -22.68
C CYS D 214 -7.01 -7.14 -22.41
N PHE D 215 -5.89 -7.53 -23.01
CA PHE D 215 -4.59 -7.01 -22.65
C PHE D 215 -4.07 -6.02 -23.69
N TYR D 216 -3.41 -4.97 -23.21
CA TYR D 216 -2.67 -4.04 -24.04
C TYR D 216 -1.19 -4.33 -23.86
N LYS D 217 -0.50 -4.60 -24.97
CA LYS D 217 0.92 -4.95 -24.95
C LYS D 217 1.74 -3.86 -25.62
N TYR D 218 2.96 -3.67 -25.10
CA TYR D 218 3.87 -2.66 -25.59
C TYR D 218 5.25 -3.26 -25.79
N PHE D 219 5.86 -2.97 -26.94
CA PHE D 219 7.21 -3.38 -27.24
C PHE D 219 7.96 -2.21 -27.86
N SER D 220 9.29 -2.27 -27.76
CA SER D 220 10.14 -1.22 -28.34
C SER D 220 11.51 -1.81 -28.64
N ILE D 221 11.86 -1.86 -29.92
CA ILE D 221 13.15 -2.37 -30.36
C ILE D 221 13.95 -1.19 -30.93
N ASP D 222 15.11 -0.94 -30.34
CA ASP D 222 16.00 0.11 -30.84
C ASP D 222 16.82 -0.44 -32.01
N TRP D 223 16.58 0.09 -33.20
CA TRP D 223 17.21 -0.45 -34.40
C TRP D 223 18.72 -0.23 -34.38
N GLU D 224 19.16 1.00 -34.10
CA GLU D 224 20.59 1.30 -34.08
C GLU D 224 21.29 0.50 -32.99
N GLN D 225 20.67 0.42 -31.80
CA GLN D 225 21.26 -0.35 -30.71
C GLN D 225 21.33 -1.84 -31.05
N LEU D 226 20.28 -2.37 -31.68
CA LEU D 226 20.30 -3.77 -32.08
C LEU D 226 21.39 -4.05 -33.11
N VAL D 227 21.56 -3.15 -34.08
CA VAL D 227 22.62 -3.33 -35.07
C VAL D 227 23.99 -3.25 -34.40
N LYS D 228 24.15 -2.31 -33.47
CA LYS D 228 25.43 -2.16 -32.77
C LYS D 228 25.75 -3.41 -31.95
N ASN D 229 24.75 -3.97 -31.28
CA ASN D 229 24.97 -5.16 -30.46
C ASN D 229 25.31 -6.39 -31.28
N LEU D 230 24.95 -6.41 -32.57
CA LEU D 230 25.23 -7.54 -33.44
C LEU D 230 26.42 -7.29 -34.36
N LYS D 231 27.33 -6.40 -33.94
CA LYS D 231 28.56 -6.11 -34.70
C LYS D 231 28.25 -5.60 -36.11
N GLY D 232 27.17 -4.85 -36.24
CA GLY D 232 26.83 -4.23 -37.51
C GLY D 232 26.14 -5.12 -38.52
N ASP D 233 25.67 -6.30 -38.10
CA ASP D 233 24.98 -7.21 -39.01
C ASP D 233 23.55 -6.71 -39.21
N THR D 234 23.31 -5.99 -40.30
CA THR D 234 21.98 -5.45 -40.56
C THR D 234 20.99 -6.55 -40.92
N ASN D 235 21.43 -7.55 -41.68
CA ASN D 235 20.54 -8.63 -42.05
C ASN D 235 20.11 -9.45 -40.83
N LEU D 236 21.05 -9.72 -39.93
CA LEU D 236 20.70 -10.43 -38.70
C LEU D 236 19.74 -9.61 -37.85
N ALA D 237 19.95 -8.29 -37.77
CA ALA D 237 19.04 -7.44 -37.01
C ALA D 237 17.64 -7.41 -37.64
N ALA D 238 17.57 -7.37 -38.96
CA ALA D 238 16.27 -7.39 -39.63
C ALA D 238 15.56 -8.73 -39.39
N HIS D 239 16.30 -9.84 -39.47
CA HIS D 239 15.72 -11.13 -39.16
C HIS D 239 15.22 -11.18 -37.72
N THR D 240 15.99 -10.62 -36.79
CA THR D 240 15.58 -10.58 -35.40
C THR D 240 14.30 -9.77 -35.22
N VAL D 241 14.22 -8.62 -35.88
CA VAL D 241 13.03 -7.78 -35.76
C VAL D 241 11.80 -8.49 -36.34
N GLY D 242 11.94 -9.10 -37.51
CA GLY D 242 10.83 -9.82 -38.10
C GLY D 242 10.38 -11.01 -37.28
N ALA D 243 11.33 -11.80 -36.79
CA ALA D 243 10.98 -12.94 -35.96
C ALA D 243 10.35 -12.52 -34.64
N PHE D 244 10.83 -11.43 -34.04
CA PHE D 244 10.21 -10.93 -32.82
C PHE D 244 8.79 -10.45 -33.09
N LEU D 245 8.58 -9.76 -34.22
CA LEU D 245 7.23 -9.31 -34.55
C LEU D 245 6.30 -10.49 -34.76
N LEU D 246 6.78 -11.54 -35.43
CA LEU D 246 5.96 -12.73 -35.61
C LEU D 246 5.66 -13.41 -34.28
N ALA D 247 6.67 -13.59 -33.44
CA ALA D 247 6.48 -14.27 -32.17
C ALA D 247 5.56 -13.51 -31.22
N ALA D 248 5.70 -12.18 -31.15
CA ALA D 248 4.88 -11.41 -30.22
C ALA D 248 3.40 -11.61 -30.50
N ALA D 249 3.04 -11.96 -31.73
CA ALA D 249 1.66 -12.23 -32.08
C ALA D 249 1.30 -13.72 -31.98
N LYS D 250 2.18 -14.61 -32.42
CA LYS D 250 1.79 -16.00 -32.61
C LYS D 250 2.11 -16.93 -31.44
N THR D 251 2.71 -16.44 -30.36
CA THR D 251 2.90 -17.28 -29.18
C THR D 251 2.38 -16.58 -27.95
N ASN D 252 1.95 -17.38 -26.98
CA ASN D 252 1.34 -16.93 -25.74
C ASN D 252 2.09 -17.52 -24.55
N PRO D 253 1.93 -16.94 -23.36
CA PRO D 253 2.59 -17.51 -22.18
C PRO D 253 2.18 -18.96 -21.97
N SER D 254 3.14 -19.75 -21.47
CA SER D 254 3.00 -21.20 -21.37
C SER D 254 2.68 -21.64 -19.96
N GLY D 255 1.80 -20.90 -19.27
CA GLY D 255 1.43 -21.22 -17.91
C GLY D 255 0.44 -22.36 -17.87
N LYS D 256 -0.63 -22.21 -17.10
CA LYS D 256 -1.61 -23.29 -16.97
C LYS D 256 -2.41 -23.42 -18.25
N GLN D 257 -1.75 -23.82 -19.34
CA GLN D 257 -2.42 -23.97 -20.62
C GLN D 257 -2.94 -25.38 -20.85
N ASN D 258 -2.48 -26.36 -20.08
CA ASN D 258 -3.05 -27.71 -20.18
C ASN D 258 -4.49 -27.74 -19.69
N SER D 259 -4.84 -26.84 -18.76
CA SER D 259 -6.20 -26.75 -18.25
C SER D 259 -6.91 -25.46 -18.63
N PHE D 260 -6.16 -24.40 -18.97
CA PHE D 260 -6.73 -23.12 -19.40
C PHE D 260 -6.06 -22.79 -20.74
N ALA D 261 -6.62 -23.31 -21.82
CA ALA D 261 -6.06 -23.08 -23.14
C ALA D 261 -6.50 -21.71 -23.63
N ALA D 262 -5.56 -20.77 -23.74
CA ALA D 262 -5.87 -19.40 -24.11
C ALA D 262 -5.06 -18.98 -25.32
N HIS D 263 -5.06 -19.81 -26.36
CA HIS D 263 -4.27 -19.57 -27.56
C HIS D 263 -5.01 -18.64 -28.52
N ASN D 264 -5.30 -17.44 -28.04
CA ASN D 264 -5.99 -16.43 -28.83
C ASN D 264 -4.98 -15.45 -29.41
N TYR D 265 -4.97 -15.33 -30.74
CA TYR D 265 -4.08 -14.34 -31.34
C TYR D 265 -4.67 -12.94 -31.23
N PRO D 266 -3.81 -11.92 -31.22
CA PRO D 266 -4.31 -10.55 -31.08
C PRO D 266 -5.22 -10.15 -32.22
N ASP D 267 -6.23 -9.35 -31.89
CA ASP D 267 -7.19 -8.83 -32.86
C ASP D 267 -6.86 -7.41 -33.29
N GLY D 268 -5.72 -6.88 -32.87
CA GLY D 268 -5.26 -5.58 -33.34
C GLY D 268 -3.79 -5.35 -33.02
N ILE D 269 -3.01 -4.98 -34.02
CA ILE D 269 -1.59 -4.70 -33.86
C ILE D 269 -1.29 -3.37 -34.53
N LEU D 270 -0.62 -2.47 -33.80
CA LEU D 270 -0.27 -1.15 -34.31
C LEU D 270 1.24 -0.99 -34.23
N VAL D 271 1.89 -0.94 -35.39
CA VAL D 271 3.33 -0.80 -35.48
C VAL D 271 3.64 0.56 -36.09
N GLU D 272 4.24 1.44 -35.30
CA GLU D 272 4.65 2.75 -35.77
C GLU D 272 6.12 2.97 -35.47
N PHE D 273 6.81 3.64 -36.38
CA PHE D 273 8.23 3.91 -36.28
C PHE D 273 8.43 5.36 -35.85
N LYS D 274 9.22 5.57 -34.81
CA LYS D 274 9.43 6.91 -34.27
C LYS D 274 10.78 6.96 -33.59
N ASN D 275 11.29 8.18 -33.41
CA ASN D 275 12.59 8.39 -32.78
C ASN D 275 12.50 8.43 -31.26
N SER D 276 11.31 8.54 -30.69
CA SER D 276 11.12 8.54 -29.25
C SER D 276 10.01 7.57 -28.89
N PRO D 277 10.14 6.87 -27.75
CA PRO D 277 9.13 5.89 -27.37
C PRO D 277 7.96 6.53 -26.62
N ILE D 278 6.75 6.28 -27.11
CA ILE D 278 5.52 6.66 -26.42
C ILE D 278 4.65 5.42 -26.27
N SER D 279 4.15 5.20 -25.06
CA SER D 279 3.28 4.07 -24.76
C SER D 279 1.84 4.56 -24.63
N TYR D 280 0.94 3.92 -25.37
CA TYR D 280 -0.47 4.27 -25.31
C TYR D 280 -1.20 3.47 -24.23
N ALA D 281 -0.64 3.48 -23.02
CA ALA D 281 -1.28 2.82 -21.90
C ALA D 281 -2.30 3.70 -21.20
N ASN D 282 -2.18 5.03 -21.37
CA ASN D 282 -3.13 5.97 -20.79
C ASN D 282 -4.46 5.99 -21.54
N ALA D 283 -4.55 5.29 -22.67
CA ALA D 283 -5.84 5.12 -23.33
C ALA D 283 -6.81 4.36 -22.44
N PHE D 284 -6.29 3.59 -21.48
CA PHE D 284 -7.09 2.75 -20.60
C PHE D 284 -6.91 3.14 -19.13
N VAL D 285 -6.53 4.39 -18.86
CA VAL D 285 -6.56 4.88 -17.49
C VAL D 285 -8.00 4.92 -16.99
N ARG D 286 -8.95 5.15 -17.89
CA ARG D 286 -10.36 4.92 -17.59
C ARG D 286 -10.72 3.50 -18.01
N PRO D 287 -11.05 2.61 -17.07
CA PRO D 287 -11.33 1.23 -17.45
C PRO D 287 -12.51 1.12 -18.40
N VAL D 288 -12.40 0.18 -19.34
CA VAL D 288 -13.40 0.00 -20.38
C VAL D 288 -14.59 -0.74 -19.79
N SER D 289 -15.78 -0.15 -19.93
CA SER D 289 -17.03 -0.77 -19.51
C SER D 289 -17.81 -1.18 -20.75
N VAL D 290 -18.19 -2.44 -20.82
CA VAL D 290 -18.85 -2.99 -22.00
C VAL D 290 -20.30 -2.51 -22.05
N VAL D 291 -20.74 -2.14 -23.24
CA VAL D 291 -22.13 -1.77 -23.47
C VAL D 291 -22.82 -2.89 -24.23
N LYS D 292 -24.15 -2.80 -24.32
CA LYS D 292 -24.91 -3.87 -24.96
C LYS D 292 -24.73 -3.86 -26.48
N GLU D 293 -24.42 -2.71 -27.07
CA GLU D 293 -24.33 -2.58 -28.52
C GLU D 293 -22.93 -2.80 -29.06
N SER D 294 -21.98 -3.23 -28.23
CA SER D 294 -20.63 -3.49 -28.68
C SER D 294 -20.00 -4.56 -27.80
N ASP D 295 -18.75 -4.89 -28.08
CA ASP D 295 -17.99 -5.83 -27.27
C ASP D 295 -16.74 -5.16 -26.71
N LEU D 296 -16.04 -5.88 -25.84
CA LEU D 296 -14.90 -5.31 -25.12
C LEU D 296 -13.75 -4.97 -26.05
N VAL D 297 -13.48 -5.83 -27.03
CA VAL D 297 -12.32 -5.62 -27.91
C VAL D 297 -12.52 -4.36 -28.76
N GLU D 298 -13.70 -4.19 -29.34
CA GLU D 298 -13.94 -3.03 -30.19
C GLU D 298 -13.90 -1.74 -29.38
N GLN D 299 -14.44 -1.76 -28.16
CA GLN D 299 -14.38 -0.58 -27.31
C GLN D 299 -12.95 -0.24 -26.91
N SER D 300 -12.16 -1.26 -26.59
CA SER D 300 -10.76 -1.01 -26.25
C SER D 300 -10.01 -0.42 -27.44
N ILE D 301 -10.25 -0.96 -28.64
CA ILE D 301 -9.59 -0.44 -29.83
C ILE D 301 -10.04 0.98 -30.11
N GLY D 302 -11.31 1.30 -29.86
CA GLY D 302 -11.79 2.65 -30.04
C GLY D 302 -11.14 3.64 -29.09
N GLN D 303 -11.02 3.27 -27.82
CA GLN D 303 -10.33 4.13 -26.87
C GLN D 303 -8.86 4.30 -27.26
N LEU D 304 -8.22 3.22 -27.70
CA LEU D 304 -6.84 3.31 -28.16
C LEU D 304 -6.73 4.25 -29.36
N SER D 305 -7.69 4.18 -30.28
CA SER D 305 -7.69 5.06 -31.44
C SER D 305 -7.85 6.52 -31.03
N ASN D 306 -8.74 6.79 -30.08
CA ASN D 306 -8.91 8.17 -29.61
C ASN D 306 -7.63 8.69 -28.99
N TYR D 307 -6.98 7.88 -28.14
CA TYR D 307 -5.74 8.31 -27.51
C TYR D 307 -4.63 8.51 -28.54
N VAL D 308 -4.54 7.62 -29.53
CA VAL D 308 -3.52 7.74 -30.55
C VAL D 308 -3.72 9.00 -31.38
N ASN D 309 -4.96 9.28 -31.77
CA ASN D 309 -5.25 10.50 -32.51
C ASN D 309 -4.91 11.73 -31.69
N ASP D 310 -5.25 11.71 -30.40
CA ASP D 310 -4.89 12.82 -29.53
C ASP D 310 -3.38 13.01 -29.46
N ILE D 311 -2.64 11.92 -29.36
CA ILE D 311 -1.19 12.01 -29.29
C ILE D 311 -0.62 12.59 -30.59
N ARG D 312 -1.09 12.08 -31.73
CA ARG D 312 -0.56 12.55 -33.01
C ARG D 312 -0.86 14.03 -33.24
N LEU D 313 -2.09 14.47 -32.97
CA LEU D 313 -2.38 15.88 -33.21
C LEU D 313 -2.04 16.77 -32.02
N GLY D 314 -1.54 16.22 -30.93
CA GLY D 314 -1.18 17.06 -29.81
C GLY D 314 0.29 17.07 -29.46
N TYR D 315 1.10 16.26 -30.13
CA TYR D 315 2.52 16.28 -29.85
C TYR D 315 3.39 16.59 -31.05
N TYR D 316 2.98 16.22 -32.27
CA TYR D 316 3.71 16.66 -33.45
C TYR D 316 2.85 16.44 -34.68
N ASP D 317 2.64 17.49 -35.46
CA ASP D 317 1.89 17.41 -36.70
C ASP D 317 2.73 17.66 -37.94
N GLU D 318 3.68 18.60 -37.89
CA GLU D 318 4.55 18.88 -39.02
C GLU D 318 5.82 18.04 -38.91
N GLN D 319 6.81 18.34 -39.75
CA GLN D 319 8.08 17.62 -39.78
C GLN D 319 7.86 16.12 -39.96
N SER D 320 8.31 15.33 -38.99
CA SER D 320 8.12 13.89 -39.05
C SER D 320 6.65 13.53 -38.87
N PRO D 321 6.04 12.82 -39.82
CA PRO D 321 4.62 12.46 -39.69
C PRO D 321 4.35 11.16 -38.95
N VAL D 322 5.40 10.45 -38.51
CA VAL D 322 5.27 9.19 -37.78
C VAL D 322 4.52 8.17 -38.62
N ILE D 323 5.25 7.38 -39.39
CA ILE D 323 4.64 6.35 -40.23
C ILE D 323 4.19 5.21 -39.33
N GLY D 324 2.92 4.84 -39.44
CA GLY D 324 2.36 3.78 -38.62
C GLY D 324 1.49 2.85 -39.42
N PHE D 325 1.61 1.56 -39.14
CA PHE D 325 0.82 0.52 -39.78
C PHE D 325 -0.13 -0.11 -38.77
N TRP D 326 -1.38 -0.26 -39.16
CA TRP D 326 -2.40 -0.89 -38.33
C TRP D 326 -2.78 -2.22 -38.95
N PHE D 327 -2.75 -3.28 -38.13
CA PHE D 327 -3.08 -4.62 -38.59
C PHE D 327 -4.20 -5.21 -37.76
N SER D 328 -5.20 -5.74 -38.45
CA SER D 328 -6.27 -6.53 -37.86
C SER D 328 -6.47 -7.77 -38.71
N PRO D 329 -6.88 -8.89 -38.13
CA PRO D 329 -7.11 -10.09 -38.93
C PRO D 329 -8.23 -9.91 -39.94
N ASN D 330 -7.86 -9.85 -41.23
CA ASN D 330 -8.80 -9.58 -42.31
C ASN D 330 -9.57 -8.29 -42.05
N ASN D 331 -8.87 -7.28 -41.53
CA ASN D 331 -9.45 -5.98 -41.25
C ASN D 331 -10.71 -6.10 -40.39
N ARG D 332 -10.65 -7.01 -39.41
CA ARG D 332 -11.81 -7.28 -38.57
C ARG D 332 -12.20 -6.06 -37.74
N TYR D 333 -11.21 -5.40 -37.16
CA TYR D 333 -11.46 -4.25 -36.28
C TYR D 333 -10.72 -3.03 -36.78
N PRO D 334 -11.39 -2.10 -37.47
CA PRO D 334 -10.74 -0.86 -37.87
C PRO D 334 -10.38 0.00 -36.66
N LEU D 335 -9.33 0.80 -36.81
CA LEU D 335 -8.85 1.65 -35.73
C LEU D 335 -9.78 2.85 -35.60
N GLY D 336 -10.95 2.60 -35.00
CA GLY D 336 -11.92 3.66 -34.77
C GLY D 336 -12.89 3.82 -35.91
N TYR D 337 -14.04 4.40 -35.59
CA TYR D 337 -15.09 4.67 -36.57
C TYR D 337 -15.03 6.08 -37.14
N LYS D 338 -14.01 6.86 -36.78
CA LYS D 338 -13.88 8.22 -37.29
C LYS D 338 -13.31 8.21 -38.70
N HIS D 339 -12.91 9.38 -39.21
CA HIS D 339 -12.34 9.45 -40.54
C HIS D 339 -11.09 8.59 -40.62
N SER D 340 -10.95 7.86 -41.73
CA SER D 340 -9.91 6.84 -41.87
C SER D 340 -8.58 7.52 -42.18
N LYS D 341 -7.59 6.70 -42.60
CA LYS D 341 -6.26 7.16 -42.95
C LYS D 341 -5.53 7.78 -41.75
N LEU D 342 -5.93 7.39 -40.53
CA LEU D 342 -5.16 7.77 -39.36
C LEU D 342 -3.80 7.08 -39.35
N ALA D 343 -3.76 5.81 -39.76
CA ALA D 343 -2.53 5.07 -39.93
C ALA D 343 -2.15 5.05 -41.40
N SER D 344 -0.85 4.91 -41.66
CA SER D 344 -0.36 4.97 -43.04
C SER D 344 -0.96 3.85 -43.89
N ARG D 345 -1.02 2.64 -43.35
CA ARG D 345 -1.58 1.50 -44.08
C ARG D 345 -2.43 0.65 -43.15
N ASN D 346 -3.46 0.04 -43.72
CA ASN D 346 -4.29 -0.95 -43.03
C ASN D 346 -4.02 -2.31 -43.66
N ILE D 347 -3.40 -3.20 -42.91
CA ILE D 347 -2.96 -4.50 -43.41
C ILE D 347 -3.78 -5.58 -42.76
N GLY D 348 -4.28 -6.52 -43.56
CA GLY D 348 -5.08 -7.62 -43.10
C GLY D 348 -4.35 -8.94 -42.96
N ASN D 349 -3.02 -8.94 -43.01
CA ASN D 349 -2.25 -10.16 -42.87
C ASN D 349 -0.96 -9.85 -42.11
N LEU D 350 -0.55 -10.80 -41.27
CA LEU D 350 0.66 -10.59 -40.47
C LEU D 350 1.92 -10.63 -41.33
N ASN D 351 1.95 -11.48 -42.35
CA ASN D 351 3.13 -11.57 -43.21
C ASN D 351 3.36 -10.27 -43.98
N GLU D 352 2.29 -9.67 -44.50
CA GLU D 352 2.45 -8.37 -45.16
C GLU D 352 2.85 -7.28 -44.18
N LEU D 353 2.38 -7.37 -42.93
CA LEU D 353 2.84 -6.42 -41.92
C LEU D 353 4.33 -6.56 -41.67
N VAL D 354 4.82 -7.79 -41.56
CA VAL D 354 6.26 -8.01 -41.39
C VAL D 354 7.02 -7.50 -42.59
N GLY D 355 6.50 -7.74 -43.80
CA GLY D 355 7.15 -7.25 -45.00
C GLY D 355 7.23 -5.73 -45.04
N ALA D 356 6.14 -5.05 -44.69
CA ALA D 356 6.15 -3.59 -44.67
C ALA D 356 7.10 -3.05 -43.60
N VAL D 357 7.11 -3.68 -42.41
CA VAL D 357 8.00 -3.23 -41.36
C VAL D 357 9.46 -3.38 -41.79
N LEU D 358 9.79 -4.52 -42.41
CA LEU D 358 11.16 -4.72 -42.87
C LEU D 358 11.52 -3.82 -44.03
N ASP D 359 10.55 -3.49 -44.89
CA ASP D 359 10.79 -2.55 -45.97
C ASP D 359 11.11 -1.16 -45.41
N TYR D 360 10.37 -0.72 -44.39
CA TYR D 360 10.67 0.56 -43.76
C TYR D 360 11.97 0.50 -42.98
N ILE D 361 12.45 -0.69 -42.62
CA ILE D 361 13.70 -0.84 -41.89
C ILE D 361 14.90 -0.50 -42.78
N GLY D 362 14.72 -0.47 -44.08
CA GLY D 362 15.83 -0.30 -45.00
C GLY D 362 15.77 -1.20 -46.22
N GLY D 363 14.64 -1.85 -46.42
CA GLY D 363 14.39 -2.55 -47.66
C GLY D 363 14.81 -4.00 -47.72
N PHE D 364 15.06 -4.64 -46.58
CA PHE D 364 15.41 -6.05 -46.54
C PHE D 364 14.14 -6.89 -46.58
N LYS D 365 13.99 -7.71 -47.61
CA LYS D 365 12.82 -8.55 -47.75
C LYS D 365 12.88 -9.72 -46.77
N TRP D 366 11.71 -10.16 -46.30
CA TRP D 366 11.63 -11.22 -45.31
C TRP D 366 12.20 -12.54 -45.82
N GLU D 367 12.26 -12.74 -47.14
CA GLU D 367 12.70 -14.01 -47.67
C GLU D 367 14.21 -14.20 -47.48
N GLU D 368 14.99 -13.17 -47.78
CA GLU D 368 16.45 -13.29 -47.81
C GLU D 368 17.11 -12.97 -46.47
N VAL D 369 16.36 -12.50 -45.47
CA VAL D 369 16.97 -12.29 -44.15
C VAL D 369 17.02 -13.58 -43.34
N GLN D 370 16.22 -14.58 -43.72
CA GLN D 370 16.28 -15.86 -43.03
C GLN D 370 17.59 -16.59 -43.28
N LYS D 371 18.31 -16.23 -44.35
CA LYS D 371 19.61 -16.82 -44.63
C LYS D 371 20.74 -16.13 -43.87
N SER D 372 20.44 -15.06 -43.13
CA SER D 372 21.48 -14.37 -42.37
C SER D 372 22.07 -15.27 -41.30
N LYS D 373 21.22 -16.04 -40.61
CA LYS D 373 21.70 -16.98 -39.61
C LYS D 373 21.49 -18.42 -40.07
N MET E 1 2.99 -32.79 -34.76
CA MET E 1 2.15 -31.62 -35.05
C MET E 1 0.94 -31.60 -34.11
N LEU E 2 -0.02 -30.73 -34.41
CA LEU E 2 -1.12 -30.45 -33.49
C LEU E 2 -2.45 -30.76 -34.14
N ILE E 3 -3.34 -31.38 -33.36
CA ILE E 3 -4.71 -31.69 -33.77
C ILE E 3 -5.64 -30.85 -32.90
N GLU E 4 -6.41 -29.98 -33.54
CA GLU E 4 -7.27 -29.03 -32.85
C GLU E 4 -8.73 -29.41 -33.09
N ILE E 5 -9.51 -29.48 -32.02
CA ILE E 5 -10.92 -29.85 -32.09
C ILE E 5 -11.75 -28.71 -31.52
N HIS E 6 -12.67 -28.19 -32.32
CA HIS E 6 -13.60 -27.16 -31.89
C HIS E 6 -15.02 -27.68 -32.08
N MET E 7 -15.82 -27.61 -31.02
CA MET E 7 -17.18 -28.10 -31.04
C MET E 7 -18.13 -27.05 -30.49
N ILE E 8 -19.35 -27.04 -31.01
CA ILE E 8 -20.43 -26.19 -30.52
C ILE E 8 -21.54 -27.11 -30.02
N GLN E 9 -21.84 -27.03 -28.72
CA GLN E 9 -22.85 -27.87 -28.09
C GLN E 9 -23.91 -26.99 -27.45
N ASN E 10 -25.17 -27.31 -27.73
CA ASN E 10 -26.30 -26.70 -27.04
C ASN E 10 -26.82 -27.70 -26.01
N HIS E 11 -26.90 -27.26 -24.76
CA HIS E 11 -27.28 -28.16 -23.67
C HIS E 11 -28.66 -27.80 -23.15
N SER E 12 -29.45 -28.84 -22.88
CA SER E 12 -30.76 -28.68 -22.28
C SER E 12 -30.59 -28.12 -20.87
N PRO E 13 -31.63 -27.44 -20.34
CA PRO E 13 -31.54 -26.91 -18.97
C PRO E 13 -31.05 -27.96 -17.98
N ALA E 14 -29.90 -27.72 -17.36
CA ALA E 14 -29.29 -28.70 -16.48
C ALA E 14 -28.22 -28.00 -15.64
N ASN E 15 -27.60 -28.77 -14.75
CA ASN E 15 -26.49 -28.30 -13.91
C ASN E 15 -25.37 -29.32 -14.06
N LEU E 16 -24.56 -29.17 -15.11
CA LEU E 16 -23.50 -30.12 -15.40
C LEU E 16 -22.29 -29.92 -14.50
N ASN E 17 -22.01 -28.68 -14.10
CA ASN E 17 -20.90 -28.37 -13.22
C ASN E 17 -21.40 -27.45 -12.11
N ARG E 18 -20.86 -27.62 -10.91
CA ARG E 18 -21.24 -26.76 -9.80
C ARG E 18 -20.07 -26.58 -8.85
N ASP E 19 -20.13 -25.51 -8.07
CA ASP E 19 -19.09 -25.18 -7.11
C ASP E 19 -19.45 -25.75 -5.73
N ASP E 20 -18.73 -25.31 -4.70
CA ASP E 20 -18.99 -25.77 -3.34
C ASP E 20 -20.32 -25.28 -2.80
N LEU E 21 -20.81 -24.15 -3.28
CA LEU E 21 -22.07 -23.58 -2.82
C LEU E 21 -23.28 -24.10 -3.57
N GLY E 22 -23.08 -24.94 -4.59
CA GLY E 22 -24.17 -25.50 -5.36
C GLY E 22 -24.49 -24.77 -6.65
N ALA E 23 -24.02 -23.53 -6.81
CA ALA E 23 -24.31 -22.78 -8.01
C ALA E 23 -23.56 -23.35 -9.21
N PRO E 24 -24.15 -23.30 -10.41
CA PRO E 24 -23.42 -23.71 -11.61
C PRO E 24 -22.23 -22.81 -11.86
N LYS E 25 -21.18 -23.40 -12.43
CA LYS E 25 -19.94 -22.67 -12.66
C LYS E 25 -20.14 -21.57 -13.70
N THR E 26 -19.51 -20.42 -13.44
CA THR E 26 -19.64 -19.27 -14.32
C THR E 26 -18.28 -18.63 -14.51
N CYS E 27 -18.13 -17.93 -15.63
CA CYS E 27 -16.91 -17.18 -15.94
C CYS E 27 -17.30 -15.84 -16.55
N TYR E 28 -16.41 -14.88 -16.41
CA TYR E 28 -16.59 -13.53 -16.95
C TYR E 28 -15.69 -13.39 -18.16
N PHE E 29 -16.25 -13.63 -19.34
CA PHE E 29 -15.52 -13.55 -20.60
C PHE E 29 -16.12 -12.44 -21.46
N GLY E 30 -15.25 -11.58 -21.98
CA GLY E 30 -15.72 -10.47 -22.80
C GLY E 30 -16.43 -9.40 -22.03
N GLY E 31 -16.25 -9.33 -20.72
CA GLY E 31 -16.94 -8.37 -19.89
C GLY E 31 -18.33 -8.75 -19.47
N VAL E 32 -18.81 -9.95 -19.83
CA VAL E 32 -20.16 -10.39 -19.50
C VAL E 32 -20.10 -11.82 -18.96
N LEU E 33 -21.10 -12.17 -18.18
CA LEU E 33 -21.14 -13.45 -17.49
C LEU E 33 -21.42 -14.58 -18.48
N ARG E 34 -20.75 -15.71 -18.26
CA ARG E 34 -20.89 -16.88 -19.12
C ARG E 34 -21.05 -18.13 -18.27
N SER E 35 -21.64 -19.15 -18.86
CA SER E 35 -21.70 -20.47 -18.23
C SER E 35 -20.43 -21.25 -18.53
N ARG E 36 -19.91 -21.92 -17.52
CA ARG E 36 -18.61 -22.57 -17.61
C ARG E 36 -18.70 -24.04 -17.20
N ILE E 37 -17.99 -24.88 -17.95
CA ILE E 37 -17.75 -26.26 -17.56
C ILE E 37 -16.23 -26.43 -17.47
N SER E 38 -15.76 -26.85 -16.31
CA SER E 38 -14.32 -26.90 -16.07
C SER E 38 -13.66 -27.96 -16.96
N SER E 39 -12.38 -27.71 -17.25
CA SER E 39 -11.63 -28.60 -18.14
C SER E 39 -11.44 -29.98 -17.53
N GLN E 40 -11.22 -30.05 -16.21
CA GLN E 40 -11.03 -31.35 -15.58
C GLN E 40 -12.29 -32.21 -15.64
N CYS E 41 -13.46 -31.58 -15.54
CA CYS E 41 -14.70 -32.34 -15.70
C CYS E 41 -14.83 -32.94 -17.08
N ILE E 42 -14.50 -32.17 -18.12
CA ILE E 42 -14.52 -32.70 -19.48
C ILE E 42 -13.50 -33.83 -19.63
N LYS E 43 -12.32 -33.64 -19.03
CA LYS E 43 -11.27 -34.65 -19.13
C LYS E 43 -11.69 -35.96 -18.45
N ARG E 44 -12.36 -35.87 -17.31
CA ARG E 44 -12.83 -37.09 -16.65
C ARG E 44 -14.01 -37.71 -17.39
N SER E 45 -14.89 -36.89 -17.95
CA SER E 45 -16.00 -37.42 -18.74
C SER E 45 -15.49 -38.18 -19.94
N ILE E 46 -14.45 -37.67 -20.60
CA ILE E 46 -13.83 -38.41 -21.69
C ILE E 46 -13.12 -39.65 -21.16
N ARG E 47 -12.36 -39.50 -20.09
CA ARG E 47 -11.56 -40.62 -19.57
C ARG E 47 -12.45 -41.76 -19.08
N THR E 48 -13.48 -41.43 -18.32
CA THR E 48 -14.42 -42.43 -17.80
C THR E 48 -15.64 -42.52 -18.72
N SER E 49 -15.39 -42.94 -19.95
CA SER E 49 -16.43 -43.08 -20.96
C SER E 49 -16.37 -44.48 -21.56
N ASN E 50 -17.52 -44.91 -22.09
CA ASN E 50 -17.60 -46.24 -22.67
C ASN E 50 -16.68 -46.38 -23.88
N ASP E 51 -16.63 -45.36 -24.73
CA ASP E 51 -15.73 -45.41 -25.88
C ASP E 51 -14.28 -45.39 -25.44
N PHE E 52 -13.96 -44.61 -24.42
CA PHE E 52 -12.60 -44.53 -23.87
C PHE E 52 -12.40 -45.53 -22.73
N LYS E 53 -12.74 -46.81 -22.98
CA LYS E 53 -12.52 -47.84 -21.99
C LYS E 53 -11.49 -48.87 -22.41
N ALA E 54 -11.22 -49.01 -23.71
CA ALA E 54 -10.14 -49.87 -24.17
C ALA E 54 -8.77 -49.26 -23.89
N LEU E 55 -8.70 -47.96 -23.63
CA LEU E 55 -7.45 -47.29 -23.29
C LEU E 55 -7.44 -46.77 -21.86
N LEU E 56 -8.41 -47.15 -21.04
CA LEU E 56 -8.42 -46.79 -19.62
C LEU E 56 -7.39 -47.65 -18.89
N GLY E 57 -6.13 -47.42 -19.26
CA GLY E 57 -5.03 -48.15 -18.65
C GLY E 57 -4.42 -47.38 -17.51
N GLY E 58 -5.21 -46.51 -16.90
CA GLY E 58 -4.73 -45.65 -15.82
C GLY E 58 -5.67 -45.62 -14.64
N VAL E 59 -5.08 -45.62 -13.44
CA VAL E 59 -5.79 -45.47 -12.18
C VAL E 59 -5.06 -44.46 -11.30
N ARG E 60 -5.75 -43.40 -10.89
CA ARG E 60 -5.23 -42.44 -9.93
C ARG E 60 -5.76 -42.80 -8.56
N THR E 61 -4.87 -43.07 -7.62
CA THR E 61 -5.29 -43.59 -6.33
C THR E 61 -4.36 -43.11 -5.23
N ARG E 62 -4.89 -43.13 -4.00
CA ARG E 62 -4.10 -43.02 -2.79
C ARG E 62 -3.97 -44.34 -2.06
N ARG E 63 -4.99 -45.19 -2.13
CA ARG E 63 -4.98 -46.51 -1.52
C ARG E 63 -4.24 -47.53 -2.38
N LEU E 64 -3.00 -47.21 -2.72
CA LEU E 64 -2.17 -48.15 -3.48
C LEU E 64 -1.92 -49.43 -2.67
N ALA E 65 -1.96 -49.34 -1.34
CA ALA E 65 -1.81 -50.52 -0.51
C ALA E 65 -2.95 -51.50 -0.75
N ASP E 66 -4.18 -50.99 -0.89
CA ASP E 66 -5.32 -51.85 -1.19
C ASP E 66 -5.14 -52.55 -2.53
N LEU E 67 -4.67 -51.83 -3.55
CA LEU E 67 -4.45 -52.44 -4.85
C LEU E 67 -3.37 -53.51 -4.78
N ILE E 68 -2.29 -53.24 -4.04
CA ILE E 68 -1.23 -54.23 -3.88
C ILE E 68 -1.76 -55.46 -3.18
N GLN E 69 -2.57 -55.27 -2.13
CA GLN E 69 -3.15 -56.41 -1.41
C GLN E 69 -4.06 -57.22 -2.32
N GLN E 70 -4.88 -56.54 -3.13
CA GLN E 70 -5.77 -57.24 -4.04
C GLN E 70 -4.99 -58.03 -5.09
N GLU E 71 -3.93 -57.44 -5.63
CA GLU E 71 -3.13 -58.14 -6.63
C GLU E 71 -2.38 -59.32 -6.03
N ALA E 72 -1.87 -59.17 -4.81
CA ALA E 72 -1.10 -60.24 -4.18
C ALA E 72 -1.95 -61.48 -3.92
N GLY E 73 -3.18 -61.30 -3.45
CA GLY E 73 -4.05 -62.43 -3.16
C GLY E 73 -4.43 -62.52 -1.70
N GLU E 74 -4.57 -63.75 -1.19
CA GLU E 74 -4.96 -63.94 0.20
C GLU E 74 -3.85 -63.62 1.17
N THR E 75 -2.60 -63.55 0.71
CA THR E 75 -1.49 -63.21 1.59
C THR E 75 -1.63 -61.79 2.09
N GLU E 76 -1.40 -61.60 3.39
CA GLU E 76 -1.53 -60.30 4.03
C GLU E 76 -0.26 -59.50 3.79
N CYS E 77 -0.34 -58.46 2.96
CA CYS E 77 0.79 -57.58 2.68
C CYS E 77 0.43 -56.11 2.89
N TRP E 78 -0.71 -55.83 3.51
CA TRP E 78 -1.18 -54.46 3.65
C TRP E 78 -0.26 -53.62 4.53
N LYS E 79 0.06 -54.13 5.72
CA LYS E 79 0.94 -53.38 6.63
C LYS E 79 2.34 -53.24 6.04
N LYS E 80 2.87 -54.31 5.45
CA LYS E 80 4.19 -54.23 4.83
C LYS E 80 4.19 -53.27 3.65
N ALA E 81 3.11 -53.29 2.85
CA ALA E 81 3.03 -52.36 1.72
C ALA E 81 2.98 -50.92 2.19
N GLN E 82 2.21 -50.63 3.25
CA GLN E 82 2.16 -49.26 3.75
C GLN E 82 3.50 -48.84 4.34
N GLU E 83 4.21 -49.74 5.01
CA GLU E 83 5.54 -49.40 5.51
C GLU E 83 6.49 -49.11 4.35
N ILE E 84 6.43 -49.92 3.29
CA ILE E 84 7.29 -49.73 2.14
C ILE E 84 6.99 -48.39 1.48
N LEU E 85 5.71 -48.04 1.34
CA LEU E 85 5.35 -46.76 0.77
C LEU E 85 5.77 -45.59 1.67
N ASN E 86 5.65 -45.76 3.00
CA ASN E 86 6.05 -44.71 3.91
C ASN E 86 7.55 -44.43 3.79
N LYS E 87 8.36 -45.48 3.71
CA LYS E 87 9.79 -45.28 3.51
C LYS E 87 10.13 -44.97 2.07
N CYS E 88 9.17 -45.06 1.16
CA CYS E 88 9.38 -44.65 -0.22
C CYS E 88 9.17 -43.14 -0.41
N GLY E 89 8.47 -42.50 0.52
CA GLY E 89 8.21 -41.08 0.41
C GLY E 89 6.73 -40.74 0.38
N PHE E 90 5.90 -41.60 0.95
CA PHE E 90 4.46 -41.38 1.04
C PHE E 90 4.07 -41.49 2.51
N LYS E 91 4.06 -40.35 3.20
CA LYS E 91 3.87 -40.34 4.64
C LYS E 91 2.46 -40.77 5.01
N ASN E 92 2.32 -41.30 6.23
CA ASN E 92 1.05 -41.78 6.74
C ASN E 92 1.03 -41.53 8.25
N LYS E 93 0.47 -40.39 8.67
CA LYS E 93 0.36 -40.06 10.07
C LYS E 93 -0.99 -40.41 10.67
N ASP E 94 -1.93 -40.93 9.88
CA ASP E 94 -3.24 -41.31 10.36
C ASP E 94 -3.78 -42.39 9.42
N ASP E 95 -5.07 -42.69 9.52
CA ASP E 95 -5.68 -43.68 8.65
C ASP E 95 -6.04 -43.07 7.30
N ASN E 96 -5.09 -42.37 6.68
CA ASN E 96 -5.29 -41.76 5.38
C ASN E 96 -3.94 -41.29 4.81
N THR E 97 -3.66 -41.65 3.56
CA THR E 97 -2.43 -41.22 2.92
C THR E 97 -2.64 -39.95 2.11
N LYS E 98 -1.77 -38.97 2.35
CA LYS E 98 -1.94 -37.64 1.77
C LYS E 98 -1.12 -37.47 0.50
N MET E 99 -1.37 -38.31 -0.51
CA MET E 99 -0.69 -38.19 -1.79
C MET E 99 -1.43 -39.03 -2.82
N LEU E 100 -1.56 -38.49 -4.03
CA LEU E 100 -2.19 -39.20 -5.14
C LEU E 100 -1.09 -39.73 -6.06
N VAL E 101 -0.75 -41.00 -5.90
CA VAL E 101 0.23 -41.63 -6.77
C VAL E 101 -0.47 -42.03 -8.06
N PHE E 102 0.02 -41.49 -9.18
CA PHE E 102 -0.61 -41.69 -10.48
C PHE E 102 0.23 -42.59 -11.38
N MET E 103 0.87 -43.61 -10.83
CA MET E 103 1.49 -44.62 -11.69
C MET E 103 0.49 -45.17 -12.68
N SER E 104 -0.66 -45.64 -12.21
CA SER E 104 -1.84 -45.90 -13.02
C SER E 104 -1.64 -47.02 -14.02
N LYS E 105 -0.41 -47.52 -14.13
CA LYS E 105 -0.10 -48.49 -15.16
C LYS E 105 -0.59 -49.89 -14.76
N ASP E 106 -0.28 -50.85 -15.61
CA ASP E 106 -0.57 -52.25 -15.34
C ASP E 106 0.51 -52.93 -14.51
N LYS E 107 1.57 -52.20 -14.17
CA LYS E 107 2.69 -52.77 -13.39
C LYS E 107 2.47 -52.62 -11.89
N ILE E 108 1.31 -53.08 -11.42
CA ILE E 108 1.09 -53.19 -9.98
C ILE E 108 1.51 -54.57 -9.50
N LYS E 109 1.44 -55.58 -10.37
CA LYS E 109 1.93 -56.91 -10.01
C LYS E 109 3.41 -56.87 -9.65
N ASP E 110 4.19 -56.00 -10.29
CA ASP E 110 5.59 -55.86 -9.92
C ASP E 110 5.73 -55.37 -8.49
N LEU E 111 4.94 -54.36 -8.11
CA LEU E 111 5.00 -53.84 -6.75
C LEU E 111 4.57 -54.90 -5.75
N ALA E 112 3.50 -55.65 -6.06
CA ALA E 112 3.06 -56.72 -5.18
C ALA E 112 4.16 -57.77 -5.02
N ARG E 113 4.84 -58.10 -6.11
CA ARG E 113 5.96 -59.05 -6.05
C ARG E 113 7.07 -58.52 -5.16
N ILE E 114 7.37 -57.23 -5.25
CA ILE E 114 8.39 -56.64 -4.39
C ILE E 114 7.98 -56.76 -2.92
N VAL E 115 6.72 -56.46 -2.61
CA VAL E 115 6.28 -56.52 -1.21
C VAL E 115 6.31 -57.95 -0.68
N LEU E 116 5.85 -58.91 -1.47
CA LEU E 116 5.79 -60.30 -1.01
C LEU E 116 7.12 -61.02 -1.14
N ASP E 117 8.14 -60.39 -1.71
CA ASP E 117 9.45 -61.01 -1.85
C ASP E 117 10.12 -60.98 -0.48
N ASN E 118 10.17 -62.14 0.18
CA ASN E 118 10.80 -62.24 1.49
C ASN E 118 12.28 -62.62 1.39
N SER E 119 13.01 -61.88 0.55
CA SER E 119 14.45 -62.09 0.41
C SER E 119 15.24 -60.80 0.33
N LEU E 120 14.60 -59.63 0.24
CA LEU E 120 15.29 -58.36 0.13
C LEU E 120 14.90 -57.45 1.29
N GLY E 121 15.84 -56.61 1.71
CA GLY E 121 15.59 -55.69 2.80
C GLY E 121 14.56 -54.65 2.45
N LEU E 122 14.00 -54.05 3.50
CA LEU E 122 12.91 -53.10 3.30
C LEU E 122 13.38 -51.84 2.59
N THR E 123 14.62 -51.40 2.85
CA THR E 123 15.13 -50.20 2.18
C THR E 123 15.30 -50.43 0.68
N GLU E 124 15.92 -51.55 0.31
CA GLU E 124 16.09 -51.82 -1.12
C GLU E 124 14.78 -52.18 -1.79
N ALA E 125 13.85 -52.79 -1.06
CA ALA E 125 12.51 -53.01 -1.61
C ALA E 125 11.81 -51.69 -1.86
N ALA E 126 11.95 -50.73 -0.95
CA ALA E 126 11.38 -49.41 -1.16
C ALA E 126 12.02 -48.72 -2.36
N GLN E 127 13.33 -48.90 -2.53
CA GLN E 127 14.01 -48.35 -3.70
C GLN E 127 13.48 -48.98 -4.98
N GLN E 128 13.27 -50.29 -4.97
CA GLN E 128 12.75 -50.99 -6.16
C GLN E 128 11.33 -50.54 -6.48
N VAL E 129 10.51 -50.29 -5.46
CA VAL E 129 9.18 -49.74 -5.71
C VAL E 129 9.29 -48.32 -6.25
N ALA E 130 10.19 -47.51 -5.69
CA ALA E 130 10.31 -46.11 -6.10
C ALA E 130 10.76 -45.99 -7.55
N ASN E 131 11.76 -46.76 -7.95
CA ASN E 131 12.28 -46.67 -9.30
C ASN E 131 11.46 -47.49 -10.29
N VAL E 132 10.37 -48.13 -9.84
CA VAL E 132 9.39 -48.71 -10.74
C VAL E 132 8.11 -47.90 -10.78
N ILE E 133 7.92 -46.95 -9.86
CA ILE E 133 6.86 -45.96 -10.00
C ILE E 133 7.06 -45.17 -11.30
N ALA E 134 8.30 -44.75 -11.55
CA ALA E 134 8.57 -43.75 -12.58
C ALA E 134 8.41 -44.32 -13.99
N GLN E 135 8.79 -45.58 -14.20
CA GLN E 135 8.87 -46.15 -15.55
C GLN E 135 7.58 -46.84 -15.96
N ALA E 136 6.43 -46.29 -15.56
CA ALA E 136 5.16 -46.74 -16.11
C ALA E 136 5.19 -46.69 -17.63
N THR E 137 5.41 -45.50 -18.18
CA THR E 137 5.67 -45.26 -19.60
C THR E 137 4.57 -45.80 -20.51
N LEU E 138 3.40 -46.12 -19.95
CA LEU E 138 2.29 -46.67 -20.71
C LEU E 138 1.04 -45.83 -20.42
N ALA E 139 -0.11 -46.35 -20.87
CA ALA E 139 -1.44 -45.78 -20.66
C ALA E 139 -1.61 -44.47 -21.42
N PRO E 140 -2.63 -44.36 -22.28
CA PRO E 140 -2.86 -43.10 -22.99
C PRO E 140 -3.19 -41.93 -22.09
N ASP E 141 -3.87 -42.17 -20.97
CA ASP E 141 -4.25 -41.06 -20.10
C ASP E 141 -3.06 -40.45 -19.37
N ILE E 142 -1.98 -41.21 -19.18
CA ILE E 142 -0.74 -40.60 -18.71
C ILE E 142 -0.23 -39.60 -19.73
N ALA E 143 -0.24 -39.99 -21.01
CA ALA E 143 0.22 -39.08 -22.06
C ALA E 143 -0.68 -37.86 -22.18
N LEU E 144 -2.00 -38.05 -22.07
CA LEU E 144 -2.92 -36.91 -22.16
C LEU E 144 -2.87 -36.05 -20.91
N CYS E 145 -2.76 -36.67 -19.74
CA CYS E 145 -2.64 -35.96 -18.47
C CYS E 145 -1.45 -36.54 -17.71
N GLY E 146 -0.44 -35.71 -17.47
CA GLY E 146 0.83 -36.17 -16.95
C GLY E 146 0.86 -36.31 -15.45
N ARG E 147 2.08 -36.44 -14.92
CA ARG E 147 2.33 -36.61 -13.50
C ARG E 147 3.25 -35.50 -13.01
N MET E 148 3.23 -35.27 -11.70
CA MET E 148 4.16 -34.31 -11.12
C MET E 148 4.72 -34.70 -9.76
N LEU E 149 4.31 -35.83 -9.18
CA LEU E 149 4.63 -36.13 -7.79
C LEU E 149 6.13 -36.22 -7.56
N GLU E 150 6.58 -35.79 -6.38
CA GLU E 150 8.00 -35.85 -6.01
C GLU E 150 8.18 -36.21 -4.53
N PRO E 151 7.51 -37.27 -4.06
CA PRO E 151 7.40 -37.57 -2.62
C PRO E 151 7.64 -36.44 -1.63
N ASN E 152 8.24 -36.76 -0.49
CA ASN E 152 8.45 -35.79 0.58
C ASN E 152 9.90 -35.85 1.06
N ASP E 153 10.32 -34.79 1.76
CA ASP E 153 11.63 -34.72 2.37
C ASP E 153 11.59 -34.93 3.88
N LYS E 154 10.41 -34.92 4.50
CA LYS E 154 10.28 -35.24 5.91
C LYS E 154 10.45 -36.73 6.18
N ASP E 155 10.53 -37.53 5.13
CA ASP E 155 10.79 -38.96 5.22
C ASP E 155 11.63 -39.32 4.00
N LYS E 156 11.70 -40.61 3.67
CA LYS E 156 12.44 -41.07 2.50
C LYS E 156 13.92 -40.68 2.60
N ASP E 157 14.57 -41.32 3.57
CA ASP E 157 15.99 -41.08 3.83
C ASP E 157 16.81 -41.11 2.55
N LYS E 158 17.94 -40.41 2.56
CA LYS E 158 18.72 -40.16 1.36
C LYS E 158 19.28 -41.44 0.77
N LYS E 159 19.22 -42.55 1.53
CA LYS E 159 19.61 -43.84 1.01
C LYS E 159 18.66 -44.35 -0.07
N VAL E 160 17.50 -43.73 -0.23
CA VAL E 160 16.54 -44.10 -1.26
C VAL E 160 16.55 -43.03 -2.34
N LYS E 161 16.77 -43.43 -3.58
CA LYS E 161 16.87 -42.52 -4.71
C LYS E 161 15.61 -42.56 -5.55
N TRP E 162 15.39 -41.48 -6.31
CA TRP E 162 14.22 -41.32 -7.14
C TRP E 162 14.64 -40.85 -8.53
N SER E 163 13.83 -41.19 -9.52
CA SER E 163 14.03 -40.74 -10.89
C SER E 163 12.97 -39.71 -11.25
N ASN E 164 13.01 -39.25 -12.50
CA ASN E 164 12.04 -38.27 -12.96
C ASN E 164 10.65 -38.88 -13.05
N THR E 165 9.64 -38.10 -12.66
CA THR E 165 8.26 -38.55 -12.67
C THR E 165 7.35 -37.71 -13.55
N THR E 166 7.80 -36.54 -14.01
CA THR E 166 6.99 -35.70 -14.87
C THR E 166 6.81 -36.35 -16.24
N VAL E 167 5.66 -36.12 -16.86
CA VAL E 167 5.30 -36.78 -18.11
C VAL E 167 5.20 -35.77 -19.25
N GLU E 168 4.92 -34.50 -18.92
CA GLU E 168 4.73 -33.44 -19.92
C GLU E 168 3.55 -33.78 -20.84
N ALA E 169 2.36 -33.73 -20.25
CA ALA E 169 1.11 -34.10 -20.90
C ALA E 169 0.99 -33.48 -22.30
N ALA E 170 0.33 -34.21 -23.18
CA ALA E 170 0.19 -33.84 -24.59
C ALA E 170 -1.22 -33.43 -24.97
N LEU E 171 -2.06 -33.09 -24.00
CA LEU E 171 -3.44 -32.68 -24.25
C LEU E 171 -3.75 -31.39 -23.52
N GLN E 172 -4.28 -30.42 -24.25
CA GLN E 172 -4.72 -29.15 -23.68
C GLN E 172 -6.22 -29.03 -23.88
N VAL E 173 -6.95 -28.85 -22.78
CA VAL E 173 -8.40 -28.72 -22.81
C VAL E 173 -8.77 -27.38 -22.17
N ALA E 174 -9.58 -26.60 -22.87
CA ALA E 174 -10.03 -25.31 -22.37
C ALA E 174 -11.37 -25.46 -21.66
N HIS E 175 -11.68 -24.48 -20.83
CA HIS E 175 -12.96 -24.46 -20.14
C HIS E 175 -14.08 -24.12 -21.11
N ALA E 176 -15.14 -24.90 -21.10
CA ALA E 176 -16.27 -24.67 -21.99
C ALA E 176 -17.00 -23.39 -21.58
N ILE E 177 -16.99 -22.40 -22.45
CA ILE E 177 -17.60 -21.10 -22.18
C ILE E 177 -18.82 -20.95 -23.07
N SER E 178 -19.90 -20.43 -22.49
CA SER E 178 -21.12 -20.19 -23.26
C SER E 178 -20.89 -19.07 -24.26
N THR E 179 -21.58 -19.18 -25.40
CA THR E 179 -21.48 -18.20 -26.47
C THR E 179 -22.46 -17.04 -26.30
N HIS E 180 -22.97 -16.82 -25.10
CA HIS E 180 -24.00 -15.82 -24.87
C HIS E 180 -23.98 -15.42 -23.40
N ILE E 181 -24.96 -14.61 -23.00
CA ILE E 181 -25.08 -14.20 -21.61
C ILE E 181 -25.65 -15.36 -20.80
N ALA E 182 -25.00 -15.66 -19.67
CA ALA E 182 -25.50 -16.70 -18.80
C ALA E 182 -26.82 -16.30 -18.18
N ARG E 183 -27.73 -17.26 -18.04
CA ARG E 183 -29.07 -17.05 -17.48
C ARG E 183 -29.26 -18.04 -16.34
N PRO E 184 -28.70 -17.75 -15.16
CA PRO E 184 -28.87 -18.67 -14.03
C PRO E 184 -30.27 -18.57 -13.44
N GLU E 185 -30.91 -19.71 -13.24
CA GLU E 185 -32.27 -19.77 -12.76
C GLU E 185 -32.34 -20.59 -11.48
N ILE E 186 -33.47 -20.45 -10.77
CA ILE E 186 -33.67 -21.04 -9.46
C ILE E 186 -34.84 -22.00 -9.54
N ASP E 187 -34.66 -23.21 -9.01
CA ASP E 187 -35.70 -24.21 -8.91
C ASP E 187 -36.18 -24.30 -7.47
N TYR E 188 -37.50 -24.24 -7.29
CA TYR E 188 -38.12 -24.38 -5.98
C TYR E 188 -38.62 -25.82 -5.82
N PHE E 189 -38.08 -26.52 -4.83
CA PHE E 189 -38.43 -27.90 -4.55
C PHE E 189 -38.70 -28.08 -3.06
N VAL E 190 -39.49 -29.11 -2.74
CA VAL E 190 -39.76 -29.48 -1.36
C VAL E 190 -39.57 -30.99 -1.21
N ALA E 191 -39.55 -31.44 0.03
CA ALA E 191 -39.45 -32.86 0.34
C ALA E 191 -40.73 -33.64 0.06
N ALA E 192 -41.90 -33.02 0.28
CA ALA E 192 -43.20 -33.63 -0.01
C ALA E 192 -43.37 -34.94 0.75
N ASP E 193 -43.46 -34.79 2.08
CA ASP E 193 -43.68 -35.91 2.99
C ASP E 193 -44.82 -36.80 2.51
N ASP E 194 -44.65 -38.11 2.69
CA ASP E 194 -45.62 -39.08 2.18
C ASP E 194 -46.89 -39.09 3.02
N VAL E 195 -46.78 -39.41 4.31
CA VAL E 195 -47.93 -39.54 5.19
C VAL E 195 -48.60 -38.19 5.38
N PRO E 196 -49.92 -38.10 5.20
CA PRO E 196 -50.59 -36.80 5.32
C PRO E 196 -50.64 -36.33 6.76
N GLY E 197 -50.80 -35.01 6.91
CA GLY E 197 -50.94 -34.41 8.22
C GLY E 197 -52.12 -33.45 8.30
N GLU E 198 -52.24 -32.75 9.43
CA GLU E 198 -53.34 -31.81 9.59
C GLU E 198 -53.15 -30.56 8.75
N ASP E 199 -51.90 -30.11 8.58
CA ASP E 199 -51.61 -28.91 7.82
C ASP E 199 -51.49 -29.24 6.33
N ALA E 200 -51.03 -28.26 5.54
CA ALA E 200 -50.87 -28.49 4.11
C ALA E 200 -49.80 -29.54 3.83
N GLY E 201 -48.69 -29.51 4.56
CA GLY E 201 -47.63 -30.46 4.37
C GLY E 201 -46.44 -29.87 3.63
N ALA E 202 -45.33 -29.70 4.33
CA ALA E 202 -44.12 -29.14 3.74
C ALA E 202 -42.91 -29.77 4.44
N GLY E 203 -42.20 -30.64 3.73
CA GLY E 203 -41.08 -31.32 4.33
C GLY E 203 -39.89 -30.42 4.60
N HIS E 204 -39.36 -29.76 3.58
CA HIS E 204 -38.22 -28.88 3.74
C HIS E 204 -38.21 -27.84 2.62
N ILE E 205 -37.68 -26.67 2.92
CA ILE E 205 -37.62 -25.55 1.98
C ILE E 205 -36.18 -25.44 1.49
N GLY E 206 -36.00 -25.41 0.17
CA GLY E 206 -34.68 -25.27 -0.40
C GLY E 206 -34.75 -24.64 -1.77
N GLU E 207 -33.58 -24.36 -2.33
CA GLU E 207 -33.44 -23.72 -3.63
C GLU E 207 -32.42 -24.48 -4.45
N SER E 208 -32.76 -24.78 -5.70
CA SER E 208 -31.86 -25.45 -6.63
C SER E 208 -31.56 -24.53 -7.80
N MET E 209 -30.33 -24.61 -8.31
CA MET E 209 -29.86 -23.71 -9.36
C MET E 209 -29.52 -24.51 -10.61
N PHE E 210 -29.79 -23.91 -11.77
CA PHE E 210 -29.50 -24.53 -13.05
C PHE E 210 -29.45 -23.45 -14.12
N ALA E 211 -28.97 -23.84 -15.30
CA ALA E 211 -28.89 -22.94 -16.43
C ALA E 211 -28.83 -23.74 -17.72
N SER E 212 -29.17 -23.09 -18.82
CA SER E 212 -29.08 -23.67 -20.15
C SER E 212 -28.21 -22.77 -21.02
N ALA E 213 -27.24 -23.36 -21.71
CA ALA E 213 -26.29 -22.57 -22.47
C ALA E 213 -25.78 -23.37 -23.66
N CYS E 214 -25.29 -22.64 -24.65
CA CYS E 214 -24.63 -23.20 -25.83
C CYS E 214 -23.13 -23.10 -25.60
N PHE E 215 -22.46 -24.24 -25.53
CA PHE E 215 -21.07 -24.31 -25.11
C PHE E 215 -20.14 -24.48 -26.31
N TYR E 216 -19.06 -23.70 -26.31
CA TYR E 216 -17.97 -23.85 -27.27
C TYR E 216 -16.79 -24.46 -26.54
N LYS E 217 -16.33 -25.63 -27.00
CA LYS E 217 -15.22 -26.30 -26.36
C LYS E 217 -14.01 -26.34 -27.28
N TYR E 218 -12.84 -26.40 -26.66
CA TYR E 218 -11.56 -26.38 -27.34
C TYR E 218 -10.70 -27.53 -26.84
N PHE E 219 -10.17 -28.32 -27.76
CA PHE E 219 -9.26 -29.41 -27.45
C PHE E 219 -8.03 -29.29 -28.33
N SER E 220 -6.89 -29.77 -27.82
CA SER E 220 -5.63 -29.68 -28.54
C SER E 220 -4.77 -30.87 -28.15
N ILE E 221 -4.38 -31.68 -29.13
CA ILE E 221 -3.52 -32.84 -28.92
C ILE E 221 -2.25 -32.65 -29.72
N ASP E 222 -1.10 -32.73 -29.05
CA ASP E 222 0.19 -32.67 -29.72
C ASP E 222 0.57 -34.09 -30.14
N TRP E 223 0.60 -34.33 -31.45
CA TRP E 223 0.84 -35.68 -31.94
C TRP E 223 2.24 -36.17 -31.60
N GLU E 224 3.25 -35.34 -31.86
CA GLU E 224 4.63 -35.75 -31.60
C GLU E 224 4.87 -35.98 -30.12
N GLN E 225 4.36 -35.08 -29.27
CA GLN E 225 4.51 -35.26 -27.83
C GLN E 225 3.75 -36.46 -27.32
N LEU E 226 2.56 -36.72 -27.87
CA LEU E 226 1.79 -37.90 -27.48
C LEU E 226 2.54 -39.19 -27.86
N VAL E 227 3.16 -39.22 -29.03
CA VAL E 227 3.94 -40.38 -29.44
C VAL E 227 5.17 -40.53 -28.54
N LYS E 228 5.83 -39.42 -28.23
CA LYS E 228 7.02 -39.49 -27.39
C LYS E 228 6.68 -40.00 -25.98
N ASN E 229 5.53 -39.57 -25.45
CA ASN E 229 5.12 -40.03 -24.12
C ASN E 229 4.78 -41.51 -24.11
N LEU E 230 4.45 -42.09 -25.26
CA LEU E 230 4.16 -43.52 -25.37
C LEU E 230 5.36 -44.33 -25.85
N LYS E 231 6.51 -43.69 -26.05
CA LYS E 231 7.72 -44.35 -26.55
C LYS E 231 7.43 -45.09 -27.86
N GLY E 232 7.05 -44.32 -28.87
CA GLY E 232 6.66 -44.88 -30.14
C GLY E 232 5.21 -45.33 -30.13
N ASP E 233 4.93 -46.48 -30.75
CA ASP E 233 3.59 -47.06 -30.80
C ASP E 233 2.59 -46.08 -31.41
N THR E 234 2.82 -45.79 -32.69
CA THR E 234 1.95 -44.87 -33.41
C THR E 234 0.53 -45.40 -33.51
N ASN E 235 0.37 -46.72 -33.53
CA ASN E 235 -0.98 -47.30 -33.56
C ASN E 235 -1.74 -46.96 -32.29
N LEU E 236 -1.09 -47.04 -31.13
CA LEU E 236 -1.76 -46.70 -29.87
C LEU E 236 -2.11 -45.22 -29.83
N ALA E 237 -1.22 -44.36 -30.35
CA ALA E 237 -1.52 -42.93 -30.39
C ALA E 237 -2.70 -42.64 -31.31
N ALA E 238 -2.76 -43.31 -32.46
CA ALA E 238 -3.91 -43.13 -33.35
C ALA E 238 -5.20 -43.60 -32.70
N HIS E 239 -5.14 -44.74 -31.99
CA HIS E 239 -6.31 -45.21 -31.28
C HIS E 239 -6.74 -44.22 -30.22
N THR E 240 -5.77 -43.63 -29.51
CA THR E 240 -6.08 -42.63 -28.49
C THR E 240 -6.74 -41.40 -29.10
N VAL E 241 -6.22 -40.93 -30.24
CA VAL E 241 -6.80 -39.75 -30.88
C VAL E 241 -8.23 -40.04 -31.33
N GLY E 242 -8.46 -41.20 -31.94
CA GLY E 242 -9.80 -41.54 -32.37
C GLY E 242 -10.78 -41.70 -31.21
N ALA E 243 -10.34 -42.38 -30.15
CA ALA E 243 -11.19 -42.55 -28.99
C ALA E 243 -11.49 -41.22 -28.32
N PHE E 244 -10.50 -40.32 -28.24
CA PHE E 244 -10.74 -39.01 -27.69
C PHE E 244 -11.76 -38.22 -28.51
N LEU E 245 -11.63 -38.27 -29.84
CA LEU E 245 -12.60 -37.58 -30.68
C LEU E 245 -14.01 -38.15 -30.47
N LEU E 246 -14.14 -39.47 -30.44
CA LEU E 246 -15.45 -40.07 -30.23
C LEU E 246 -16.02 -39.71 -28.87
N ALA E 247 -15.20 -39.78 -27.82
CA ALA E 247 -15.68 -39.48 -26.47
C ALA E 247 -16.11 -38.03 -26.37
N ALA E 248 -15.27 -37.09 -26.80
CA ALA E 248 -15.64 -35.68 -26.78
C ALA E 248 -16.90 -35.43 -27.61
N ALA E 249 -17.11 -36.22 -28.67
CA ALA E 249 -18.34 -36.08 -29.45
C ALA E 249 -19.55 -36.63 -28.70
N LYS E 250 -19.41 -37.78 -28.02
CA LYS E 250 -20.51 -38.36 -27.26
C LYS E 250 -20.05 -38.67 -25.84
N THR E 251 -20.10 -37.65 -24.98
CA THR E 251 -20.00 -37.80 -23.54
C THR E 251 -20.33 -36.45 -22.92
N ASN E 252 -20.92 -36.50 -21.73
CA ASN E 252 -21.26 -35.30 -20.98
C ASN E 252 -20.94 -35.55 -19.52
N PRO E 253 -20.69 -34.49 -18.76
CA PRO E 253 -20.50 -34.66 -17.31
C PRO E 253 -21.74 -35.30 -16.68
N SER E 254 -21.51 -36.18 -15.72
CA SER E 254 -22.59 -36.85 -15.02
C SER E 254 -23.16 -36.03 -13.87
N GLY E 255 -22.87 -34.73 -13.83
CA GLY E 255 -23.33 -33.89 -12.74
C GLY E 255 -24.82 -33.69 -12.80
N LYS E 256 -25.55 -34.22 -11.82
CA LYS E 256 -26.99 -34.01 -11.67
C LYS E 256 -27.77 -34.46 -12.89
N GLN E 257 -27.27 -35.47 -13.60
CA GLN E 257 -27.92 -35.94 -14.81
C GLN E 257 -29.13 -36.83 -14.55
N ASN E 258 -29.27 -37.34 -13.32
CA ASN E 258 -30.44 -38.14 -12.99
C ASN E 258 -31.71 -37.30 -13.04
N SER E 259 -31.65 -36.06 -12.54
CA SER E 259 -32.80 -35.18 -12.51
C SER E 259 -32.77 -34.10 -13.58
N PHE E 260 -31.64 -33.92 -14.27
CA PHE E 260 -31.47 -32.84 -15.23
C PHE E 260 -30.84 -33.38 -16.51
N ALA E 261 -31.41 -34.47 -17.03
CA ALA E 261 -30.81 -35.19 -18.16
C ALA E 261 -30.62 -34.29 -19.37
N ALA E 262 -29.36 -34.01 -19.71
CA ALA E 262 -28.99 -33.12 -20.79
C ALA E 262 -27.96 -33.78 -21.69
N HIS E 263 -28.23 -35.03 -22.09
CA HIS E 263 -27.34 -35.78 -22.97
C HIS E 263 -27.53 -35.32 -24.42
N ASN E 264 -27.16 -34.07 -24.66
CA ASN E 264 -27.21 -33.48 -25.98
C ASN E 264 -25.90 -33.72 -26.72
N TYR E 265 -25.98 -33.71 -28.04
CA TYR E 265 -24.81 -33.97 -28.86
C TYR E 265 -24.42 -32.72 -29.64
N PRO E 266 -23.14 -32.56 -29.99
CA PRO E 266 -22.70 -31.35 -30.67
C PRO E 266 -23.40 -31.14 -32.01
N ASP E 267 -23.70 -29.88 -32.30
CA ASP E 267 -24.30 -29.47 -33.56
C ASP E 267 -23.28 -29.26 -34.66
N GLY E 268 -21.99 -29.18 -34.32
CA GLY E 268 -20.95 -29.00 -35.30
C GLY E 268 -19.57 -29.12 -34.69
N ILE E 269 -18.70 -29.90 -35.32
CA ILE E 269 -17.34 -30.12 -34.83
C ILE E 269 -16.36 -29.71 -35.92
N LEU E 270 -15.38 -28.88 -35.55
CA LEU E 270 -14.37 -28.40 -36.47
C LEU E 270 -13.03 -29.02 -36.06
N VAL E 271 -12.52 -29.93 -36.89
CA VAL E 271 -11.23 -30.57 -36.66
C VAL E 271 -10.26 -30.01 -37.69
N GLU E 272 -9.23 -29.32 -37.20
CA GLU E 272 -8.28 -28.61 -38.05
C GLU E 272 -6.88 -28.78 -37.48
N PHE E 273 -5.91 -28.93 -38.38
CA PHE E 273 -4.55 -29.30 -38.00
C PHE E 273 -3.59 -28.19 -38.42
N LYS E 274 -2.65 -27.86 -37.53
CA LYS E 274 -1.57 -26.95 -37.85
C LYS E 274 -0.43 -27.18 -36.86
N ASN E 275 0.59 -26.34 -36.94
CA ASN E 275 1.77 -26.47 -36.08
C ASN E 275 1.67 -25.65 -34.79
N SER E 276 0.74 -24.71 -34.70
CA SER E 276 0.61 -23.86 -33.54
C SER E 276 -0.84 -23.85 -33.07
N PRO E 277 -1.08 -23.81 -31.77
CA PRO E 277 -2.46 -23.88 -31.27
C PRO E 277 -3.23 -22.61 -31.58
N ILE E 278 -4.49 -22.78 -31.95
CA ILE E 278 -5.39 -21.69 -32.28
C ILE E 278 -6.70 -21.88 -31.53
N SER E 279 -7.11 -20.85 -30.80
CA SER E 279 -8.36 -20.87 -30.04
C SER E 279 -9.31 -19.85 -30.62
N TYR E 280 -10.56 -20.25 -30.84
CA TYR E 280 -11.58 -19.40 -31.42
C TYR E 280 -12.56 -18.85 -30.40
N ALA E 281 -12.12 -18.73 -29.13
CA ALA E 281 -13.00 -18.20 -28.10
C ALA E 281 -13.30 -16.72 -28.31
N ASN E 282 -12.41 -15.98 -28.98
CA ASN E 282 -12.65 -14.57 -29.26
C ASN E 282 -13.78 -14.36 -30.27
N ALA E 283 -14.25 -15.43 -30.91
CA ALA E 283 -15.43 -15.32 -31.76
C ALA E 283 -16.64 -14.86 -30.97
N PHE E 284 -16.65 -15.12 -29.67
CA PHE E 284 -17.80 -14.89 -28.82
C PHE E 284 -17.48 -13.86 -27.74
N VAL E 285 -16.60 -12.90 -28.05
CA VAL E 285 -16.45 -11.74 -27.17
C VAL E 285 -17.75 -10.95 -27.13
N ARG E 286 -18.39 -10.76 -28.28
CA ARG E 286 -19.73 -10.21 -28.33
C ARG E 286 -20.72 -11.36 -28.19
N PRO E 287 -21.52 -11.40 -27.13
CA PRO E 287 -22.42 -12.54 -26.93
C PRO E 287 -23.48 -12.61 -28.02
N VAL E 288 -23.93 -13.83 -28.29
CA VAL E 288 -24.94 -14.07 -29.32
C VAL E 288 -26.32 -13.70 -28.76
N SER E 289 -27.00 -12.81 -29.45
CA SER E 289 -28.34 -12.38 -29.06
C SER E 289 -29.39 -13.09 -29.91
N VAL E 290 -30.57 -13.27 -29.33
CA VAL E 290 -31.64 -13.99 -29.99
C VAL E 290 -32.22 -13.13 -31.10
N VAL E 291 -32.41 -13.72 -32.28
CA VAL E 291 -33.03 -13.08 -33.42
C VAL E 291 -34.25 -13.90 -33.80
N LYS E 292 -35.36 -13.20 -34.09
CA LYS E 292 -36.63 -13.88 -34.31
C LYS E 292 -36.56 -14.85 -35.47
N GLU E 293 -35.90 -14.47 -36.56
CA GLU E 293 -35.80 -15.29 -37.76
C GLU E 293 -34.59 -16.22 -37.74
N SER E 294 -34.10 -16.58 -36.56
CA SER E 294 -32.92 -17.43 -36.43
C SER E 294 -32.97 -18.14 -35.08
N ASP E 295 -31.89 -18.84 -34.75
CA ASP E 295 -31.78 -19.52 -33.46
C ASP E 295 -30.38 -19.31 -32.90
N LEU E 296 -30.20 -19.73 -31.64
CA LEU E 296 -28.93 -19.52 -30.96
C LEU E 296 -27.80 -20.34 -31.58
N VAL E 297 -28.08 -21.60 -31.92
CA VAL E 297 -27.06 -22.49 -32.44
C VAL E 297 -26.51 -21.99 -33.77
N GLU E 298 -27.42 -21.66 -34.70
CA GLU E 298 -26.97 -21.25 -36.03
C GLU E 298 -26.25 -19.92 -35.98
N GLN E 299 -26.72 -18.99 -35.15
CA GLN E 299 -26.02 -17.72 -35.00
C GLN E 299 -24.63 -17.91 -34.39
N SER E 300 -24.52 -18.81 -33.41
CA SER E 300 -23.22 -19.08 -32.81
C SER E 300 -22.26 -19.67 -33.84
N ILE E 301 -22.75 -20.61 -34.65
CA ILE E 301 -21.91 -21.21 -35.69
C ILE E 301 -21.53 -20.17 -36.74
N GLY E 302 -22.44 -19.26 -37.07
CA GLY E 302 -22.10 -18.20 -38.01
C GLY E 302 -21.03 -17.27 -37.49
N GLN E 303 -21.12 -16.89 -36.21
CA GLN E 303 -20.08 -16.07 -35.61
C GLN E 303 -18.75 -16.81 -35.57
N LEU E 304 -18.79 -18.10 -35.25
CA LEU E 304 -17.57 -18.91 -35.27
C LEU E 304 -16.95 -18.95 -36.65
N SER E 305 -17.78 -19.13 -37.69
CA SER E 305 -17.28 -19.17 -39.05
C SER E 305 -16.67 -17.83 -39.45
N ASN E 306 -17.30 -16.72 -39.06
CA ASN E 306 -16.76 -15.41 -39.40
C ASN E 306 -15.39 -15.21 -38.75
N TYR E 307 -15.27 -15.55 -37.46
CA TYR E 307 -13.99 -15.40 -36.78
C TYR E 307 -12.93 -16.33 -37.37
N VAL E 308 -13.31 -17.56 -37.72
CA VAL E 308 -12.37 -18.50 -38.31
C VAL E 308 -11.88 -17.98 -39.66
N ASN E 309 -12.79 -17.44 -40.47
CA ASN E 309 -12.40 -16.86 -41.75
C ASN E 309 -11.45 -15.69 -41.56
N ASP E 310 -11.73 -14.83 -40.59
CA ASP E 310 -10.86 -13.69 -40.32
C ASP E 310 -9.48 -14.15 -39.86
N ILE E 311 -9.42 -15.17 -39.00
CA ILE E 311 -8.14 -15.66 -38.52
C ILE E 311 -7.36 -16.31 -39.67
N ARG E 312 -8.04 -17.10 -40.49
CA ARG E 312 -7.36 -17.78 -41.60
C ARG E 312 -6.81 -16.78 -42.61
N LEU E 313 -7.56 -15.72 -42.89
CA LEU E 313 -7.09 -14.71 -43.83
C LEU E 313 -6.20 -13.66 -43.18
N GLY E 314 -6.04 -13.70 -41.86
CA GLY E 314 -5.20 -12.73 -41.18
C GLY E 314 -3.90 -13.29 -40.66
N TYR E 315 -3.74 -14.61 -40.68
CA TYR E 315 -2.52 -15.27 -40.22
C TYR E 315 -2.13 -16.39 -41.18
N TYR E 316 -2.25 -16.12 -42.48
CA TYR E 316 -1.97 -17.14 -43.49
C TYR E 316 -0.49 -17.17 -43.82
N ASP E 317 0.09 -18.38 -43.79
CA ASP E 317 1.48 -18.60 -44.19
C ASP E 317 1.50 -19.62 -45.32
N GLU E 318 2.17 -19.28 -46.41
CA GLU E 318 2.16 -20.14 -47.59
C GLU E 318 2.86 -21.46 -47.34
N GLN E 319 3.99 -21.45 -46.63
CA GLN E 319 4.77 -22.68 -46.43
C GLN E 319 4.11 -23.64 -45.45
N SER E 320 3.18 -23.17 -44.62
CA SER E 320 2.48 -24.01 -43.65
C SER E 320 0.98 -23.76 -43.77
N PRO E 321 0.35 -24.34 -44.79
CA PRO E 321 -1.09 -24.15 -44.94
C PRO E 321 -1.87 -24.81 -43.81
N VAL E 322 -3.01 -24.23 -43.48
CA VAL E 322 -3.87 -24.70 -42.41
C VAL E 322 -5.17 -25.18 -43.03
N ILE E 323 -5.46 -26.49 -42.87
CA ILE E 323 -6.69 -27.06 -43.42
C ILE E 323 -7.48 -27.70 -42.28
N GLY E 324 -8.75 -28.00 -42.54
CA GLY E 324 -9.60 -28.54 -41.50
C GLY E 324 -10.88 -29.20 -41.99
N PHE E 325 -11.47 -30.05 -41.16
CA PHE E 325 -12.68 -30.79 -41.49
C PHE E 325 -13.83 -30.28 -40.64
N TRP E 326 -14.97 -30.06 -41.27
CA TRP E 326 -16.18 -29.58 -40.59
C TRP E 326 -17.22 -30.70 -40.62
N PHE E 327 -17.75 -31.04 -39.45
CA PHE E 327 -18.77 -32.07 -39.32
C PHE E 327 -19.98 -31.50 -38.59
N SER E 328 -21.17 -31.81 -39.10
CA SER E 328 -22.42 -31.48 -38.44
C SER E 328 -23.40 -32.60 -38.81
N PRO E 329 -24.25 -33.04 -37.87
CA PRO E 329 -25.14 -34.18 -38.13
C PRO E 329 -25.92 -34.05 -39.42
N ASN E 330 -25.58 -34.89 -40.41
CA ASN E 330 -26.24 -34.92 -41.71
C ASN E 330 -26.25 -33.51 -42.30
N ASN E 331 -25.17 -32.77 -42.03
CA ASN E 331 -24.99 -31.40 -42.53
C ASN E 331 -26.17 -30.52 -42.12
N ARG E 332 -26.52 -30.58 -40.84
CA ARG E 332 -27.67 -29.84 -40.33
C ARG E 332 -27.46 -28.34 -40.46
N TYR E 333 -26.27 -27.84 -40.10
CA TYR E 333 -25.94 -26.43 -40.25
C TYR E 333 -24.78 -26.28 -41.22
N PRO E 334 -25.03 -25.90 -42.48
CA PRO E 334 -23.94 -25.80 -43.46
C PRO E 334 -22.99 -24.68 -43.07
N LEU E 335 -21.69 -24.97 -43.15
CA LEU E 335 -20.68 -23.95 -42.87
C LEU E 335 -20.62 -22.95 -44.01
N GLY E 336 -20.26 -23.43 -45.20
CA GLY E 336 -20.17 -22.58 -46.39
C GLY E 336 -21.43 -22.57 -47.23
N TYR E 337 -22.49 -21.93 -46.73
CA TYR E 337 -23.77 -21.98 -47.42
C TYR E 337 -23.81 -21.06 -48.65
N LYS E 338 -23.19 -19.89 -48.58
CA LYS E 338 -23.45 -18.87 -49.59
C LYS E 338 -22.64 -19.09 -50.87
N HIS E 339 -21.32 -18.94 -50.79
CA HIS E 339 -20.50 -19.01 -51.99
C HIS E 339 -19.21 -19.81 -51.87
N SER E 340 -18.65 -19.99 -50.67
CA SER E 340 -17.33 -20.58 -50.51
C SER E 340 -17.38 -21.74 -49.53
N LYS E 341 -16.30 -22.50 -49.52
CA LYS E 341 -16.11 -23.64 -48.61
C LYS E 341 -14.92 -23.34 -47.72
N LEU E 342 -15.19 -22.88 -46.50
CA LEU E 342 -14.12 -22.57 -45.56
C LEU E 342 -13.33 -23.81 -45.18
N ALA E 343 -14.03 -24.89 -44.85
CA ALA E 343 -13.37 -26.14 -44.48
C ALA E 343 -12.96 -26.92 -45.72
N SER E 344 -12.00 -27.84 -45.52
CA SER E 344 -11.55 -28.66 -46.62
C SER E 344 -12.65 -29.58 -47.14
N ARG E 345 -13.40 -30.19 -46.25
CA ARG E 345 -14.52 -31.05 -46.64
C ARG E 345 -15.57 -31.05 -45.54
N ASN E 346 -16.83 -31.12 -45.94
CA ASN E 346 -17.93 -31.21 -45.00
C ASN E 346 -18.31 -32.68 -44.81
N ILE E 347 -18.39 -33.11 -43.56
CA ILE E 347 -18.58 -34.51 -43.21
C ILE E 347 -19.90 -34.63 -42.45
N GLY E 348 -20.74 -35.57 -42.87
CA GLY E 348 -22.07 -35.69 -42.31
C GLY E 348 -22.19 -36.65 -41.14
N ASN E 349 -21.28 -37.61 -41.04
CA ASN E 349 -21.34 -38.63 -40.00
C ASN E 349 -20.01 -38.69 -39.27
N LEU E 350 -20.06 -39.02 -37.98
CA LEU E 350 -18.88 -38.91 -37.14
C LEU E 350 -17.81 -39.96 -37.48
N ASN E 351 -18.23 -41.17 -37.86
CA ASN E 351 -17.25 -42.22 -38.12
C ASN E 351 -16.34 -41.86 -39.29
N GLU E 352 -16.89 -41.31 -40.37
CA GLU E 352 -16.02 -40.86 -41.45
C GLU E 352 -15.18 -39.66 -41.04
N LEU E 353 -15.66 -38.83 -40.11
CA LEU E 353 -14.82 -37.75 -39.58
C LEU E 353 -13.59 -38.31 -38.88
N VAL E 354 -13.79 -39.30 -38.00
CA VAL E 354 -12.66 -39.89 -37.29
C VAL E 354 -11.77 -40.66 -38.27
N GLY E 355 -12.35 -41.26 -39.30
CA GLY E 355 -11.54 -41.92 -40.32
C GLY E 355 -10.67 -40.94 -41.09
N ALA E 356 -11.23 -39.77 -41.43
CA ALA E 356 -10.44 -38.75 -42.10
C ALA E 356 -9.32 -38.25 -41.20
N VAL E 357 -9.62 -38.04 -39.92
CA VAL E 357 -8.58 -37.61 -38.97
C VAL E 357 -7.47 -38.64 -38.91
N LEU E 358 -7.84 -39.92 -38.82
CA LEU E 358 -6.84 -40.97 -38.69
C LEU E 358 -5.99 -41.12 -39.95
N ASP E 359 -6.63 -41.16 -41.12
CA ASP E 359 -5.85 -41.39 -42.33
C ASP E 359 -5.15 -40.13 -42.82
N TYR E 360 -5.44 -38.97 -42.21
CA TYR E 360 -4.58 -37.81 -42.46
C TYR E 360 -3.41 -37.79 -41.48
N ILE E 361 -3.65 -38.19 -40.22
CA ILE E 361 -2.61 -38.07 -39.20
C ILE E 361 -1.46 -39.02 -39.48
N GLY E 362 -1.75 -40.25 -39.90
CA GLY E 362 -0.69 -41.20 -40.20
C GLY E 362 -1.04 -42.17 -41.31
N GLY E 363 -2.18 -41.97 -41.97
CA GLY E 363 -2.67 -42.95 -42.91
C GLY E 363 -3.37 -44.13 -42.28
N PHE E 364 -3.63 -44.09 -40.98
CA PHE E 364 -4.24 -45.20 -40.28
C PHE E 364 -5.74 -45.27 -40.57
N LYS E 365 -6.33 -46.40 -40.19
CA LYS E 365 -7.77 -46.62 -40.30
C LYS E 365 -8.34 -46.96 -38.93
N TRP E 366 -9.63 -46.68 -38.77
CA TRP E 366 -10.30 -46.94 -37.50
C TRP E 366 -10.50 -48.43 -37.24
N GLU E 367 -10.35 -49.29 -38.26
CA GLU E 367 -10.67 -50.70 -38.10
C GLU E 367 -9.52 -51.48 -37.46
N GLU E 368 -8.32 -51.35 -38.02
CA GLU E 368 -7.21 -52.18 -37.56
C GLU E 368 -6.50 -51.64 -36.33
N VAL E 369 -6.84 -50.42 -35.88
CA VAL E 369 -6.24 -49.90 -34.66
C VAL E 369 -6.78 -50.57 -33.40
N GLN E 370 -7.96 -51.18 -33.47
CA GLN E 370 -8.53 -51.86 -32.31
C GLN E 370 -7.79 -53.14 -31.95
N LYS E 371 -7.04 -53.72 -32.90
CA LYS E 371 -6.37 -54.98 -32.62
C LYS E 371 -5.24 -54.82 -31.60
N SER E 372 -4.82 -53.58 -31.32
CA SER E 372 -3.85 -53.31 -30.27
C SER E 372 -4.53 -53.41 -28.91
N LYS E 373 -4.92 -54.64 -28.58
CA LYS E 373 -5.66 -54.88 -27.33
C LYS E 373 -4.79 -54.57 -26.12
N ALA E 374 -3.53 -54.98 -26.15
CA ALA E 374 -2.61 -54.74 -25.04
C ALA E 374 -1.51 -53.77 -25.45
N MET F 1 -28.71 -52.02 -22.45
CA MET F 1 -29.41 -50.99 -23.20
C MET F 1 -30.27 -50.11 -22.30
N LEU F 2 -30.52 -48.88 -22.74
CA LEU F 2 -31.33 -47.92 -22.00
C LEU F 2 -32.66 -47.72 -22.71
N ILE F 3 -33.75 -47.82 -21.94
CA ILE F 3 -35.09 -47.61 -22.47
C ILE F 3 -35.35 -46.11 -22.44
N GLU F 4 -35.30 -45.46 -23.60
CA GLU F 4 -35.51 -44.03 -23.71
C GLU F 4 -36.89 -43.76 -24.31
N ILE F 5 -37.65 -42.88 -23.67
CA ILE F 5 -39.00 -42.56 -24.07
C ILE F 5 -39.07 -41.07 -24.36
N HIS F 6 -39.45 -40.71 -25.59
CA HIS F 6 -39.69 -39.34 -25.97
C HIS F 6 -41.17 -39.17 -26.30
N MET F 7 -41.83 -38.25 -25.61
CA MET F 7 -43.25 -38.01 -25.82
C MET F 7 -43.50 -36.52 -26.08
N ILE F 8 -44.50 -36.25 -26.90
CA ILE F 8 -44.97 -34.91 -27.17
C ILE F 8 -46.39 -34.80 -26.65
N GLN F 9 -46.60 -33.87 -25.72
CA GLN F 9 -47.88 -33.75 -25.02
C GLN F 9 -48.34 -32.30 -25.02
N ASN F 10 -49.65 -32.10 -24.97
CA ASN F 10 -50.26 -30.78 -24.85
C ASN F 10 -50.87 -30.65 -23.47
N HIS F 11 -50.44 -29.65 -22.72
CA HIS F 11 -50.88 -29.45 -21.34
C HIS F 11 -51.37 -28.03 -21.16
N SER F 12 -52.55 -27.88 -20.57
CA SER F 12 -53.05 -26.56 -20.25
C SER F 12 -52.33 -26.02 -19.02
N PRO F 13 -52.20 -24.68 -18.89
CA PRO F 13 -51.41 -24.15 -17.77
C PRO F 13 -52.10 -24.27 -16.42
N ALA F 14 -53.38 -24.62 -16.38
CA ALA F 14 -54.08 -24.73 -15.10
C ALA F 14 -53.66 -25.96 -14.30
N ASN F 15 -52.91 -26.88 -14.89
CA ASN F 15 -52.46 -28.10 -14.22
C ASN F 15 -50.95 -28.25 -14.35
N LEU F 16 -50.22 -27.17 -14.04
CA LEU F 16 -48.78 -27.19 -14.19
C LEU F 16 -48.09 -26.95 -12.85
N ASN F 17 -46.77 -26.80 -12.87
CA ASN F 17 -45.99 -26.54 -11.67
C ASN F 17 -46.04 -25.05 -11.31
N ARG F 18 -45.75 -24.76 -10.04
CA ARG F 18 -45.66 -23.40 -9.55
C ARG F 18 -44.40 -23.27 -8.70
N ASP F 19 -43.88 -22.04 -8.63
CA ASP F 19 -42.76 -21.76 -7.75
C ASP F 19 -43.31 -21.25 -6.42
N ASP F 20 -42.46 -20.67 -5.57
CA ASP F 20 -42.91 -20.09 -4.32
C ASP F 20 -43.83 -18.88 -4.54
N LEU F 21 -43.81 -18.29 -5.73
CA LEU F 21 -44.62 -17.12 -6.04
C LEU F 21 -45.91 -17.46 -6.76
N GLY F 22 -46.18 -18.74 -7.03
CA GLY F 22 -47.43 -19.15 -7.62
C GLY F 22 -47.52 -19.05 -9.13
N ALA F 23 -46.42 -18.82 -9.83
CA ALA F 23 -46.44 -18.72 -11.27
C ALA F 23 -46.00 -20.02 -11.91
N PRO F 24 -46.42 -20.31 -13.14
CA PRO F 24 -45.88 -21.48 -13.85
C PRO F 24 -44.38 -21.36 -14.03
N LYS F 25 -43.68 -22.48 -13.87
CA LYS F 25 -42.23 -22.47 -13.98
C LYS F 25 -41.80 -22.18 -15.40
N THR F 26 -40.78 -21.34 -15.54
CA THR F 26 -40.25 -20.94 -16.83
C THR F 26 -38.75 -21.21 -16.87
N CYS F 27 -38.26 -21.55 -18.06
CA CYS F 27 -36.85 -21.79 -18.28
C CYS F 27 -36.43 -21.14 -19.59
N TYR F 28 -35.13 -20.81 -19.69
CA TYR F 28 -34.57 -20.18 -20.87
C TYR F 28 -33.80 -21.24 -21.64
N PHE F 29 -34.35 -21.65 -22.78
CA PHE F 29 -33.73 -22.62 -23.66
C PHE F 29 -33.65 -22.04 -25.06
N GLY F 30 -32.44 -21.96 -25.60
CA GLY F 30 -32.25 -21.33 -26.89
C GLY F 30 -32.35 -19.82 -26.86
N GLY F 31 -32.33 -19.22 -25.68
CA GLY F 31 -32.45 -17.78 -25.54
C GLY F 31 -33.86 -17.26 -25.41
N VAL F 32 -34.88 -18.12 -25.55
CA VAL F 32 -36.27 -17.71 -25.48
C VAL F 32 -36.95 -18.48 -24.35
N LEU F 33 -37.83 -17.78 -23.63
CA LEU F 33 -38.46 -18.34 -22.45
C LEU F 33 -39.39 -19.49 -22.82
N ARG F 34 -39.35 -20.55 -22.02
CA ARG F 34 -40.17 -21.74 -22.24
C ARG F 34 -40.87 -22.13 -20.93
N SER F 35 -42.03 -22.75 -21.07
CA SER F 35 -42.73 -23.29 -19.90
C SER F 35 -42.07 -24.59 -19.47
N ARG F 36 -41.83 -24.71 -18.16
CA ARG F 36 -41.05 -25.80 -17.61
C ARG F 36 -41.88 -26.59 -16.60
N ILE F 37 -41.78 -27.92 -16.66
CA ILE F 37 -42.34 -28.81 -15.65
C ILE F 37 -41.17 -29.53 -15.00
N SER F 38 -41.08 -29.44 -13.68
CA SER F 38 -39.94 -29.98 -12.96
C SER F 38 -39.89 -31.50 -13.07
N SER F 39 -38.66 -32.03 -13.02
CA SER F 39 -38.46 -33.48 -13.12
C SER F 39 -39.03 -34.20 -11.92
N GLN F 40 -38.85 -33.64 -10.71
CA GLN F 40 -39.40 -34.27 -9.52
C GLN F 40 -40.92 -34.30 -9.55
N CYS F 41 -41.54 -33.29 -10.18
CA CYS F 41 -42.99 -33.31 -10.35
C CYS F 41 -43.42 -34.50 -11.18
N ILE F 42 -42.74 -34.76 -12.30
CA ILE F 42 -43.07 -35.90 -13.12
C ILE F 42 -42.83 -37.19 -12.36
N LYS F 43 -41.73 -37.26 -11.61
CA LYS F 43 -41.40 -38.46 -10.86
C LYS F 43 -42.48 -38.78 -9.82
N ARG F 44 -42.95 -37.77 -9.09
CA ARG F 44 -43.97 -38.04 -8.09
C ARG F 44 -45.35 -38.24 -8.70
N SER F 45 -45.64 -37.58 -9.83
CA SER F 45 -46.89 -37.84 -10.53
C SER F 45 -46.95 -39.28 -11.00
N ILE F 46 -45.82 -39.81 -11.47
CA ILE F 46 -45.76 -41.23 -11.84
C ILE F 46 -45.85 -42.10 -10.59
N ARG F 47 -45.13 -41.73 -9.53
CA ARG F 47 -45.10 -42.56 -8.32
C ARG F 47 -46.49 -42.65 -7.68
N THR F 48 -47.20 -41.53 -7.60
CA THR F 48 -48.49 -41.50 -6.94
C THR F 48 -49.64 -41.86 -7.87
N SER F 49 -49.35 -42.19 -9.12
CA SER F 49 -50.40 -42.55 -10.07
C SER F 49 -51.03 -43.89 -9.68
N ASN F 50 -52.29 -44.07 -10.08
CA ASN F 50 -52.99 -45.31 -9.82
C ASN F 50 -52.48 -46.46 -10.69
N ASP F 51 -51.85 -46.15 -11.82
CA ASP F 51 -51.22 -47.19 -12.62
C ASP F 51 -49.94 -47.71 -11.98
N PHE F 52 -49.29 -46.89 -11.15
CA PHE F 52 -48.09 -47.29 -10.42
C PHE F 52 -48.42 -47.78 -9.01
N LYS F 53 -49.69 -47.85 -8.65
CA LYS F 53 -50.08 -48.21 -7.29
C LYS F 53 -49.61 -49.61 -6.90
N ALA F 54 -49.47 -50.51 -7.86
CA ALA F 54 -49.04 -51.87 -7.56
C ALA F 54 -47.57 -51.95 -7.18
N LEU F 55 -46.81 -50.86 -7.35
CA LEU F 55 -45.37 -50.88 -7.12
C LEU F 55 -44.92 -49.78 -6.17
N LEU F 56 -45.84 -49.15 -5.44
CA LEU F 56 -45.49 -48.13 -4.46
C LEU F 56 -44.94 -48.84 -3.23
N GLY F 57 -43.67 -49.26 -3.33
CA GLY F 57 -43.04 -50.06 -2.31
C GLY F 57 -42.11 -49.32 -1.37
N GLY F 58 -41.91 -48.03 -1.57
CA GLY F 58 -41.03 -47.24 -0.71
C GLY F 58 -41.71 -45.97 -0.26
N VAL F 59 -41.35 -45.51 0.93
CA VAL F 59 -41.91 -44.27 1.49
C VAL F 59 -40.78 -43.36 1.93
N ARG F 60 -41.01 -42.06 1.76
CA ARG F 60 -40.07 -41.01 2.15
C ARG F 60 -40.70 -40.22 3.28
N THR F 61 -40.49 -40.69 4.51
CA THR F 61 -41.09 -40.09 5.70
C THR F 61 -39.98 -39.57 6.62
N ARG F 62 -40.14 -38.33 7.07
CA ARG F 62 -39.19 -37.77 8.03
C ARG F 62 -39.54 -38.13 9.47
N ARG F 63 -40.66 -38.82 9.69
CA ARG F 63 -41.01 -39.32 11.02
C ARG F 63 -41.18 -40.84 10.94
N LEU F 64 -40.68 -41.52 11.96
CA LEU F 64 -40.75 -42.98 12.02
C LEU F 64 -41.57 -43.52 13.17
N ALA F 65 -41.82 -42.73 14.21
CA ALA F 65 -42.66 -43.21 15.31
C ALA F 65 -44.08 -43.50 14.84
N ASP F 66 -44.60 -42.67 13.92
CA ASP F 66 -45.94 -42.91 13.38
C ASP F 66 -45.99 -44.24 12.63
N LEU F 67 -44.95 -44.54 11.85
CA LEU F 67 -44.91 -45.80 11.12
C LEU F 67 -44.73 -46.99 12.06
N ILE F 68 -43.95 -46.82 13.12
CA ILE F 68 -43.76 -47.89 14.10
C ILE F 68 -45.08 -48.19 14.80
N GLN F 69 -45.79 -47.15 15.21
CA GLN F 69 -47.06 -47.30 15.93
C GLN F 69 -48.21 -47.51 14.94
N GLN F 70 -48.09 -48.57 14.14
CA GLN F 70 -49.14 -48.93 13.21
C GLN F 70 -49.50 -50.41 13.22
N GLU F 71 -48.65 -51.28 13.76
CA GLU F 71 -48.93 -52.71 13.83
C GLU F 71 -48.66 -53.34 15.18
N ALA F 72 -47.90 -52.69 16.06
CA ALA F 72 -47.61 -53.27 17.37
C ALA F 72 -48.86 -53.38 18.22
N GLY F 73 -49.77 -52.43 18.10
CA GLY F 73 -50.98 -52.44 18.91
C GLY F 73 -50.84 -51.80 20.27
N GLU F 74 -49.82 -52.22 21.03
CA GLU F 74 -49.57 -51.64 22.34
C GLU F 74 -49.14 -50.19 22.20
N THR F 75 -49.65 -49.35 23.11
CA THR F 75 -49.44 -47.91 22.99
C THR F 75 -48.03 -47.50 23.43
N GLU F 76 -47.53 -48.11 24.51
CA GLU F 76 -46.34 -47.58 25.17
C GLU F 76 -45.04 -47.91 24.44
N CYS F 77 -44.91 -47.43 23.19
CA CYS F 77 -43.63 -47.45 22.47
C CYS F 77 -43.40 -46.06 21.88
N TRP F 78 -42.88 -45.17 22.71
CA TRP F 78 -42.53 -43.82 22.29
C TRP F 78 -41.11 -43.43 22.67
N LYS F 79 -40.64 -43.83 23.84
CA LYS F 79 -39.27 -43.54 24.25
C LYS F 79 -38.27 -44.42 23.50
N LYS F 80 -38.57 -45.70 23.36
CA LYS F 80 -37.59 -46.63 22.78
C LYS F 80 -37.36 -46.34 21.31
N ALA F 81 -38.43 -46.11 20.55
CA ALA F 81 -38.27 -45.84 19.12
C ALA F 81 -37.49 -44.54 18.89
N GLN F 82 -37.82 -43.49 19.64
CA GLN F 82 -37.11 -42.22 19.46
C GLN F 82 -35.66 -42.35 19.90
N GLU F 83 -35.39 -43.08 20.97
CA GLU F 83 -34.00 -43.27 21.40
C GLU F 83 -33.21 -44.05 20.35
N ILE F 84 -33.83 -45.08 19.77
CA ILE F 84 -33.18 -45.87 18.74
C ILE F 84 -32.88 -45.00 17.52
N LEU F 85 -33.84 -44.15 17.13
CA LEU F 85 -33.61 -43.22 16.04
C LEU F 85 -32.48 -42.24 16.36
N ASN F 86 -32.44 -41.75 17.59
CA ASN F 86 -31.40 -40.77 17.96
C ASN F 86 -30.01 -41.39 17.90
N LYS F 87 -29.84 -42.59 18.47
CA LYS F 87 -28.52 -43.21 18.38
C LYS F 87 -28.21 -43.77 17.01
N CYS F 88 -29.23 -43.99 16.18
CA CYS F 88 -28.99 -44.43 14.81
C CYS F 88 -28.35 -43.33 13.97
N GLY F 89 -28.58 -42.07 14.32
CA GLY F 89 -27.98 -40.96 13.61
C GLY F 89 -28.92 -39.80 13.37
N PHE F 90 -30.22 -40.06 13.40
CA PHE F 90 -31.22 -39.05 13.11
C PHE F 90 -31.51 -38.23 14.37
N LYS F 91 -31.41 -36.91 14.26
CA LYS F 91 -31.67 -36.04 15.39
C LYS F 91 -33.16 -35.95 15.68
N ASN F 92 -33.49 -35.67 16.94
CA ASN F 92 -34.86 -35.48 17.38
C ASN F 92 -35.04 -34.02 17.77
N LYS F 93 -35.71 -33.26 16.91
CA LYS F 93 -36.06 -31.88 17.18
C LYS F 93 -37.55 -31.70 17.46
N ASP F 94 -38.40 -32.29 16.62
CA ASP F 94 -39.83 -32.30 16.85
C ASP F 94 -40.25 -33.77 16.78
N ASP F 95 -41.57 -34.01 16.70
CA ASP F 95 -42.06 -35.37 16.55
C ASP F 95 -41.49 -36.05 15.31
N ASN F 96 -41.11 -35.27 14.30
CA ASN F 96 -40.50 -35.80 13.09
C ASN F 96 -39.00 -35.54 13.09
N THR F 97 -38.24 -36.51 12.59
CA THR F 97 -36.80 -36.35 12.49
C THR F 97 -36.44 -35.40 11.35
N LYS F 98 -35.31 -34.72 11.50
CA LYS F 98 -34.91 -33.74 10.50
C LYS F 98 -34.60 -34.38 9.16
N MET F 99 -33.92 -35.53 9.17
CA MET F 99 -33.52 -36.20 7.95
C MET F 99 -34.71 -36.93 7.31
N LEU F 100 -34.63 -37.09 6.00
CA LEU F 100 -35.64 -37.80 5.23
C LEU F 100 -35.09 -39.17 4.86
N VAL F 101 -35.84 -40.22 5.21
CA VAL F 101 -35.41 -41.59 5.02
C VAL F 101 -36.24 -42.22 3.91
N PHE F 102 -35.57 -42.77 2.91
CA PHE F 102 -36.22 -43.50 1.82
C PHE F 102 -36.28 -44.97 2.22
N MET F 103 -37.51 -45.45 2.46
CA MET F 103 -37.76 -46.75 3.05
C MET F 103 -38.17 -47.76 1.98
N SER F 104 -38.42 -48.98 2.45
CA SER F 104 -39.18 -49.98 1.72
C SER F 104 -40.33 -50.44 2.60
N LYS F 105 -41.52 -50.54 2.02
CA LYS F 105 -42.68 -50.90 2.82
C LYS F 105 -42.74 -52.40 3.02
N ASP F 106 -41.63 -52.99 3.46
CA ASP F 106 -41.56 -54.38 3.83
C ASP F 106 -40.74 -54.62 5.09
N LYS F 107 -39.83 -53.71 5.43
CA LYS F 107 -39.00 -53.84 6.62
C LYS F 107 -39.58 -53.09 7.82
N ILE F 108 -40.75 -52.48 7.67
CA ILE F 108 -41.41 -51.82 8.80
C ILE F 108 -41.77 -52.85 9.87
N LYS F 109 -42.18 -54.05 9.44
CA LYS F 109 -42.42 -55.13 10.39
C LYS F 109 -41.15 -55.50 11.14
N ASP F 110 -40.02 -55.54 10.42
CA ASP F 110 -38.74 -55.80 11.08
C ASP F 110 -38.40 -54.69 12.07
N LEU F 111 -38.67 -53.44 11.71
CA LEU F 111 -38.46 -52.34 12.63
C LEU F 111 -39.29 -52.50 13.88
N ALA F 112 -40.56 -52.89 13.74
CA ALA F 112 -41.41 -53.09 14.90
C ALA F 112 -40.88 -54.23 15.76
N ARG F 113 -40.48 -55.34 15.12
CA ARG F 113 -39.95 -56.48 15.89
C ARG F 113 -38.70 -56.09 16.67
N ILE F 114 -37.84 -55.27 16.06
CA ILE F 114 -36.64 -54.82 16.77
C ILE F 114 -37.01 -53.89 17.92
N VAL F 115 -37.95 -52.97 17.69
CA VAL F 115 -38.26 -51.98 18.71
C VAL F 115 -38.99 -52.59 19.91
N LEU F 116 -39.92 -53.52 19.70
CA LEU F 116 -40.64 -54.07 20.83
C LEU F 116 -39.86 -55.15 21.57
N ASP F 117 -38.78 -55.65 21.00
CA ASP F 117 -37.99 -56.70 21.63
C ASP F 117 -37.14 -56.06 22.72
N ASN F 118 -37.37 -56.47 23.97
CA ASN F 118 -36.64 -55.94 25.11
C ASN F 118 -35.46 -56.83 25.51
N SER F 119 -35.23 -57.92 24.79
CA SER F 119 -34.17 -58.86 25.13
C SER F 119 -32.80 -58.43 24.63
N LEU F 120 -32.73 -57.36 23.84
CA LEU F 120 -31.45 -56.85 23.34
C LEU F 120 -31.26 -55.41 23.79
N GLY F 121 -30.01 -55.02 23.93
CA GLY F 121 -29.69 -53.69 24.41
C GLY F 121 -30.13 -52.62 23.43
N LEU F 122 -30.26 -51.41 23.96
CA LEU F 122 -30.67 -50.26 23.15
C LEU F 122 -29.63 -49.93 22.08
N THR F 123 -28.33 -50.00 22.44
CA THR F 123 -27.29 -49.84 21.42
C THR F 123 -27.36 -50.98 20.40
N GLU F 124 -27.56 -52.20 20.85
CA GLU F 124 -27.73 -53.31 19.92
C GLU F 124 -29.00 -53.12 19.09
N ALA F 125 -30.02 -52.50 19.67
CA ALA F 125 -31.22 -52.18 18.90
C ALA F 125 -30.91 -51.20 17.79
N ALA F 126 -30.10 -50.17 18.09
CA ALA F 126 -29.68 -49.24 17.04
C ALA F 126 -28.86 -49.94 15.97
N GLN F 127 -27.98 -50.85 16.38
CA GLN F 127 -27.22 -51.64 15.41
C GLN F 127 -28.14 -52.41 14.48
N GLN F 128 -29.12 -53.13 15.04
CA GLN F 128 -30.03 -53.90 14.21
C GLN F 128 -30.87 -53.00 13.32
N VAL F 129 -31.30 -51.85 13.83
CA VAL F 129 -32.09 -50.93 13.02
C VAL F 129 -31.29 -50.42 11.84
N ALA F 130 -30.03 -50.03 12.06
CA ALA F 130 -29.21 -49.58 10.94
C ALA F 130 -28.96 -50.71 9.94
N ASN F 131 -28.61 -51.89 10.43
CA ASN F 131 -28.36 -53.03 9.56
C ASN F 131 -29.60 -53.43 8.78
N VAL F 132 -30.79 -53.14 9.31
CA VAL F 132 -32.01 -53.54 8.61
C VAL F 132 -32.50 -52.45 7.66
N ILE F 133 -32.66 -51.19 8.10
CA ILE F 133 -32.88 -50.15 7.10
C ILE F 133 -31.54 -49.49 6.78
N ALA F 134 -30.64 -50.26 6.18
CA ALA F 134 -29.62 -49.76 5.27
C ALA F 134 -29.54 -50.57 3.99
N GLN F 135 -30.04 -51.80 3.96
CA GLN F 135 -30.14 -52.61 2.76
C GLN F 135 -31.58 -52.79 2.30
N ALA F 136 -32.51 -52.02 2.85
CA ALA F 136 -33.90 -52.05 2.42
C ALA F 136 -34.00 -51.34 1.08
N THR F 137 -33.67 -52.08 0.02
CA THR F 137 -33.56 -51.52 -1.32
C THR F 137 -34.57 -52.20 -2.24
N LEU F 138 -35.05 -53.38 -1.83
CA LEU F 138 -35.89 -54.22 -2.69
C LEU F 138 -37.27 -53.56 -2.82
N ALA F 139 -37.30 -52.51 -3.63
CA ALA F 139 -38.53 -51.78 -3.94
C ALA F 139 -38.31 -51.07 -5.26
N PRO F 140 -39.26 -51.13 -6.20
CA PRO F 140 -39.06 -50.47 -7.50
C PRO F 140 -38.84 -48.97 -7.39
N ASP F 141 -39.45 -48.32 -6.39
CA ASP F 141 -39.21 -46.89 -6.19
C ASP F 141 -37.74 -46.62 -5.88
N ILE F 142 -37.12 -47.47 -5.06
CA ILE F 142 -35.70 -47.31 -4.75
C ILE F 142 -34.86 -47.45 -6.02
N ALA F 143 -35.18 -48.46 -6.85
CA ALA F 143 -34.41 -48.67 -8.07
C ALA F 143 -34.57 -47.52 -9.05
N LEU F 144 -35.78 -46.96 -9.15
CA LEU F 144 -36.03 -45.91 -10.12
C LEU F 144 -35.51 -44.56 -9.64
N CYS F 145 -36.06 -44.05 -8.53
CA CYS F 145 -35.73 -42.70 -8.09
C CYS F 145 -34.35 -42.61 -7.46
N GLY F 146 -33.86 -43.70 -6.88
CA GLY F 146 -32.59 -43.68 -6.17
C GLY F 146 -32.76 -43.26 -4.73
N ARG F 147 -31.72 -43.54 -3.94
CA ARG F 147 -31.75 -43.26 -2.51
C ARG F 147 -30.39 -42.78 -2.06
N MET F 148 -30.37 -41.69 -1.29
CA MET F 148 -29.16 -41.20 -0.63
C MET F 148 -29.55 -40.87 0.80
N LEU F 149 -29.40 -41.84 1.69
CA LEU F 149 -29.72 -41.71 3.10
C LEU F 149 -28.42 -41.57 3.87
N GLU F 150 -28.39 -40.63 4.82
CA GLU F 150 -27.14 -40.34 5.50
C GLU F 150 -27.41 -39.77 6.88
N PRO F 151 -26.79 -40.33 7.93
CA PRO F 151 -27.07 -39.85 9.29
C PRO F 151 -26.11 -38.76 9.74
N ASN F 152 -26.33 -38.24 10.94
CA ASN F 152 -25.44 -37.25 11.53
C ASN F 152 -24.29 -37.96 12.25
N ASP F 153 -23.40 -37.17 12.85
CA ASP F 153 -22.28 -37.73 13.58
C ASP F 153 -22.15 -37.11 14.96
N LYS F 154 -22.70 -35.91 15.15
CA LYS F 154 -22.63 -35.25 16.45
C LYS F 154 -23.54 -35.92 17.47
N ASP F 155 -24.67 -36.47 17.04
CA ASP F 155 -25.59 -37.14 17.96
C ASP F 155 -25.73 -38.60 17.57
N LYS F 156 -24.61 -39.25 17.29
CA LYS F 156 -24.56 -40.63 16.86
C LYS F 156 -23.74 -41.45 17.86
N ASP F 157 -24.26 -42.61 18.23
CA ASP F 157 -23.51 -43.50 19.10
C ASP F 157 -22.29 -44.05 18.37
N LYS F 158 -21.15 -44.07 19.06
CA LYS F 158 -19.90 -44.48 18.42
C LYS F 158 -19.89 -45.96 18.05
N LYS F 159 -20.72 -46.77 18.70
CA LYS F 159 -20.69 -48.21 18.45
C LYS F 159 -21.38 -48.60 17.15
N VAL F 160 -22.39 -47.84 16.71
CA VAL F 160 -23.16 -48.22 15.53
C VAL F 160 -22.39 -47.87 14.26
N LYS F 161 -22.58 -48.69 13.24
CA LYS F 161 -21.92 -48.51 11.95
C LYS F 161 -22.93 -48.70 10.83
N TRP F 162 -22.63 -48.13 9.67
CA TRP F 162 -23.52 -48.16 8.52
C TRP F 162 -22.84 -48.85 7.34
N SER F 163 -23.64 -49.57 6.56
CA SER F 163 -23.18 -50.19 5.33
C SER F 163 -23.36 -49.20 4.18
N ASN F 164 -23.24 -49.68 2.95
CA ASN F 164 -23.40 -48.83 1.78
C ASN F 164 -24.87 -48.50 1.58
N THR F 165 -25.36 -47.49 2.31
CA THR F 165 -26.75 -47.06 2.22
C THR F 165 -26.94 -45.94 1.19
N THR F 166 -26.40 -46.16 0.00
CA THR F 166 -26.52 -45.22 -1.11
C THR F 166 -26.85 -45.99 -2.36
N VAL F 167 -28.04 -45.75 -2.91
CA VAL F 167 -28.51 -46.45 -4.11
C VAL F 167 -28.65 -45.41 -5.22
N GLU F 168 -27.69 -45.39 -6.14
CA GLU F 168 -27.78 -44.53 -7.31
C GLU F 168 -28.92 -44.99 -8.21
N ALA F 169 -29.64 -44.01 -8.77
CA ALA F 169 -30.89 -44.25 -9.46
C ALA F 169 -30.65 -44.96 -10.80
N ALA F 170 -31.72 -45.55 -11.33
CA ALA F 170 -31.71 -46.17 -12.64
C ALA F 170 -32.64 -45.48 -13.62
N LEU F 171 -33.08 -44.26 -13.32
CA LEU F 171 -33.99 -43.52 -14.19
C LEU F 171 -33.53 -42.07 -14.27
N GLN F 172 -33.50 -41.53 -15.48
CA GLN F 172 -33.15 -40.13 -15.72
C GLN F 172 -34.32 -39.45 -16.41
N VAL F 173 -34.88 -38.44 -15.75
CA VAL F 173 -36.01 -37.68 -16.27
C VAL F 173 -35.58 -36.22 -16.42
N ALA F 174 -35.74 -35.68 -17.62
CA ALA F 174 -35.40 -34.30 -17.90
C ALA F 174 -36.59 -33.38 -17.62
N HIS F 175 -36.28 -32.10 -17.38
CA HIS F 175 -37.33 -31.12 -17.17
C HIS F 175 -38.10 -30.89 -18.46
N ALA F 176 -39.43 -30.93 -18.37
CA ALA F 176 -40.27 -30.79 -19.55
C ALA F 176 -40.23 -29.35 -20.04
N ILE F 177 -39.65 -29.14 -21.21
CA ILE F 177 -39.52 -27.82 -21.81
C ILE F 177 -40.46 -27.74 -23.00
N SER F 178 -41.14 -26.59 -23.14
CA SER F 178 -42.07 -26.42 -24.24
C SER F 178 -41.32 -26.24 -25.55
N THR F 179 -42.03 -26.53 -26.65
CA THR F 179 -41.49 -26.35 -27.98
C THR F 179 -41.57 -24.92 -28.47
N HIS F 180 -42.27 -24.05 -27.75
CA HIS F 180 -42.44 -22.66 -28.16
C HIS F 180 -42.21 -21.72 -26.98
N ILE F 181 -42.45 -20.43 -27.19
CA ILE F 181 -42.33 -19.46 -26.11
C ILE F 181 -43.46 -19.66 -25.11
N ALA F 182 -43.20 -19.33 -23.85
CA ALA F 182 -44.20 -19.45 -22.80
C ALA F 182 -45.17 -18.27 -22.88
N ARG F 183 -46.43 -18.56 -23.18
CA ARG F 183 -47.42 -17.50 -23.29
C ARG F 183 -47.72 -16.94 -21.90
N PRO F 184 -47.98 -15.63 -21.79
CA PRO F 184 -48.34 -14.98 -20.52
C PRO F 184 -49.75 -15.37 -20.05
N SER F 208 -60.20 -24.56 -29.97
CA SER F 208 -59.86 -23.22 -30.43
C SER F 208 -60.35 -22.15 -29.46
N MET F 209 -60.48 -22.53 -28.19
CA MET F 209 -61.00 -21.64 -27.15
C MET F 209 -59.90 -21.36 -26.12
N PHE F 210 -59.08 -22.36 -25.83
CA PHE F 210 -57.97 -22.24 -24.91
C PHE F 210 -56.70 -22.69 -25.63
N ALA F 211 -55.61 -21.96 -25.41
CA ALA F 211 -54.35 -22.30 -26.07
C ALA F 211 -53.62 -23.37 -25.27
N SER F 212 -53.40 -24.53 -25.90
CA SER F 212 -52.70 -25.62 -25.24
C SER F 212 -51.20 -25.45 -25.39
N ALA F 213 -50.47 -25.71 -24.30
CA ALA F 213 -49.02 -25.56 -24.27
C ALA F 213 -48.36 -26.93 -24.49
N CYS F 214 -47.59 -27.03 -25.57
CA CYS F 214 -46.91 -28.27 -25.88
C CYS F 214 -45.70 -28.47 -24.98
N PHE F 215 -45.31 -29.74 -24.82
CA PHE F 215 -44.19 -30.07 -23.95
C PHE F 215 -43.37 -31.19 -24.59
N TYR F 216 -42.11 -31.26 -24.19
CA TYR F 216 -41.21 -32.34 -24.59
C TYR F 216 -40.70 -33.04 -23.34
N LYS F 217 -41.07 -34.30 -23.18
CA LYS F 217 -40.70 -35.09 -22.02
C LYS F 217 -39.64 -36.11 -22.40
N TYR F 218 -38.64 -36.28 -21.53
CA TYR F 218 -37.50 -37.14 -21.79
C TYR F 218 -37.31 -38.08 -20.61
N PHE F 219 -37.26 -39.38 -20.89
CA PHE F 219 -37.04 -40.40 -19.88
C PHE F 219 -35.99 -41.38 -20.37
N SER F 220 -35.16 -41.87 -19.44
CA SER F 220 -34.12 -42.85 -19.75
C SER F 220 -34.03 -43.83 -18.60
N ILE F 221 -34.30 -45.10 -18.86
CA ILE F 221 -34.25 -46.16 -17.85
C ILE F 221 -33.14 -47.13 -18.23
N ASP F 222 -32.23 -47.38 -17.30
CA ASP F 222 -31.13 -48.31 -17.52
C ASP F 222 -31.56 -49.69 -17.04
N TRP F 223 -31.62 -50.65 -17.96
CA TRP F 223 -32.11 -51.98 -17.61
C TRP F 223 -31.14 -52.72 -16.71
N GLU F 224 -29.85 -52.69 -17.04
CA GLU F 224 -28.87 -53.41 -16.23
C GLU F 224 -28.83 -52.86 -14.80
N GLN F 225 -28.83 -51.54 -14.66
CA GLN F 225 -28.85 -50.96 -13.32
C GLN F 225 -30.16 -51.28 -12.60
N LEU F 226 -31.27 -51.28 -13.33
CA LEU F 226 -32.56 -51.60 -12.71
C LEU F 226 -32.57 -53.01 -12.15
N VAL F 227 -32.06 -53.97 -12.91
CA VAL F 227 -32.01 -55.34 -12.40
C VAL F 227 -30.91 -55.53 -11.37
N LYS F 228 -29.90 -54.65 -11.35
CA LYS F 228 -28.89 -54.71 -10.30
C LYS F 228 -29.47 -54.24 -8.97
N ASN F 229 -30.26 -53.17 -9.00
CA ASN F 229 -30.85 -52.62 -7.79
C ASN F 229 -32.05 -53.42 -7.30
N LEU F 230 -32.52 -54.40 -8.08
CA LEU F 230 -33.61 -55.27 -7.66
C LEU F 230 -33.11 -56.64 -7.21
N LYS F 231 -31.83 -56.74 -6.85
CA LYS F 231 -31.22 -57.98 -6.37
C LYS F 231 -31.37 -59.11 -7.40
N GLY F 232 -31.21 -58.76 -8.67
CA GLY F 232 -31.26 -59.74 -9.74
C GLY F 232 -32.64 -60.11 -10.22
N ASP F 233 -33.69 -59.46 -9.72
CA ASP F 233 -35.05 -59.77 -10.15
C ASP F 233 -35.29 -59.16 -11.53
N THR F 234 -35.70 -60.00 -12.48
CA THR F 234 -35.90 -59.56 -13.86
C THR F 234 -37.37 -59.36 -14.22
N ASN F 235 -38.29 -60.06 -13.55
CA ASN F 235 -39.71 -59.83 -13.82
C ASN F 235 -40.19 -58.54 -13.18
N LEU F 236 -39.69 -58.23 -11.99
CA LEU F 236 -40.09 -56.99 -11.32
C LEU F 236 -39.60 -55.78 -12.11
N ALA F 237 -38.42 -55.87 -12.72
CA ALA F 237 -37.94 -54.77 -13.54
C ALA F 237 -38.82 -54.55 -14.77
N ALA F 238 -39.25 -55.63 -15.42
CA ALA F 238 -40.14 -55.48 -16.56
C ALA F 238 -41.49 -54.89 -16.13
N HIS F 239 -42.02 -55.34 -14.99
CA HIS F 239 -43.25 -54.77 -14.48
C HIS F 239 -43.07 -53.28 -14.17
N THR F 240 -41.93 -52.91 -13.60
CA THR F 240 -41.65 -51.51 -13.31
C THR F 240 -41.59 -50.68 -14.59
N VAL F 241 -40.93 -51.19 -15.62
CA VAL F 241 -40.83 -50.46 -16.88
C VAL F 241 -42.22 -50.27 -17.50
N GLY F 242 -43.02 -51.34 -17.52
CA GLY F 242 -44.35 -51.22 -18.08
C GLY F 242 -45.23 -50.26 -17.30
N ALA F 243 -45.22 -50.36 -15.98
CA ALA F 243 -46.02 -49.46 -15.16
C ALA F 243 -45.56 -48.02 -15.29
N PHE F 244 -44.24 -47.80 -15.39
CA PHE F 244 -43.73 -46.46 -15.60
C PHE F 244 -44.19 -45.89 -16.93
N LEU F 245 -44.19 -46.70 -17.98
CA LEU F 245 -44.67 -46.22 -19.27
C LEU F 245 -46.15 -45.88 -19.21
N LEU F 246 -46.96 -46.76 -18.59
CA LEU F 246 -48.38 -46.46 -18.44
C LEU F 246 -48.58 -45.16 -17.67
N ALA F 247 -47.85 -44.97 -16.57
CA ALA F 247 -48.02 -43.77 -15.77
C ALA F 247 -47.61 -42.52 -16.54
N ALA F 248 -46.43 -42.56 -17.18
CA ALA F 248 -45.96 -41.40 -17.93
C ALA F 248 -46.90 -41.05 -19.06
N ALA F 249 -47.55 -42.04 -19.66
CA ALA F 249 -48.52 -41.74 -20.71
C ALA F 249 -49.90 -41.38 -20.17
N LYS F 250 -50.19 -41.68 -18.91
CA LYS F 250 -51.51 -41.51 -18.33
C LYS F 250 -51.44 -40.87 -16.95
N THR F 251 -50.69 -39.78 -16.81
CA THR F 251 -50.66 -39.04 -15.56
C THR F 251 -50.73 -37.55 -15.84
N ASN F 252 -51.16 -36.81 -14.82
CA ASN F 252 -51.23 -35.36 -14.85
C ASN F 252 -50.76 -34.80 -13.52
N PRO F 253 -49.67 -34.04 -13.49
CA PRO F 253 -49.21 -33.45 -12.23
C PRO F 253 -50.24 -32.51 -11.65
N SER F 254 -50.69 -32.82 -10.43
CA SER F 254 -51.63 -31.99 -9.66
C SER F 254 -53.01 -31.95 -10.30
N GLY F 255 -54.03 -31.66 -9.48
CA GLY F 255 -55.38 -31.56 -9.98
C GLY F 255 -56.02 -32.93 -10.18
N LYS F 256 -56.95 -32.97 -11.15
CA LYS F 256 -57.69 -34.19 -11.48
C LYS F 256 -58.42 -34.76 -10.28
N HIS F 263 -58.50 -36.95 -22.62
CA HIS F 263 -58.06 -36.10 -21.52
C HIS F 263 -56.54 -36.13 -21.35
N ASN F 264 -55.87 -35.11 -21.89
CA ASN F 264 -54.42 -34.96 -21.81
C ASN F 264 -53.70 -36.19 -22.36
N TYR F 265 -54.24 -36.71 -23.45
CA TYR F 265 -53.64 -37.86 -24.12
C TYR F 265 -52.33 -37.44 -24.79
N PRO F 266 -51.33 -38.32 -24.84
CA PRO F 266 -50.07 -37.96 -25.50
C PRO F 266 -50.16 -38.13 -27.01
N ASP F 267 -49.81 -37.07 -27.73
CA ASP F 267 -49.96 -37.05 -29.18
C ASP F 267 -48.94 -37.90 -29.90
N GLY F 268 -47.87 -38.31 -29.22
CA GLY F 268 -46.86 -39.14 -29.85
C GLY F 268 -45.79 -39.60 -28.87
N ILE F 269 -45.46 -40.89 -28.92
CA ILE F 269 -44.46 -41.47 -28.02
C ILE F 269 -43.44 -42.21 -28.88
N LEU F 270 -42.17 -41.88 -28.71
CA LEU F 270 -41.08 -42.52 -29.44
C LEU F 270 -40.20 -43.26 -28.45
N VAL F 271 -40.21 -44.59 -28.54
CA VAL F 271 -39.43 -45.45 -27.65
C VAL F 271 -38.33 -46.10 -28.49
N GLU F 272 -37.09 -45.77 -28.17
CA GLU F 272 -35.94 -46.35 -28.86
C GLU F 272 -34.87 -46.71 -27.83
N PHE F 273 -34.05 -47.69 -28.18
CA PHE F 273 -33.17 -48.36 -27.22
C PHE F 273 -31.74 -48.32 -27.77
N LYS F 274 -30.86 -47.58 -27.10
CA LYS F 274 -29.45 -47.59 -27.45
C LYS F 274 -28.61 -47.87 -26.21
N ASN F 275 -27.29 -47.87 -26.40
CA ASN F 275 -26.35 -48.07 -25.32
C ASN F 275 -25.81 -46.77 -24.73
N SER F 276 -26.15 -45.63 -25.32
CA SER F 276 -25.73 -44.33 -24.82
C SER F 276 -26.90 -43.36 -24.97
N PRO F 277 -27.22 -42.59 -23.92
CA PRO F 277 -28.38 -41.71 -23.99
C PRO F 277 -28.18 -40.58 -24.99
N ILE F 278 -29.26 -40.21 -25.66
CA ILE F 278 -29.29 -39.05 -26.55
C ILE F 278 -30.57 -38.27 -26.25
N SER F 279 -30.43 -36.96 -26.06
CA SER F 279 -31.56 -36.08 -25.80
C SER F 279 -31.85 -35.24 -27.02
N TYR F 280 -33.12 -35.22 -27.44
CA TYR F 280 -33.55 -34.46 -28.62
C TYR F 280 -34.13 -33.10 -28.24
N ALA F 281 -33.68 -32.51 -27.14
CA ALA F 281 -34.18 -31.20 -26.76
C ALA F 281 -33.76 -30.11 -27.75
N ASN F 282 -32.64 -30.31 -28.43
CA ASN F 282 -32.16 -29.33 -29.40
C ASN F 282 -33.06 -29.23 -30.62
N ALA F 283 -34.01 -30.15 -30.79
CA ALA F 283 -34.97 -30.05 -31.87
C ALA F 283 -35.79 -28.77 -31.76
N PHE F 284 -35.85 -28.19 -30.56
CA PHE F 284 -36.67 -27.01 -30.30
C PHE F 284 -35.80 -25.82 -29.89
N VAL F 285 -34.57 -25.75 -30.40
CA VAL F 285 -33.81 -24.51 -30.29
C VAL F 285 -34.51 -23.41 -31.07
N ARG F 286 -35.00 -23.72 -32.26
CA ARG F 286 -35.90 -22.83 -32.98
C ARG F 286 -37.30 -23.00 -32.40
N PRO F 287 -37.89 -21.98 -31.79
CA PRO F 287 -39.26 -22.11 -31.27
C PRO F 287 -40.25 -22.38 -32.40
N VAL F 288 -41.25 -23.19 -32.08
CA VAL F 288 -42.32 -23.51 -33.04
C VAL F 288 -43.32 -22.37 -32.98
N SER F 289 -43.12 -21.38 -33.84
CA SER F 289 -43.95 -20.18 -33.86
C SER F 289 -45.03 -20.35 -34.91
N VAL F 290 -46.23 -20.73 -34.46
CA VAL F 290 -47.41 -20.83 -35.31
C VAL F 290 -48.51 -19.99 -34.68
N VAL F 291 -49.13 -19.13 -35.50
CA VAL F 291 -50.20 -18.28 -34.99
C VAL F 291 -51.39 -19.12 -34.54
N LYS F 292 -51.78 -20.11 -35.34
CA LYS F 292 -52.89 -20.98 -34.98
C LYS F 292 -52.51 -21.88 -33.81
N GLU F 293 -53.46 -22.05 -32.89
CA GLU F 293 -53.19 -22.85 -31.69
C GLU F 293 -53.18 -24.35 -31.98
N SER F 294 -54.02 -24.80 -32.91
CA SER F 294 -54.11 -26.22 -33.24
C SER F 294 -53.18 -26.63 -34.37
N ASP F 295 -52.35 -25.71 -34.87
CA ASP F 295 -51.45 -25.97 -35.98
C ASP F 295 -49.99 -26.04 -35.53
N LEU F 296 -49.74 -26.40 -34.28
CA LEU F 296 -48.38 -26.43 -33.75
C LEU F 296 -47.93 -27.82 -33.31
N VAL F 297 -48.86 -28.72 -33.00
CA VAL F 297 -48.47 -30.04 -32.53
C VAL F 297 -47.76 -30.82 -33.62
N GLU F 298 -48.33 -30.85 -34.82
CA GLU F 298 -47.67 -31.58 -35.91
C GLU F 298 -46.41 -30.87 -36.38
N GLN F 299 -46.34 -29.54 -36.23
CA GLN F 299 -45.10 -28.84 -36.53
C GLN F 299 -43.99 -29.25 -35.56
N SER F 300 -44.31 -29.34 -34.28
CA SER F 300 -43.33 -29.81 -33.31
C SER F 300 -42.94 -31.25 -33.57
N ILE F 301 -43.90 -32.08 -33.95
CA ILE F 301 -43.60 -33.48 -34.28
C ILE F 301 -42.66 -33.55 -35.48
N GLY F 302 -42.91 -32.71 -36.49
CA GLY F 302 -42.03 -32.69 -37.65
C GLY F 302 -40.63 -32.21 -37.32
N GLN F 303 -40.52 -31.19 -36.45
CA GLN F 303 -39.20 -30.74 -36.02
C GLN F 303 -38.46 -31.84 -35.28
N LEU F 304 -39.15 -32.54 -34.38
CA LEU F 304 -38.52 -33.66 -33.68
C LEU F 304 -38.11 -34.75 -34.64
N SER F 305 -38.94 -35.03 -35.65
CA SER F 305 -38.60 -36.04 -36.65
C SER F 305 -37.35 -35.64 -37.42
N ASN F 306 -37.26 -34.38 -37.82
CA ASN F 306 -36.09 -33.90 -38.55
C ASN F 306 -34.83 -34.03 -37.70
N TYR F 307 -34.92 -33.64 -36.43
CA TYR F 307 -33.75 -33.73 -35.56
C TYR F 307 -33.36 -35.18 -35.30
N VAL F 308 -34.35 -36.06 -35.11
CA VAL F 308 -34.07 -37.47 -34.87
C VAL F 308 -33.40 -38.09 -36.08
N ASN F 309 -33.90 -37.78 -37.28
CA ASN F 309 -33.29 -38.28 -38.50
C ASN F 309 -31.87 -37.75 -38.65
N ASP F 310 -31.66 -36.47 -38.32
CA ASP F 310 -30.33 -35.88 -38.39
C ASP F 310 -29.36 -36.59 -37.46
N ILE F 311 -29.78 -36.88 -36.22
CA ILE F 311 -28.91 -37.56 -35.27
C ILE F 311 -28.66 -39.00 -35.71
N ARG F 312 -29.69 -39.67 -36.21
CA ARG F 312 -29.53 -41.05 -36.67
C ARG F 312 -28.52 -41.14 -37.80
N LEU F 313 -28.62 -40.24 -38.79
CA LEU F 313 -27.69 -40.30 -39.92
C LEU F 313 -26.33 -39.72 -39.58
N GLY F 314 -26.24 -38.86 -38.57
CA GLY F 314 -24.99 -38.18 -38.27
C GLY F 314 -24.15 -38.84 -37.20
N TYR F 315 -24.73 -39.76 -36.44
CA TYR F 315 -24.00 -40.38 -35.35
C TYR F 315 -24.11 -41.90 -35.37
N TYR F 316 -25.22 -42.42 -35.87
CA TYR F 316 -25.50 -43.85 -35.84
C TYR F 316 -25.25 -44.43 -37.23
N ASP F 317 -24.00 -44.80 -37.47
CA ASP F 317 -23.61 -45.49 -38.70
C ASP F 317 -22.76 -46.70 -38.35
N GLU F 318 -23.07 -47.83 -38.99
CA GLU F 318 -22.36 -49.09 -38.79
C GLU F 318 -22.35 -49.50 -37.32
N GLN F 319 -21.39 -50.34 -36.94
CA GLN F 319 -21.22 -50.81 -35.57
C GLN F 319 -22.49 -51.46 -35.05
N SER F 320 -23.28 -50.71 -34.27
CA SER F 320 -24.51 -51.21 -33.65
C SER F 320 -25.68 -50.31 -34.06
N PRO F 321 -26.38 -50.64 -35.14
CA PRO F 321 -27.57 -49.86 -35.51
C PRO F 321 -28.63 -49.91 -34.43
N VAL F 322 -29.38 -48.82 -34.33
CA VAL F 322 -30.41 -48.65 -33.30
C VAL F 322 -31.77 -48.50 -33.97
N ILE F 323 -32.75 -49.26 -33.47
CA ILE F 323 -34.12 -49.20 -33.98
C ILE F 323 -35.08 -48.89 -32.84
N GLY F 324 -36.18 -48.23 -33.18
CA GLY F 324 -37.14 -47.79 -32.20
C GLY F 324 -38.56 -47.94 -32.71
N PHE F 325 -39.50 -47.81 -31.79
CA PHE F 325 -40.92 -47.93 -32.08
C PHE F 325 -41.61 -46.58 -31.91
N TRP F 326 -42.42 -46.20 -32.89
CA TRP F 326 -43.18 -44.96 -32.87
C TRP F 326 -44.64 -45.26 -32.58
N PHE F 327 -45.22 -44.53 -31.64
CA PHE F 327 -46.62 -44.69 -31.25
C PHE F 327 -47.33 -43.35 -31.28
N SER F 328 -48.53 -43.35 -31.82
CA SER F 328 -49.43 -42.20 -31.82
C SER F 328 -50.85 -42.68 -31.56
N PRO F 329 -51.70 -41.84 -30.98
CA PRO F 329 -53.10 -42.25 -30.79
C PRO F 329 -53.77 -42.51 -32.13
N ASN F 330 -54.28 -43.74 -32.28
CA ASN F 330 -54.94 -44.24 -33.50
C ASN F 330 -54.17 -43.86 -34.78
N ASN F 331 -52.84 -43.79 -34.67
CA ASN F 331 -51.96 -43.48 -35.80
C ASN F 331 -52.33 -42.16 -36.45
N ARG F 332 -52.77 -41.20 -35.64
CA ARG F 332 -53.17 -39.90 -36.17
C ARG F 332 -51.97 -39.06 -36.60
N TYR F 333 -50.90 -39.09 -35.81
CA TYR F 333 -49.70 -38.32 -36.11
C TYR F 333 -48.59 -39.25 -36.59
N PRO F 334 -48.22 -39.21 -37.86
CA PRO F 334 -47.16 -40.09 -38.37
C PRO F 334 -45.77 -39.48 -38.36
N LEU F 335 -44.79 -40.36 -38.19
CA LEU F 335 -43.36 -40.00 -38.24
C LEU F 335 -42.68 -41.05 -39.12
N GLY F 336 -42.66 -40.79 -40.42
CA GLY F 336 -42.01 -41.68 -41.37
C GLY F 336 -41.37 -40.96 -42.52
N TYR F 337 -41.34 -39.63 -42.45
CA TYR F 337 -40.81 -38.76 -43.51
C TYR F 337 -41.58 -38.93 -44.81
N LYS F 338 -42.77 -39.53 -44.73
CA LYS F 338 -43.76 -39.67 -45.80
C LYS F 338 -43.34 -40.60 -46.93
N HIS F 339 -42.11 -41.13 -46.92
CA HIS F 339 -41.72 -42.07 -47.96
C HIS F 339 -40.91 -43.26 -47.46
N SER F 340 -40.39 -43.23 -46.23
CA SER F 340 -39.53 -44.29 -45.72
C SER F 340 -40.27 -45.13 -44.69
N LYS F 341 -40.28 -46.44 -44.89
CA LYS F 341 -40.90 -47.36 -43.94
C LYS F 341 -39.84 -47.91 -43.00
N LEU F 342 -39.39 -47.03 -42.09
CA LEU F 342 -38.32 -47.36 -41.17
C LEU F 342 -38.79 -48.15 -39.95
N ALA F 343 -40.10 -48.36 -39.79
CA ALA F 343 -40.64 -49.09 -38.67
C ALA F 343 -41.32 -50.36 -39.15
N SER F 344 -41.15 -51.44 -38.37
CA SER F 344 -41.76 -52.72 -38.73
C SER F 344 -43.28 -52.62 -38.69
N ARG F 345 -43.84 -52.04 -37.63
CA ARG F 345 -45.28 -51.86 -37.52
C ARG F 345 -45.56 -50.71 -36.57
N ASN F 346 -46.68 -50.04 -36.80
CA ASN F 346 -47.12 -48.91 -35.99
C ASN F 346 -48.46 -49.25 -35.35
N ILE F 347 -48.63 -48.88 -34.08
CA ILE F 347 -49.84 -49.18 -33.34
C ILE F 347 -50.39 -47.90 -32.72
N GLY F 348 -51.68 -47.92 -32.40
CA GLY F 348 -52.36 -46.77 -31.82
C GLY F 348 -52.82 -46.92 -30.39
N ASN F 349 -52.36 -47.94 -29.67
CA ASN F 349 -52.76 -48.16 -28.29
C ASN F 349 -51.54 -48.20 -27.40
N LEU F 350 -51.67 -47.61 -26.20
CA LEU F 350 -50.58 -47.63 -25.25
C LEU F 350 -50.26 -49.05 -24.80
N ASN F 351 -51.28 -49.89 -24.61
CA ASN F 351 -51.05 -51.27 -24.24
C ASN F 351 -50.29 -52.01 -25.33
N GLU F 352 -50.64 -51.76 -26.60
CA GLU F 352 -49.91 -52.37 -27.70
C GLU F 352 -48.46 -51.93 -27.71
N LEU F 353 -48.22 -50.63 -27.45
CA LEU F 353 -46.85 -50.12 -27.42
C LEU F 353 -46.05 -50.78 -26.30
N VAL F 354 -46.66 -50.94 -25.13
CA VAL F 354 -45.97 -51.57 -24.01
C VAL F 354 -45.68 -53.04 -24.32
N GLY F 355 -46.64 -53.75 -24.91
CA GLY F 355 -46.39 -55.12 -25.32
C GLY F 355 -45.28 -55.23 -26.33
N ALA F 356 -45.21 -54.27 -27.25
CA ALA F 356 -44.16 -54.30 -28.27
C ALA F 356 -42.79 -54.02 -27.67
N VAL F 357 -42.69 -53.03 -26.78
CA VAL F 357 -41.41 -52.70 -26.17
C VAL F 357 -40.98 -53.70 -25.11
N LEU F 358 -41.91 -54.51 -24.60
CA LEU F 358 -41.53 -55.48 -23.57
C LEU F 358 -40.81 -56.68 -24.15
N ASP F 359 -41.19 -57.13 -25.35
CA ASP F 359 -40.53 -58.29 -25.95
C ASP F 359 -39.16 -57.96 -26.51
N TYR F 360 -38.83 -56.68 -26.68
CA TYR F 360 -37.53 -56.33 -27.22
C TYR F 360 -36.41 -56.75 -26.28
N ILE F 361 -36.58 -56.58 -24.97
CA ILE F 361 -35.57 -56.99 -24.00
C ILE F 361 -35.46 -58.49 -23.84
N GLY F 362 -36.41 -59.25 -24.40
CA GLY F 362 -36.37 -60.70 -24.30
C GLY F 362 -37.52 -61.27 -23.51
N GLY F 363 -38.46 -61.92 -24.18
CA GLY F 363 -39.62 -62.47 -23.49
C GLY F 363 -40.44 -61.35 -22.87
N PHE F 364 -40.63 -61.44 -21.56
CA PHE F 364 -41.29 -60.39 -20.78
C PHE F 364 -42.69 -60.11 -21.29
N LYS F 365 -43.54 -61.13 -21.22
CA LYS F 365 -44.93 -60.98 -21.62
C LYS F 365 -45.65 -60.04 -20.67
N TRP F 366 -46.51 -59.18 -21.23
CA TRP F 366 -47.20 -58.19 -20.42
C TRP F 366 -48.24 -58.83 -19.50
N GLU F 367 -48.87 -59.91 -19.95
CA GLU F 367 -49.89 -60.56 -19.13
C GLU F 367 -49.31 -61.35 -17.97
N GLU F 368 -48.02 -61.71 -18.03
CA GLU F 368 -47.39 -62.51 -17.00
C GLU F 368 -46.53 -61.70 -16.05
N VAL F 369 -46.23 -60.44 -16.38
CA VAL F 369 -45.39 -59.60 -15.52
C VAL F 369 -46.13 -59.05 -14.32
N GLN F 370 -47.46 -59.18 -14.29
CA GLN F 370 -48.24 -58.68 -13.16
C GLN F 370 -48.11 -59.55 -11.91
N LYS F 371 -47.59 -60.76 -12.05
CA LYS F 371 -47.44 -61.68 -10.91
C LYS F 371 -46.17 -61.40 -10.11
N SER F 372 -46.05 -60.16 -9.62
CA SER F 372 -44.88 -59.76 -8.84
C SER F 372 -45.32 -58.58 -7.96
N LYS F 373 -45.42 -58.82 -6.66
CA LYS F 373 -45.84 -57.82 -5.69
C LYS F 373 -47.22 -57.26 -6.03
N MET G 1 -8.23 31.50 56.15
CA MET G 1 -8.32 30.40 55.20
C MET G 1 -7.32 30.54 54.08
N LEU G 2 -7.00 29.43 53.42
CA LEU G 2 -5.96 29.37 52.41
C LEU G 2 -6.57 29.17 51.03
N ILE G 3 -6.05 29.92 50.05
CA ILE G 3 -6.46 29.79 48.66
C ILE G 3 -5.29 29.15 47.90
N GLU G 4 -5.53 27.98 47.32
CA GLU G 4 -4.51 27.24 46.59
C GLU G 4 -4.94 27.12 45.14
N ILE G 5 -4.03 27.47 44.24
CA ILE G 5 -4.30 27.51 42.80
C ILE G 5 -3.34 26.55 42.11
N HIS G 6 -3.89 25.59 41.39
CA HIS G 6 -3.11 24.65 40.61
C HIS G 6 -3.41 24.84 39.14
N MET G 7 -2.36 24.90 38.32
CA MET G 7 -2.49 25.13 36.89
C MET G 7 -1.78 24.03 36.12
N ILE G 8 -2.35 23.65 34.98
CA ILE G 8 -1.75 22.72 34.05
C ILE G 8 -1.58 23.45 32.73
N GLN G 9 -0.38 23.92 32.46
CA GLN G 9 -0.09 24.73 31.28
C GLN G 9 0.89 23.99 30.40
N ASN G 10 0.52 23.79 29.15
CA ASN G 10 1.40 23.17 28.16
C ASN G 10 2.00 24.27 27.29
N HIS G 11 3.32 24.27 27.18
CA HIS G 11 4.04 25.34 26.51
C HIS G 11 4.66 24.84 25.21
N SER G 12 4.61 25.70 24.19
CA SER G 12 5.23 25.41 22.91
C SER G 12 6.75 25.37 23.08
N PRO G 13 7.47 24.73 22.15
CA PRO G 13 8.94 24.70 22.25
C PRO G 13 9.54 26.06 22.47
N ALA G 14 10.14 26.27 23.63
CA ALA G 14 10.60 27.59 24.03
C ALA G 14 11.76 27.44 25.01
N ASN G 15 12.32 28.58 25.40
CA ASN G 15 13.37 28.65 26.42
C ASN G 15 12.93 29.74 27.40
N LEU G 16 12.10 29.35 28.36
CA LEU G 16 11.46 30.33 29.24
C LEU G 16 12.39 30.75 30.38
N ASN G 17 13.11 29.80 30.96
CA ASN G 17 14.06 30.08 32.02
C ASN G 17 15.41 29.45 31.67
N ARG G 18 16.48 30.13 32.05
CA ARG G 18 17.82 29.74 31.63
C ARG G 18 18.79 29.75 32.81
N ASP G 19 19.78 28.87 32.73
CA ASP G 19 20.90 28.88 33.66
C ASP G 19 22.06 29.67 33.04
N ASP G 20 23.25 29.56 33.63
CA ASP G 20 24.39 30.30 33.12
C ASP G 20 24.83 29.79 31.75
N LEU G 21 24.75 28.47 31.54
CA LEU G 21 25.22 27.87 30.30
C LEU G 21 24.20 27.95 29.17
N GLY G 22 23.02 28.52 29.44
CA GLY G 22 21.99 28.62 28.44
C GLY G 22 21.01 27.47 28.41
N ALA G 23 21.25 26.42 29.17
CA ALA G 23 20.33 25.29 29.22
C ALA G 23 19.05 25.70 29.94
N PRO G 24 17.91 25.13 29.55
CA PRO G 24 16.67 25.40 30.30
C PRO G 24 16.78 24.86 31.72
N LYS G 25 16.14 25.57 32.64
CA LYS G 25 16.17 25.17 34.05
C LYS G 25 15.55 23.79 34.20
N THR G 26 16.22 22.93 34.94
CA THR G 26 15.87 21.52 35.01
C THR G 26 15.74 21.09 36.47
N CYS G 27 15.10 19.95 36.69
CA CYS G 27 14.90 19.42 38.03
C CYS G 27 14.77 17.90 37.95
N TYR G 28 14.87 17.26 39.10
CA TYR G 28 14.81 15.80 39.20
C TYR G 28 13.64 15.43 40.10
N PHE G 29 12.82 14.48 39.66
CA PHE G 29 11.65 14.08 40.43
C PHE G 29 11.16 12.73 39.93
N GLY G 30 10.92 11.80 40.85
CA GLY G 30 10.45 10.49 40.48
C GLY G 30 11.43 9.66 39.71
N GLY G 31 12.73 9.91 39.87
CA GLY G 31 13.72 9.20 39.10
C GLY G 31 13.80 9.63 37.65
N VAL G 32 13.30 10.82 37.33
CA VAL G 32 13.22 11.29 35.95
C VAL G 32 13.61 12.77 35.92
N LEU G 33 14.46 13.14 34.97
CA LEU G 33 14.83 14.53 34.78
C LEU G 33 13.65 15.33 34.25
N ARG G 34 13.39 16.49 34.84
CA ARG G 34 12.18 17.25 34.54
C ARG G 34 12.51 18.72 34.32
N SER G 35 11.81 19.33 33.36
CA SER G 35 11.95 20.75 33.09
C SER G 35 11.39 21.57 34.24
N ARG G 36 11.82 22.83 34.31
CA ARG G 36 11.48 23.66 35.45
C ARG G 36 11.50 25.13 35.06
N ILE G 37 10.49 25.87 35.53
CA ILE G 37 10.51 27.33 35.57
C ILE G 37 10.55 27.75 37.02
N SER G 38 11.50 28.59 37.37
CA SER G 38 11.71 28.98 38.76
C SER G 38 10.53 29.80 39.27
N SER G 39 10.34 29.74 40.60
CA SER G 39 9.24 30.48 41.21
C SER G 39 9.42 31.99 41.07
N GLN G 40 10.66 32.47 41.22
CA GLN G 40 10.90 33.91 41.08
C GLN G 40 10.63 34.38 39.67
N CYS G 41 10.84 33.51 38.67
CA CYS G 41 10.50 33.87 37.30
C CYS G 41 9.01 34.12 37.15
N ILE G 42 8.19 33.25 37.71
CA ILE G 42 6.74 33.41 37.63
C ILE G 42 6.30 34.63 38.42
N LYS G 43 6.92 34.87 39.57
CA LYS G 43 6.57 36.04 40.36
C LYS G 43 6.87 37.33 39.61
N ARG G 44 8.03 37.40 38.95
CA ARG G 44 8.35 38.60 38.18
C ARG G 44 7.46 38.73 36.95
N SER G 45 7.07 37.60 36.36
CA SER G 45 6.10 37.65 35.26
C SER G 45 4.78 38.23 35.73
N ILE G 46 4.36 37.91 36.95
CA ILE G 46 3.17 38.52 37.51
C ILE G 46 3.31 40.03 37.63
N ARG G 47 4.44 40.51 38.13
CA ARG G 47 4.70 41.94 38.23
C ARG G 47 4.97 42.52 36.84
N THR G 48 5.01 43.85 36.79
CA THR G 48 5.29 44.58 35.54
C THR G 48 4.30 44.19 34.44
N SER G 49 3.04 44.03 34.78
CA SER G 49 1.99 43.72 33.83
C SER G 49 1.11 44.94 33.61
N ASN G 50 0.85 45.26 32.33
CA ASN G 50 0.04 46.42 32.01
C ASN G 50 -1.44 46.20 32.30
N ASP G 51 -1.86 44.97 32.58
CA ASP G 51 -3.26 44.70 32.83
C ASP G 51 -3.75 45.35 34.12
N PHE G 52 -2.88 45.47 35.12
CA PHE G 52 -3.26 46.05 36.41
C PHE G 52 -3.04 47.55 36.49
N LYS G 53 -1.99 48.07 35.83
CA LYS G 53 -1.71 49.50 35.87
C LYS G 53 -2.80 50.32 35.18
N ALA G 54 -3.48 49.75 34.19
CA ALA G 54 -4.54 50.46 33.48
C ALA G 54 -5.92 49.94 33.87
N LEU G 138 -4.50 52.78 50.77
CA LEU G 138 -3.23 52.15 51.11
C LEU G 138 -2.10 52.70 50.26
N ALA G 139 -0.96 52.00 50.26
CA ALA G 139 0.21 52.43 49.51
C ALA G 139 0.38 51.53 48.30
N PRO G 140 0.27 52.06 47.08
CA PRO G 140 0.48 51.23 45.89
C PRO G 140 1.91 50.70 45.82
N ASP G 141 2.05 49.50 45.24
CA ASP G 141 3.30 48.79 45.03
C ASP G 141 3.95 48.35 46.34
N ILE G 142 3.28 48.50 47.47
CA ILE G 142 3.83 48.10 48.77
C ILE G 142 3.10 46.91 49.36
N ALA G 143 1.76 46.94 49.36
CA ALA G 143 0.99 45.86 49.97
C ALA G 143 1.16 44.56 49.18
N LEU G 144 1.20 44.65 47.85
CA LEU G 144 1.28 43.44 47.05
C LEU G 144 2.67 42.82 47.07
N CYS G 145 3.71 43.65 47.04
CA CYS G 145 5.10 43.19 47.18
C CYS G 145 5.84 44.15 48.10
N GLY G 146 6.52 43.59 49.11
CA GLY G 146 7.24 44.41 50.05
C GLY G 146 8.50 45.02 49.46
N ARG G 147 8.89 46.15 50.01
CA ARG G 147 10.11 46.85 49.60
C ARG G 147 10.70 47.55 50.81
N MET G 148 11.97 47.26 51.10
CA MET G 148 12.64 47.85 52.25
C MET G 148 13.05 49.28 51.93
N THR G 166 8.32 42.28 58.95
CA THR G 166 8.27 43.24 57.85
C THR G 166 6.96 43.11 57.08
N VAL G 167 7.03 43.28 55.75
CA VAL G 167 5.83 43.20 54.92
C VAL G 167 5.28 41.78 54.91
N GLU G 168 6.16 40.79 54.70
CA GLU G 168 5.80 39.37 54.74
C GLU G 168 4.69 39.06 53.73
N ALA G 169 5.04 39.20 52.46
CA ALA G 169 4.09 39.01 51.38
C ALA G 169 3.42 37.64 51.47
N ALA G 170 2.09 37.63 51.28
CA ALA G 170 1.31 36.44 51.57
C ALA G 170 1.25 35.48 50.39
N LEU G 171 1.62 35.92 49.20
CA LEU G 171 1.54 35.07 48.01
C LEU G 171 2.79 34.22 47.89
N GLN G 172 2.60 32.92 47.73
CA GLN G 172 3.70 31.99 47.50
C GLN G 172 3.44 31.21 46.23
N VAL G 173 4.53 30.85 45.54
CA VAL G 173 4.47 30.15 44.27
C VAL G 173 5.57 29.09 44.26
N ALA G 174 5.22 27.88 43.85
CA ALA G 174 6.17 26.79 43.77
C ALA G 174 6.87 26.77 42.41
N HIS G 175 7.93 25.97 42.33
CA HIS G 175 8.60 25.77 41.05
C HIS G 175 7.71 25.02 40.08
N ALA G 176 7.75 25.42 38.82
CA ALA G 176 6.92 24.79 37.79
C ALA G 176 7.52 23.44 37.45
N ILE G 177 6.92 22.38 37.98
CA ILE G 177 7.38 21.02 37.76
C ILE G 177 6.66 20.45 36.55
N SER G 178 7.42 19.97 35.58
CA SER G 178 6.82 19.33 34.42
C SER G 178 6.24 17.99 34.80
N THR G 179 5.22 17.56 34.06
CA THR G 179 4.58 16.28 34.34
C THR G 179 5.32 15.10 33.72
N HIS G 180 6.29 15.35 32.85
CA HIS G 180 6.94 14.27 32.12
C HIS G 180 8.46 14.43 32.11
N ILE G 181 9.15 13.57 31.36
CA ILE G 181 10.59 13.67 31.25
C ILE G 181 10.96 14.92 30.46
N ALA G 182 12.03 15.57 30.90
CA ALA G 182 12.55 16.72 30.17
C ALA G 182 13.25 16.23 28.90
N ARG G 183 13.02 16.96 27.80
CA ARG G 183 13.60 16.62 26.50
C ARG G 183 14.29 17.85 25.93
N PRO G 184 15.49 18.16 26.40
CA PRO G 184 16.24 19.28 25.84
C PRO G 184 16.63 19.01 24.40
N GLU G 185 16.72 20.08 23.61
CA GLU G 185 17.04 19.99 22.20
C GLU G 185 18.08 21.03 21.81
N ILE G 186 18.77 20.75 20.72
CA ILE G 186 19.81 21.62 20.18
C ILE G 186 19.19 22.42 19.03
N ASP G 187 19.37 23.73 19.08
CA ASP G 187 18.97 24.63 17.99
C ASP G 187 20.24 25.17 17.34
N TYR G 188 20.69 24.50 16.28
CA TYR G 188 21.86 24.93 15.54
C TYR G 188 21.50 26.13 14.69
N PHE G 189 22.15 27.27 14.94
CA PHE G 189 21.84 28.50 14.24
C PHE G 189 23.11 29.15 13.72
N VAL G 190 22.95 29.92 12.63
CA VAL G 190 24.02 30.77 12.11
C VAL G 190 23.41 32.14 11.79
N ALA G 191 24.24 33.17 11.84
CA ALA G 191 23.84 34.53 11.49
C ALA G 191 24.54 34.92 10.20
N ALA G 192 23.77 35.23 9.18
CA ALA G 192 24.31 35.49 7.85
C ALA G 192 24.93 36.88 7.78
N ASP G 193 25.81 37.05 6.80
CA ASP G 193 26.47 38.33 6.57
C ASP G 193 25.81 39.14 5.47
N ASP G 194 24.91 38.53 4.69
CA ASP G 194 24.12 39.11 3.60
C ASP G 194 24.88 40.15 2.78
N VAL G 195 26.17 39.91 2.55
CA VAL G 195 26.98 40.69 1.62
C VAL G 195 27.89 39.74 0.86
N PRO G 196 28.27 40.05 -0.37
CA PRO G 196 29.24 39.19 -1.09
C PRO G 196 30.63 39.34 -0.49
N GLY G 197 31.17 38.24 0.00
CA GLY G 197 32.49 38.26 0.60
C GLY G 197 33.38 37.11 0.16
N GLU G 198 34.60 37.08 0.68
CA GLU G 198 35.53 36.01 0.33
C GLU G 198 35.22 34.70 1.05
N ASP G 199 34.45 34.75 2.15
CA ASP G 199 34.09 33.58 2.93
C ASP G 199 32.57 33.45 2.99
N ALA G 200 32.10 32.48 3.77
CA ALA G 200 30.68 32.26 3.98
C ALA G 200 30.41 32.01 5.46
N GLY G 201 29.24 32.44 5.93
CA GLY G 201 28.88 32.27 7.32
C GLY G 201 29.53 33.31 8.19
N ALA G 202 28.76 33.96 9.06
CA ALA G 202 29.31 35.06 9.85
C ALA G 202 28.95 35.02 11.34
N GLY G 203 27.88 34.36 11.74
CA GLY G 203 27.41 34.43 13.10
C GLY G 203 28.24 33.61 14.07
N HIS G 204 27.81 33.63 15.32
CA HIS G 204 28.49 32.87 16.36
C HIS G 204 28.35 31.36 16.16
N ILE G 205 27.44 30.94 15.28
CA ILE G 205 27.21 29.52 14.97
C ILE G 205 27.10 28.74 16.28
N GLY G 206 26.18 29.14 17.14
CA GLY G 206 26.01 28.54 18.44
C GLY G 206 25.05 27.37 18.42
N GLU G 207 24.68 26.94 19.63
CA GLU G 207 23.75 25.82 19.83
C GLU G 207 22.80 26.23 20.95
N SER G 208 21.67 26.82 20.58
CA SER G 208 20.69 27.24 21.57
C SER G 208 19.99 26.03 22.18
N MET G 209 19.66 26.15 23.47
CA MET G 209 18.99 25.11 24.22
C MET G 209 17.52 25.47 24.40
N PHE G 210 16.64 24.49 24.18
CA PHE G 210 15.22 24.72 24.37
C PHE G 210 14.52 23.41 24.68
N ALA G 211 13.34 23.52 25.28
CA ALA G 211 12.52 22.36 25.62
C ALA G 211 11.07 22.79 25.73
N SER G 212 10.17 21.82 25.56
CA SER G 212 8.73 22.06 25.69
C SER G 212 8.17 21.07 26.71
N ALA G 213 7.38 21.57 27.65
CA ALA G 213 6.84 20.73 28.71
C ALA G 213 5.49 21.26 29.14
N CYS G 214 4.72 20.37 29.78
CA CYS G 214 3.46 20.72 30.42
C CYS G 214 3.72 20.87 31.91
N PHE G 215 3.76 22.11 32.39
CA PHE G 215 4.18 22.39 33.75
C PHE G 215 3.00 22.40 34.71
N TYR G 216 3.23 21.91 35.91
CA TYR G 216 2.28 22.00 37.01
C TYR G 216 2.69 23.17 37.89
N LYS G 217 1.90 24.23 37.89
CA LYS G 217 2.18 25.44 38.65
C LYS G 217 1.32 25.48 39.90
N TYR G 218 1.95 25.74 41.04
CA TYR G 218 1.28 25.79 42.33
C TYR G 218 1.38 27.19 42.90
N PHE G 219 0.24 27.82 43.13
CA PHE G 219 0.16 29.14 43.76
C PHE G 219 -0.69 29.02 45.02
N SER G 220 -0.15 29.48 46.15
CA SER G 220 -0.87 29.44 47.41
C SER G 220 -0.85 30.84 48.02
N ILE G 221 -2.01 31.47 48.07
CA ILE G 221 -2.16 32.81 48.63
C ILE G 221 -3.10 32.71 49.83
N ASP G 222 -2.65 33.21 50.97
CA ASP G 222 -3.42 33.17 52.20
C ASP G 222 -4.17 34.48 52.37
N TRP G 223 -5.47 34.38 52.65
CA TRP G 223 -6.32 35.57 52.72
C TRP G 223 -6.07 36.36 53.99
N GLU G 224 -5.72 35.68 55.08
CA GLU G 224 -5.65 36.33 56.38
C GLU G 224 -4.55 37.39 56.42
N GLN G 225 -3.32 37.04 56.01
CA GLN G 225 -2.24 38.01 56.08
C GLN G 225 -2.37 39.09 55.02
N LEU G 226 -2.94 38.75 53.86
CA LEU G 226 -3.18 39.78 52.84
C LEU G 226 -4.20 40.79 53.33
N VAL G 227 -5.17 40.34 54.12
CA VAL G 227 -6.04 41.26 54.82
C VAL G 227 -5.25 42.04 55.88
N LYS G 228 -4.29 41.38 56.53
CA LYS G 228 -3.58 41.99 57.65
C LYS G 228 -2.81 43.23 57.20
N ASN G 229 -2.14 43.18 56.06
CA ASN G 229 -1.41 44.34 55.56
C ASN G 229 -2.27 45.25 54.70
N LEU G 230 -3.55 44.91 54.50
CA LEU G 230 -4.48 45.77 53.79
C LEU G 230 -5.35 46.58 54.74
N LYS G 231 -5.07 46.54 56.03
CA LYS G 231 -5.82 47.29 57.05
C LYS G 231 -7.30 46.91 57.03
N GLY G 232 -7.57 45.63 56.80
CA GLY G 232 -8.95 45.15 56.82
C GLY G 232 -9.77 45.49 55.60
N ASP G 233 -9.14 45.98 54.53
CA ASP G 233 -9.87 46.33 53.30
C ASP G 233 -10.21 45.04 52.58
N THR G 234 -11.31 44.41 53.00
CA THR G 234 -11.72 43.14 52.41
C THR G 234 -12.04 43.29 50.93
N ASN G 235 -12.71 44.39 50.56
CA ASN G 235 -13.01 44.62 49.16
C ASN G 235 -11.74 44.78 48.33
N LEU G 236 -10.79 45.57 48.84
CA LEU G 236 -9.53 45.75 48.12
C LEU G 236 -8.72 44.47 48.09
N ALA G 237 -8.75 43.68 49.18
CA ALA G 237 -8.05 42.40 49.19
C ALA G 237 -8.63 41.45 48.15
N ALA G 238 -9.96 41.38 48.06
CA ALA G 238 -10.58 40.55 47.03
C ALA G 238 -10.25 41.06 45.63
N HIS G 239 -10.21 42.38 45.46
CA HIS G 239 -9.87 42.94 44.15
C HIS G 239 -8.45 42.56 43.75
N THR G 240 -7.50 42.64 44.69
CA THR G 240 -6.13 42.30 44.35
C THR G 240 -5.97 40.79 44.16
N VAL G 241 -6.73 39.97 44.88
CA VAL G 241 -6.70 38.53 44.64
C VAL G 241 -7.20 38.22 43.24
N GLY G 242 -8.30 38.86 42.83
CA GLY G 242 -8.81 38.65 41.49
C GLY G 242 -7.85 39.14 40.41
N ALA G 243 -7.20 40.28 40.66
CA ALA G 243 -6.22 40.78 39.71
C ALA G 243 -5.04 39.82 39.57
N PHE G 244 -4.56 39.27 40.68
CA PHE G 244 -3.48 38.30 40.61
C PHE G 244 -3.93 37.02 39.92
N LEU G 245 -5.17 36.58 40.15
CA LEU G 245 -5.69 35.42 39.43
C LEU G 245 -5.69 35.66 37.93
N LEU G 246 -6.20 36.82 37.51
CA LEU G 246 -6.24 37.14 36.09
C LEU G 246 -4.83 37.20 35.50
N ALA G 247 -3.90 37.83 36.21
CA ALA G 247 -2.53 37.91 35.74
C ALA G 247 -1.91 36.54 35.58
N ALA G 248 -1.97 35.72 36.63
CA ALA G 248 -1.39 34.38 36.57
C ALA G 248 -2.04 33.54 35.48
N ALA G 249 -3.32 33.79 35.19
CA ALA G 249 -3.97 33.04 34.12
C ALA G 249 -3.48 33.48 32.75
N LYS G 250 -3.30 34.79 32.54
CA LYS G 250 -3.04 35.31 31.20
C LYS G 250 -1.64 35.91 31.05
N THR G 251 -0.70 35.57 31.92
CA THR G 251 0.67 36.03 31.77
C THR G 251 1.61 34.84 31.67
N ASN G 252 2.74 35.07 31.02
CA ASN G 252 3.79 34.08 30.80
C ASN G 252 5.13 34.72 31.12
N PRO G 253 6.13 33.92 31.48
CA PRO G 253 7.48 34.48 31.69
C PRO G 253 7.99 35.14 30.42
N SER G 254 8.66 36.27 30.60
CA SER G 254 9.22 37.03 29.48
C SER G 254 10.63 36.54 29.15
N GLY G 255 10.71 35.24 28.89
CA GLY G 255 11.98 34.62 28.56
C GLY G 255 12.38 34.92 27.13
N LYS G 256 12.99 33.94 26.45
CA LYS G 256 13.45 34.12 25.08
C LYS G 256 12.22 34.06 24.17
N GLN G 257 11.36 35.06 24.33
CA GLN G 257 10.03 35.04 23.75
C GLN G 257 9.97 35.59 22.33
N ASN G 258 10.95 36.42 21.93
CA ASN G 258 10.91 36.99 20.59
C ASN G 258 11.24 35.94 19.53
N SER G 259 12.02 34.93 19.89
CA SER G 259 12.28 33.80 19.01
C SER G 259 11.47 32.57 19.36
N PHE G 260 10.92 32.51 20.56
CA PHE G 260 10.07 31.41 21.01
C PHE G 260 8.78 32.03 21.55
N ALA G 261 7.82 32.29 20.66
CA ALA G 261 6.57 32.94 21.05
C ALA G 261 5.67 31.92 21.74
N ALA G 262 5.97 31.67 23.01
CA ALA G 262 5.23 30.72 23.82
C ALA G 262 4.29 31.50 24.72
N HIS G 263 3.07 31.74 24.25
CA HIS G 263 2.06 32.47 25.00
C HIS G 263 0.83 31.61 25.24
N ASN G 264 1.02 30.30 25.40
CA ASN G 264 -0.09 29.39 25.62
C ASN G 264 -0.70 29.62 27.00
N TYR G 265 -2.02 29.59 27.05
CA TYR G 265 -2.75 29.75 28.30
C TYR G 265 -3.06 28.39 28.91
N PRO G 266 -3.20 28.33 30.24
CA PRO G 266 -3.44 27.03 30.89
C PRO G 266 -4.72 26.38 30.40
N ASP G 267 -4.67 25.05 30.24
CA ASP G 267 -5.84 24.29 29.86
C ASP G 267 -6.67 23.84 31.05
N GLY G 268 -6.15 24.00 32.27
CA GLY G 268 -6.91 23.67 33.46
C GLY G 268 -6.37 24.34 34.70
N ILE G 269 -7.25 25.03 35.43
CA ILE G 269 -6.91 25.66 36.70
C ILE G 269 -7.90 25.19 37.76
N LEU G 270 -7.37 24.76 38.91
CA LEU G 270 -8.17 24.21 39.99
C LEU G 270 -7.88 24.98 41.26
N VAL G 271 -8.93 25.51 41.89
CA VAL G 271 -8.81 26.35 43.07
C VAL G 271 -9.50 25.63 44.23
N GLU G 272 -8.75 25.39 45.30
CA GLU G 272 -9.27 24.74 46.49
C GLU G 272 -9.00 25.61 47.70
N PHE G 273 -9.81 25.41 48.74
CA PHE G 273 -9.75 26.21 49.96
C PHE G 273 -9.45 25.35 51.18
N LYS G 274 -8.52 24.41 51.05
CA LYS G 274 -8.22 23.51 52.14
C LYS G 274 -7.37 24.20 53.21
N ASN G 275 -7.39 23.62 54.40
CA ASN G 275 -6.74 24.25 55.55
C ASN G 275 -5.22 24.10 55.50
N SER G 276 -4.74 22.95 55.01
CA SER G 276 -3.30 22.79 55.01
C SER G 276 -2.74 22.94 53.60
N PRO G 277 -1.54 23.49 53.45
CA PRO G 277 -0.97 23.65 52.10
C PRO G 277 -0.47 22.34 51.53
N ILE G 278 -1.21 21.77 50.59
CA ILE G 278 -0.85 20.51 49.94
C ILE G 278 -0.58 20.80 48.48
N SER G 279 0.62 20.44 48.02
CA SER G 279 0.99 20.55 46.62
C SER G 279 0.79 19.20 45.93
N TYR G 280 0.27 19.24 44.71
CA TYR G 280 -0.03 18.02 43.96
C TYR G 280 1.10 17.62 43.03
N ALA G 281 2.35 17.91 43.40
CA ALA G 281 3.48 17.46 42.61
C ALA G 281 3.61 15.94 42.63
N ASN G 282 3.24 15.30 43.75
CA ASN G 282 3.31 13.86 43.85
C ASN G 282 2.34 13.16 42.92
N ALA G 283 1.35 13.88 42.38
CA ALA G 283 0.47 13.29 41.37
C ALA G 283 1.24 12.86 40.14
N PHE G 284 2.40 13.47 39.90
CA PHE G 284 3.21 13.20 38.73
C PHE G 284 4.52 12.50 39.09
N VAL G 285 4.54 11.75 40.19
CA VAL G 285 5.73 10.97 40.52
C VAL G 285 6.01 9.96 39.42
N ARG G 286 4.98 9.28 38.94
CA ARG G 286 5.10 8.53 37.72
C ARG G 286 5.07 9.49 36.54
N PRO G 287 6.12 9.57 35.72
CA PRO G 287 6.09 10.49 34.58
C PRO G 287 5.01 10.10 33.58
N VAL G 288 4.39 11.11 32.99
CA VAL G 288 3.30 10.87 32.05
C VAL G 288 3.88 10.45 30.71
N SER G 289 3.51 9.26 30.24
CA SER G 289 3.88 8.76 28.93
C SER G 289 2.68 8.88 28.02
N VAL G 290 2.86 9.56 26.88
CA VAL G 290 1.75 9.81 25.96
C VAL G 290 1.41 8.53 25.23
N VAL G 291 0.12 8.18 25.20
CA VAL G 291 -0.35 7.02 24.50
C VAL G 291 -1.00 7.48 23.19
N LYS G 292 -1.27 6.52 22.31
CA LYS G 292 -1.85 6.86 21.01
C LYS G 292 -3.28 7.36 21.12
N GLU G 293 -4.01 6.91 22.15
CA GLU G 293 -5.41 7.23 22.31
C GLU G 293 -5.66 8.46 23.17
N SER G 294 -4.61 9.17 23.59
CA SER G 294 -4.76 10.33 24.44
C SER G 294 -3.63 11.31 24.16
N ASP G 295 -3.74 12.49 24.75
CA ASP G 295 -2.75 13.55 24.62
C ASP G 295 -2.10 13.85 25.96
N LEU G 296 -1.04 14.66 25.93
CA LEU G 296 -0.28 14.95 27.13
C LEU G 296 -1.10 15.72 28.16
N VAL G 297 -1.82 16.75 27.71
CA VAL G 297 -2.59 17.57 28.65
C VAL G 297 -3.72 16.78 29.27
N GLU G 298 -4.44 16.01 28.44
CA GLU G 298 -5.52 15.19 28.97
C GLU G 298 -5.01 14.16 29.97
N GLN G 299 -3.89 13.52 29.66
CA GLN G 299 -3.33 12.53 30.57
C GLN G 299 -2.86 13.17 31.88
N SER G 300 -2.26 14.37 31.79
CA SER G 300 -1.83 15.05 33.01
C SER G 300 -3.02 15.44 33.88
N ILE G 301 -4.08 15.95 33.25
CA ILE G 301 -5.29 16.29 34.00
C ILE G 301 -5.92 15.05 34.61
N GLY G 302 -5.89 13.93 33.88
CA GLY G 302 -6.41 12.69 34.43
C GLY G 302 -5.60 12.20 35.62
N GLN G 303 -4.28 12.33 35.55
CA GLN G 303 -3.45 11.95 36.69
C GLN G 303 -3.72 12.84 37.89
N LEU G 304 -3.90 14.15 37.66
CA LEU G 304 -4.25 15.05 38.76
C LEU G 304 -5.59 14.68 39.36
N SER G 305 -6.57 14.33 38.52
CA SER G 305 -7.87 13.91 39.02
C SER G 305 -7.77 12.62 39.82
N ASN G 306 -6.96 11.68 39.36
CA ASN G 306 -6.76 10.44 40.10
C ASN G 306 -6.15 10.71 41.47
N TYR G 307 -5.14 11.59 41.53
CA TYR G 307 -4.54 11.93 42.81
C TYR G 307 -5.54 12.64 43.73
N VAL G 308 -6.36 13.53 43.18
CA VAL G 308 -7.35 14.22 43.99
C VAL G 308 -8.37 13.23 44.55
N ASN G 309 -8.83 12.30 43.72
CA ASN G 309 -9.79 11.29 44.18
C ASN G 309 -9.16 10.36 45.21
N ASP G 310 -7.89 10.01 45.04
CA ASP G 310 -7.22 9.11 45.97
C ASP G 310 -6.92 9.85 47.27
N ILE G 311 -6.27 9.15 48.21
CA ILE G 311 -5.92 9.66 49.53
C ILE G 311 -7.17 10.03 50.30
N ARG G 312 -7.96 10.98 49.78
CA ARG G 312 -9.17 11.41 50.47
C ARG G 312 -10.18 10.27 50.58
N LEU G 313 -10.43 9.56 49.48
CA LEU G 313 -11.35 8.44 49.52
C LEU G 313 -10.73 7.21 50.16
N GLY G 314 -9.41 7.05 50.04
CA GLY G 314 -8.73 5.91 50.62
C GLY G 314 -8.35 4.86 49.59
N VAL G 322 -13.13 19.22 52.14
CA VAL G 322 -13.11 20.53 51.49
C VAL G 322 -13.68 20.44 50.08
N ILE G 323 -13.82 21.59 49.43
CA ILE G 323 -14.36 21.66 48.08
C ILE G 323 -13.41 22.47 47.20
N GLY G 324 -13.52 22.25 45.90
CA GLY G 324 -12.62 22.90 44.97
C GLY G 324 -13.27 23.28 43.65
N PHE G 325 -13.00 24.48 43.18
CA PHE G 325 -13.52 24.97 41.92
C PHE G 325 -12.57 24.58 40.79
N TRP G 326 -13.12 23.93 39.76
CA TRP G 326 -12.35 23.51 38.60
C TRP G 326 -12.71 24.38 37.41
N PHE G 327 -11.69 24.95 36.77
CA PHE G 327 -11.88 25.77 35.58
C PHE G 327 -11.10 25.17 34.42
N SER G 328 -11.77 24.99 33.29
CA SER G 328 -11.15 24.71 32.01
C SER G 328 -11.80 25.59 30.96
N PRO G 329 -11.02 26.07 29.99
CA PRO G 329 -11.60 26.93 28.95
C PRO G 329 -12.70 26.23 28.16
N ASN G 330 -13.93 26.70 28.31
CA ASN G 330 -15.10 26.11 27.65
C ASN G 330 -15.26 24.63 27.98
N ASN G 331 -14.85 24.25 29.19
CA ASN G 331 -14.93 22.85 29.63
C ASN G 331 -14.24 21.91 28.64
N ARG G 332 -13.10 22.35 28.12
CA ARG G 332 -12.36 21.54 27.15
C ARG G 332 -11.89 20.23 27.76
N TYR G 333 -11.37 20.28 28.99
CA TYR G 333 -10.86 19.10 29.68
C TYR G 333 -11.64 18.90 30.97
N PRO G 334 -12.64 18.03 30.99
CA PRO G 334 -13.42 17.84 32.22
C PRO G 334 -12.64 17.03 33.25
N LEU G 335 -12.69 17.51 34.50
CA LEU G 335 -12.04 16.83 35.62
C LEU G 335 -13.03 15.82 36.20
N GLY G 336 -13.26 14.74 35.45
CA GLY G 336 -14.20 13.72 35.85
C GLY G 336 -15.54 13.84 35.14
N TYR G 337 -15.81 12.90 34.23
CA TYR G 337 -17.04 12.90 33.44
C TYR G 337 -18.13 12.05 34.09
N LYS G 338 -18.56 12.45 35.29
CA LYS G 338 -19.61 11.75 36.01
C LYS G 338 -20.49 12.78 36.72
N HIS G 339 -21.66 12.33 37.18
CA HIS G 339 -22.60 13.17 37.90
C HIS G 339 -22.44 13.06 39.40
N SER G 340 -21.45 12.32 39.88
CA SER G 340 -21.21 12.17 41.31
C SER G 340 -20.56 13.42 41.88
N LYS G 341 -20.53 13.50 43.20
CA LYS G 341 -19.97 14.64 43.92
C LYS G 341 -18.45 14.53 43.87
N LEU G 342 -17.86 15.00 42.77
CA LEU G 342 -16.43 14.98 42.57
C LEU G 342 -15.81 16.36 42.50
N ALA G 343 -16.42 17.27 41.72
CA ALA G 343 -15.98 18.66 41.64
C ALA G 343 -17.15 19.56 41.99
N SER G 344 -16.87 20.60 42.79
CA SER G 344 -17.93 21.47 43.27
C SER G 344 -18.62 22.20 42.11
N ARG G 345 -17.83 22.87 41.26
CA ARG G 345 -18.37 23.58 40.11
C ARG G 345 -17.41 23.44 38.95
N ASN G 346 -17.94 23.12 37.77
CA ASN G 346 -17.17 23.10 36.54
C ASN G 346 -17.40 24.44 35.82
N ILE G 347 -16.37 25.28 35.79
CA ILE G 347 -16.47 26.64 35.27
C ILE G 347 -15.78 26.67 33.91
N GLY G 348 -16.47 27.23 32.91
CA GLY G 348 -15.94 27.26 31.56
C GLY G 348 -15.37 28.60 31.15
N ASN G 349 -15.51 29.62 32.01
CA ASN G 349 -15.03 30.96 31.72
C ASN G 349 -14.22 31.46 32.89
N LEU G 350 -13.14 32.19 32.59
CA LEU G 350 -12.23 32.64 33.65
C LEU G 350 -12.89 33.68 34.55
N ASN G 351 -13.61 34.64 33.96
CA ASN G 351 -14.16 35.74 34.75
C ASN G 351 -15.18 35.23 35.78
N GLU G 352 -16.06 34.31 35.38
CA GLU G 352 -16.97 33.75 36.36
C GLU G 352 -16.25 32.89 37.40
N LEU G 353 -15.12 32.29 37.04
CA LEU G 353 -14.31 31.60 38.05
C LEU G 353 -13.78 32.57 39.09
N VAL G 354 -13.25 33.72 38.65
CA VAL G 354 -12.79 34.73 39.59
C VAL G 354 -13.96 35.24 40.43
N GLY G 355 -15.13 35.43 39.82
CA GLY G 355 -16.28 35.86 40.58
C GLY G 355 -16.70 34.86 41.63
N ALA G 356 -16.70 33.57 41.29
CA ALA G 356 -17.04 32.53 42.25
C ALA G 356 -16.04 32.49 43.41
N VAL G 357 -14.75 32.59 43.08
CA VAL G 357 -13.74 32.63 44.14
C VAL G 357 -13.97 33.85 45.03
N LEU G 358 -14.29 35.00 44.42
CA LEU G 358 -14.45 36.22 45.19
C LEU G 358 -15.63 36.15 46.14
N ASP G 359 -16.79 35.70 45.66
CA ASP G 359 -17.92 35.70 46.59
C ASP G 359 -17.91 34.49 47.51
N TYR G 360 -17.08 33.47 47.24
CA TYR G 360 -16.85 32.46 48.27
C TYR G 360 -15.97 33.02 49.38
N ILE G 361 -14.90 33.74 49.02
CA ILE G 361 -14.02 34.32 50.03
C ILE G 361 -14.77 35.35 50.86
N GLY G 362 -15.53 36.23 50.19
CA GLY G 362 -16.26 37.27 50.89
C GLY G 362 -17.76 37.07 50.86
N PRO H 4 -1.11 11.69 76.98
CA PRO H 4 -0.56 10.39 76.57
C PRO H 4 0.45 10.45 75.39
N PRO H 5 0.18 11.21 74.32
CA PRO H 5 1.17 11.26 73.23
C PRO H 5 2.37 12.11 73.64
N ASN H 6 3.56 11.53 73.56
CA ASN H 6 4.79 12.21 73.87
C ASN H 6 5.51 12.74 72.64
N THR H 7 5.41 12.04 71.52
CA THR H 7 6.14 12.38 70.30
C THR H 7 5.19 12.96 69.27
N LEU H 8 5.63 14.04 68.61
CA LEU H 8 4.91 14.63 67.50
C LEU H 8 5.69 14.37 66.21
N PHE H 9 5.01 13.85 65.20
CA PHE H 9 5.63 13.48 63.94
C PHE H 9 5.29 14.50 62.87
N LEU H 10 6.32 14.91 62.13
CA LEU H 10 6.16 15.84 61.01
C LEU H 10 6.65 15.16 59.73
N ARG H 11 5.88 15.30 58.66
CA ARG H 11 6.22 14.74 57.36
C ARG H 11 6.61 15.88 56.43
N LEU H 12 7.84 15.84 55.92
CA LEU H 12 8.35 16.85 55.00
C LEU H 12 8.70 16.15 53.68
N GLU H 13 7.83 16.32 52.69
CA GLU H 13 8.01 15.67 51.40
C GLU H 13 7.62 16.63 50.29
N GLY H 14 8.41 16.64 49.21
CA GLY H 14 8.11 17.48 48.08
C GLY H 14 9.10 17.23 46.96
N ALA H 15 8.82 17.87 45.83
CA ALA H 15 9.74 17.77 44.69
C ALA H 15 11.05 18.45 44.99
N LEU H 16 11.00 19.66 45.54
CA LEU H 16 12.19 20.42 45.91
C LEU H 16 12.13 20.78 47.38
N GLN H 17 13.25 20.59 48.07
CA GLN H 17 13.40 21.08 49.43
C GLN H 17 14.85 21.50 49.64
N SER H 18 15.05 22.38 50.62
CA SER H 18 16.38 22.92 50.88
C SER H 18 16.46 23.31 52.35
N TRP H 19 17.38 22.69 53.07
CA TRP H 19 17.65 23.01 54.47
C TRP H 19 19.10 23.46 54.55
N GLY H 20 19.31 24.78 54.53
CA GLY H 20 20.66 25.31 54.52
C GLY H 20 21.43 24.91 55.75
N SER H 21 22.66 24.44 55.54
CA SER H 21 23.53 24.01 56.62
C SER H 21 24.29 25.21 57.18
N ASN H 22 25.08 24.97 58.23
CA ASN H 22 25.80 26.04 58.88
C ASN H 22 26.94 26.59 58.03
N GLU H 23 27.52 25.78 57.15
CA GLU H 23 28.65 26.22 56.33
C GLU H 23 28.18 26.81 54.99
N ALA H 24 27.24 27.75 55.06
CA ALA H 24 26.71 28.40 53.86
C ALA H 24 26.34 29.84 54.24
N LYS H 25 27.27 30.76 53.99
CA LYS H 25 27.08 32.16 54.36
C LYS H 25 27.54 33.14 53.29
N PHE H 26 28.11 32.66 52.19
CA PHE H 26 28.54 33.51 51.10
C PHE H 26 27.42 33.63 50.07
N ALA H 27 27.73 34.19 48.90
CA ALA H 27 26.75 34.20 47.81
C ALA H 27 26.41 32.78 47.37
N LEU H 28 27.33 31.84 47.59
CA LEU H 28 27.07 30.42 47.38
C LEU H 28 26.35 29.88 48.61
N ARG H 29 25.18 29.30 48.41
CA ARG H 29 24.37 28.74 49.50
C ARG H 29 24.06 27.28 49.18
N ARG H 30 24.66 26.37 49.94
CA ARG H 30 24.41 24.94 49.79
C ARG H 30 23.39 24.48 50.84
N THR H 31 23.02 23.20 50.75
CA THR H 31 21.99 22.63 51.62
C THR H 31 22.56 21.42 52.35
N ALA H 32 21.85 21.00 53.40
CA ALA H 32 22.22 19.85 54.19
C ALA H 32 21.37 18.64 53.80
N ASP H 33 21.90 17.46 54.13
CA ASP H 33 21.21 16.22 53.76
C ASP H 33 19.93 16.01 54.57
N ALA H 34 19.83 16.58 55.75
CA ALA H 34 18.66 16.42 56.62
C ALA H 34 18.17 17.77 57.09
N PRO H 35 16.87 17.90 57.37
CA PRO H 35 16.35 19.16 57.87
C PRO H 35 16.99 19.56 59.19
N THR H 36 17.20 20.85 59.37
CA THR H 36 17.86 21.36 60.56
C THR H 36 16.83 21.66 61.66
N LYS H 37 17.33 21.73 62.90
CA LYS H 37 16.46 22.09 64.02
C LYS H 37 15.92 23.50 63.85
N SER H 38 16.72 24.40 63.29
CA SER H 38 16.26 25.78 63.06
C SER H 38 15.08 25.80 62.11
N GLY H 39 15.12 24.99 61.05
CA GLY H 39 14.03 24.99 60.09
C GLY H 39 12.72 24.50 60.69
N VAL H 40 12.77 23.40 61.44
CA VAL H 40 11.53 22.90 62.04
C VAL H 40 11.04 23.86 63.11
N LEU H 41 11.96 24.44 63.88
CA LEU H 41 11.56 25.45 64.86
C LEU H 41 10.84 26.60 64.19
N GLY H 42 11.36 27.07 63.06
CA GLY H 42 10.67 28.11 62.32
C GLY H 42 9.33 27.66 61.79
N LEU H 43 9.23 26.39 61.39
CA LEU H 43 7.95 25.88 60.90
C LEU H 43 6.89 25.90 62.00
N LEU H 44 7.23 25.40 63.19
CA LEU H 44 6.26 25.48 64.29
C LEU H 44 6.02 26.93 64.74
N CYS H 45 7.03 27.79 64.64
CA CYS H 45 6.80 29.20 64.97
C CYS H 45 5.81 29.84 64.00
N ALA H 46 5.90 29.52 62.71
CA ALA H 46 4.92 30.00 61.75
C ALA H 46 3.55 29.40 62.01
N ALA H 47 3.50 28.12 62.41
CA ALA H 47 2.24 27.49 62.73
C ALA H 47 1.56 28.18 63.91
N MET H 48 2.35 28.55 64.94
CA MET H 48 1.81 29.38 66.01
C MET H 48 1.38 30.74 65.50
N GLY H 49 2.13 31.30 64.54
CA GLY H 49 1.86 32.64 64.08
C GLY H 49 2.53 33.74 64.87
N ILE H 50 3.43 33.39 65.79
CA ILE H 50 4.11 34.38 66.59
C ILE H 50 5.13 35.12 65.73
N GLY H 51 5.29 36.41 66.00
CA GLY H 51 6.18 37.25 65.23
C GLY H 51 7.65 36.99 65.54
N ARG H 52 8.50 37.66 64.76
CA ARG H 52 9.94 37.50 64.93
C ARG H 52 10.38 38.02 66.30
N ALA H 53 9.83 39.16 66.73
CA ALA H 53 10.24 39.77 67.99
C ALA H 53 9.67 39.07 69.21
N GLU H 54 8.63 38.25 69.05
CA GLU H 54 8.03 37.57 70.18
C GLU H 54 8.95 36.50 70.77
N ALA H 55 9.84 35.94 69.97
CA ALA H 55 10.76 34.93 70.49
C ALA H 55 11.69 35.51 71.54
N ALA H 56 12.19 36.72 71.32
CA ALA H 56 13.16 37.32 72.23
C ALA H 56 12.61 37.60 73.61
N ASP H 57 11.28 37.64 73.77
CA ASP H 57 10.67 37.96 75.06
C ASP H 57 10.54 36.70 75.93
N SER H 58 11.70 36.12 76.26
CA SER H 58 11.79 34.95 77.13
C SER H 58 10.94 33.80 76.60
N TRP H 59 11.27 33.36 75.38
CA TRP H 59 10.52 32.30 74.73
C TRP H 59 11.40 31.17 74.22
N LEU H 60 12.70 31.39 74.04
CA LEU H 60 13.58 30.38 73.44
C LEU H 60 13.58 29.05 74.18
N PRO H 61 13.79 28.99 75.51
CA PRO H 61 13.92 27.68 76.16
C PRO H 61 12.62 26.88 76.23
N LYS H 62 11.48 27.50 75.92
CA LYS H 62 10.24 26.75 75.89
C LYS H 62 10.15 25.85 74.68
N LEU H 63 11.00 26.07 73.68
CA LEU H 63 11.06 25.23 72.50
C LEU H 63 12.42 24.60 72.25
N ALA H 64 13.48 25.15 72.85
CA ALA H 64 14.82 24.59 72.64
C ALA H 64 14.97 23.22 73.31
N ASN H 65 14.19 22.94 74.34
CA ASN H 65 14.28 21.68 75.07
C ASN H 65 13.65 20.51 74.33
N LEU H 66 12.94 20.76 73.22
CA LEU H 66 12.28 19.70 72.48
C LEU H 66 13.32 18.78 71.85
N ARG H 67 13.34 17.52 72.27
CA ARG H 67 14.23 16.53 71.68
C ARG H 67 13.80 16.25 70.25
N MET H 68 14.76 16.20 69.33
CA MET H 68 14.50 16.10 67.90
C MET H 68 15.12 14.81 67.34
N GLY H 69 14.45 14.26 66.33
CA GLY H 69 14.97 13.10 65.63
C GLY H 69 14.48 13.06 64.19
N VAL H 70 15.39 12.89 63.25
CA VAL H 70 15.09 12.98 61.82
C VAL H 70 15.28 11.61 61.19
N ARG H 71 14.28 11.17 60.44
CA ARG H 71 14.32 9.93 59.69
C ARG H 71 14.33 10.24 58.19
N ILE H 72 15.26 9.65 57.46
CA ILE H 72 15.37 9.84 56.02
C ILE H 72 14.90 8.56 55.34
N ASP H 73 13.89 8.70 54.49
CA ASP H 73 13.33 7.55 53.77
C ASP H 73 14.06 7.30 52.45
N ARG H 74 14.22 8.34 51.64
CA ARG H 74 14.93 8.21 50.38
C ARG H 74 15.96 9.33 50.25
N PRO H 75 17.17 9.00 49.82
CA PRO H 75 18.20 10.04 49.65
C PRO H 75 18.08 10.74 48.30
N GLY H 76 17.73 12.02 48.32
CA GLY H 76 17.64 12.77 47.09
C GLY H 76 18.98 13.37 46.69
N ILE H 77 19.23 13.38 45.38
CA ILE H 77 20.49 13.91 44.89
C ILE H 77 20.47 15.44 44.91
N ARG H 78 21.64 16.02 45.09
CA ARG H 78 21.78 17.47 45.29
C ARG H 78 21.62 18.14 43.93
N TRP H 79 20.63 19.02 43.83
CA TRP H 79 20.31 19.71 42.59
C TRP H 79 20.53 21.20 42.80
N TRP H 80 21.18 21.85 41.84
CA TRP H 80 21.56 23.26 41.97
C TRP H 80 20.66 24.14 41.12
N ASP H 81 20.30 25.31 41.66
CA ASP H 81 19.49 26.29 40.96
C ASP H 81 20.26 27.60 40.89
N PHE H 82 20.30 28.21 39.70
CA PHE H 82 20.96 29.50 39.49
C PHE H 82 19.91 30.58 39.67
N HIS H 83 20.07 31.39 40.71
CA HIS H 83 19.13 32.45 41.04
C HIS H 83 19.82 33.80 40.89
N THR H 84 19.18 34.72 40.17
CA THR H 84 19.68 36.07 40.00
C THR H 84 18.69 37.06 40.58
N VAL H 85 19.21 38.05 41.30
CA VAL H 85 18.40 39.05 41.99
C VAL H 85 18.72 40.41 41.39
N GLY H 86 17.69 41.07 40.86
CA GLY H 86 17.83 42.44 40.42
C GLY H 86 17.71 43.47 41.52
N ALA H 87 17.28 43.04 42.71
CA ALA H 87 17.14 43.89 43.88
C ALA H 87 16.26 45.11 43.60
N GLY H 88 16.89 46.27 43.39
CA GLY H 88 16.15 47.49 43.13
C GLY H 88 16.45 48.09 41.77
N GLN H 89 15.45 48.10 40.89
CA GLN H 89 15.60 48.69 39.57
C GLN H 89 14.41 49.59 39.24
N LYS H 119 22.19 57.36 40.87
CA LYS H 119 20.79 56.96 40.92
C LYS H 119 20.64 55.45 40.87
N THR H 120 20.61 54.91 39.65
CA THR H 120 20.48 53.48 39.43
C THR H 120 21.67 52.97 38.62
N ARG H 121 21.97 51.69 38.81
CA ARG H 121 23.10 51.07 38.12
C ARG H 121 22.84 49.58 38.00
N ALA H 122 23.60 48.93 37.12
CA ALA H 122 23.45 47.51 36.84
C ALA H 122 24.09 46.70 37.96
N GLU H 123 23.30 46.45 39.00
CA GLU H 123 23.70 45.64 40.14
C GLU H 123 22.79 44.43 40.23
N THR H 124 23.31 43.28 39.81
CA THR H 124 22.56 42.02 39.84
C THR H 124 23.26 41.08 40.81
N LEU H 125 22.57 40.71 41.89
CA LEU H 125 23.13 39.80 42.86
C LEU H 125 23.35 38.43 42.24
N LEU H 126 24.45 37.79 42.60
CA LEU H 126 24.80 36.46 42.13
C LEU H 126 24.49 35.47 43.25
N SER H 127 23.70 34.44 42.94
CA SER H 127 23.37 33.43 43.93
C SER H 127 23.21 32.08 43.26
N ARG H 128 23.45 31.03 44.03
CA ARG H 128 23.24 29.66 43.62
C ARG H 128 22.68 28.88 44.80
N ARG H 129 21.49 28.32 44.63
CA ARG H 129 20.82 27.56 45.69
C ARG H 129 20.97 26.07 45.43
N GLU H 130 21.03 25.31 46.52
CA GLU H 130 21.06 23.86 46.47
C GLU H 130 19.74 23.29 46.95
N TYR H 131 19.18 22.37 46.18
CA TYR H 131 17.88 21.78 46.47
C TYR H 131 17.98 20.27 46.47
N LEU H 132 17.27 19.64 47.40
CA LEU H 132 17.18 18.19 47.45
C LEU H 132 15.99 17.75 46.62
N ALA H 133 16.25 17.00 45.56
CA ALA H 133 15.22 16.59 44.62
C ALA H 133 14.79 15.16 44.89
N ASP H 134 13.48 14.94 44.97
CA ASP H 134 12.90 13.61 45.23
C ASP H 134 13.42 13.04 46.55
N ALA H 135 13.13 13.75 47.63
CA ALA H 135 13.54 13.34 48.97
C ALA H 135 12.36 13.45 49.91
N SER H 136 12.32 12.57 50.91
CA SER H 136 11.28 12.58 51.92
C SER H 136 11.91 12.37 53.29
N PHE H 137 11.49 13.19 54.26
CA PHE H 137 12.04 13.17 55.60
C PHE H 137 10.90 13.04 56.62
N LEU H 138 11.22 12.42 57.75
CA LEU H 138 10.28 12.30 58.86
C LEU H 138 10.94 12.86 60.11
N VAL H 139 10.29 13.84 60.73
CA VAL H 139 10.83 14.55 61.88
C VAL H 139 9.96 14.22 63.09
N ALA H 140 10.60 13.73 64.15
CA ALA H 140 9.92 13.37 65.39
C ALA H 140 10.47 14.24 66.51
N LEU H 141 9.57 14.92 67.23
CA LEU H 141 9.94 15.76 68.36
C LEU H 141 9.33 15.20 69.63
N GLN H 142 10.14 15.10 70.68
CA GLN H 142 9.75 14.51 71.95
C GLN H 142 9.63 15.60 73.01
N GLY H 143 8.51 15.61 73.72
CA GLY H 143 8.30 16.59 74.77
C GLY H 143 7.13 16.21 75.65
N GLU H 144 6.76 17.14 76.54
CA GLU H 144 5.64 16.90 77.42
C GLU H 144 4.34 16.87 76.61
N PRO H 145 3.38 16.01 77.00
CA PRO H 145 2.25 15.71 76.12
C PRO H 145 1.40 16.91 75.73
N GLU H 146 1.16 17.84 76.65
CA GLU H 146 0.26 18.96 76.33
C GLU H 146 0.84 19.85 75.24
N LEU H 147 2.14 20.12 75.30
CA LEU H 147 2.78 20.92 74.26
C LEU H 147 2.70 20.23 72.90
N VAL H 148 2.91 18.91 72.88
CA VAL H 148 2.82 18.17 71.63
C VAL H 148 1.40 18.22 71.08
N ALA H 149 0.41 18.05 71.96
CA ALA H 149 -0.98 18.11 71.51
C ALA H 149 -1.33 19.46 70.93
N LYS H 150 -0.92 20.54 71.60
CA LYS H 150 -1.14 21.88 71.07
C LYS H 150 -0.39 22.11 69.76
N LEU H 151 0.83 21.60 69.65
CA LEU H 151 1.59 21.72 68.42
C LEU H 151 0.87 21.04 67.26
N SER H 152 0.36 19.84 67.50
CA SER H 152 -0.39 19.14 66.45
C SER H 152 -1.68 19.86 66.09
N ALA H 153 -2.39 20.37 67.10
CA ALA H 153 -3.63 21.10 66.84
C ALA H 153 -3.36 22.34 66.00
N ALA H 154 -2.29 23.07 66.30
CA ALA H 154 -1.97 24.26 65.51
C ALA H 154 -1.43 23.90 64.13
N LEU H 155 -0.74 22.77 64.01
CA LEU H 155 -0.30 22.32 62.69
C LEU H 155 -1.49 21.97 61.81
N ALA H 156 -2.53 21.36 62.39
CA ALA H 156 -3.73 21.05 61.62
C ALA H 156 -4.44 22.30 61.13
N LYS H 157 -4.21 23.45 61.77
CA LYS H 157 -4.81 24.73 61.37
C LYS H 157 -3.70 25.76 61.23
N PRO H 158 -2.90 25.68 60.15
CA PRO H 158 -1.77 26.59 59.98
C PRO H 158 -2.25 27.99 59.64
N VAL H 159 -1.90 28.97 60.49
CA VAL H 159 -2.34 30.34 60.27
C VAL H 159 -1.50 31.06 59.23
N TRP H 160 -0.34 30.53 58.87
CA TRP H 160 0.56 31.15 57.92
C TRP H 160 1.02 30.11 56.90
N ALA H 161 1.40 30.58 55.73
CA ALA H 161 1.82 29.71 54.63
C ALA H 161 3.12 29.03 55.01
N ILE H 162 3.04 27.73 55.30
CA ILE H 162 4.21 26.95 55.68
C ILE H 162 4.87 26.40 54.43
N TYR H 163 6.17 26.17 54.50
CA TYR H 163 6.94 25.66 53.37
C TYR H 163 7.97 24.67 53.88
N LEU H 164 8.91 24.31 53.01
CA LEU H 164 9.90 23.28 53.31
C LEU H 164 11.30 23.87 53.37
N GLY H 165 11.44 25.02 54.04
CA GLY H 165 12.73 25.66 54.19
C GLY H 165 12.80 26.98 53.46
N ARG H 166 12.26 27.00 52.25
CA ARG H 166 12.16 28.21 51.44
C ARG H 166 10.73 28.36 50.96
N LYS H 167 10.31 29.61 50.78
CA LYS H 167 8.91 29.89 50.43
C LYS H 167 8.49 29.18 49.15
N SER H 168 9.43 28.89 48.27
CA SER H 168 9.15 28.25 47.00
C SER H 168 9.15 26.72 47.09
N CYS H 169 9.05 26.15 48.29
CA CYS H 169 9.07 24.70 48.48
C CYS H 169 7.87 24.29 49.33
N PRO H 170 6.72 24.09 48.70
CA PRO H 170 5.51 23.73 49.45
C PRO H 170 5.50 22.25 49.79
N PRO H 171 4.75 21.85 50.81
CA PRO H 171 4.69 20.42 51.18
C PRO H 171 3.78 19.65 50.24
N SER H 172 4.33 18.63 49.58
CA SER H 172 3.58 17.78 48.69
C SER H 172 2.74 16.74 49.43
N ARG H 173 3.03 16.51 50.70
CA ARG H 173 2.25 15.62 51.54
C ARG H 173 1.93 16.34 52.84
N PRO H 174 0.78 16.03 53.45
CA PRO H 174 0.42 16.73 54.69
C PRO H 174 1.46 16.52 55.78
N VAL H 175 1.76 17.60 56.51
CA VAL H 175 2.72 17.52 57.60
C VAL H 175 2.15 16.67 58.74
N CYS H 176 0.85 16.77 58.99
CA CYS H 176 0.19 16.02 60.05
C CYS H 176 -0.40 14.71 59.54
N GLU H 177 0.17 14.14 58.47
CA GLU H 177 -0.33 12.88 57.94
C GLU H 177 -0.16 11.76 58.97
N HIS H 178 0.98 11.71 59.64
CA HIS H 178 1.19 10.75 60.72
C HIS H 178 0.77 11.38 62.05
N PRO H 179 -0.17 10.78 62.77
CA PRO H 179 -0.68 11.41 63.99
C PRO H 179 0.16 11.10 65.21
N PRO H 180 0.12 11.97 66.22
CA PRO H 180 0.91 11.72 67.43
C PRO H 180 0.45 10.47 68.16
N GLY H 181 1.41 9.82 68.82
CA GLY H 181 1.13 8.60 69.56
C GLY H 181 2.12 8.43 70.69
N PHE H 182 1.86 7.44 71.53
CA PHE H 182 2.68 7.14 72.68
C PHE H 182 3.66 6.03 72.32
N TYR H 183 4.93 6.38 72.19
CA TYR H 183 5.98 5.41 71.88
C TYR H 183 7.15 5.66 72.83
N ASN H 184 7.70 4.57 73.38
CA ASN H 184 8.72 4.70 74.41
C ASN H 184 10.02 5.27 73.86
N THR H 185 10.51 4.72 72.75
CA THR H 185 11.79 5.11 72.18
C THR H 185 11.63 5.47 70.71
N LEU H 186 12.57 6.27 70.22
CA LEU H 186 12.51 6.74 68.85
C LEU H 186 12.70 5.61 67.85
N GLU H 187 13.54 4.63 68.19
CA GLU H 187 13.74 3.48 67.31
C GLU H 187 12.45 2.69 67.13
N GLU H 188 11.71 2.47 68.23
CA GLU H 188 10.45 1.76 68.14
C GLU H 188 9.44 2.54 67.30
N ALA H 189 9.41 3.87 67.47
CA ALA H 189 8.51 4.69 66.65
C ALA H 189 8.86 4.60 65.17
N LEU H 190 10.15 4.64 64.84
CA LEU H 190 10.57 4.57 63.45
C LEU H 190 10.30 3.20 62.84
N SER H 191 10.50 2.13 63.60
CA SER H 191 10.27 0.78 63.08
C SER H 191 8.79 0.41 63.04
N ALA H 192 7.96 1.02 63.89
CA ALA H 192 6.54 0.67 63.93
C ALA H 192 5.84 1.05 62.63
N VAL H 193 6.14 2.23 62.09
CA VAL H 193 5.50 2.70 60.87
C VAL H 193 6.01 1.87 59.69
N PRO H 194 5.12 1.28 58.89
CA PRO H 194 5.56 0.54 57.72
C PRO H 194 5.96 1.47 56.59
N LEU H 195 6.78 0.94 55.68
CA LEU H 195 7.20 1.66 54.50
C LEU H 195 6.29 1.30 53.33
N GLN H 196 5.75 2.31 52.66
CA GLN H 196 4.80 2.11 51.56
C GLN H 196 5.55 2.21 50.24
N LYS H 197 5.50 1.13 49.47
CA LYS H 197 6.18 1.09 48.18
C LYS H 197 5.35 1.82 47.12
N ARG H 198 6.04 2.61 46.30
CA ARG H 198 5.37 3.34 45.22
C ARG H 198 4.77 2.38 44.19
N TRP H 199 5.49 1.31 43.86
CA TRP H 199 4.99 0.27 42.97
C TRP H 199 5.69 -1.04 43.30
N HIS H 200 5.31 -2.10 42.58
CA HIS H 200 5.65 -3.46 43.01
C HIS H 200 7.15 -3.70 42.99
N ASN H 201 7.85 -3.26 41.95
CA ASN H 201 9.27 -3.57 41.76
C ASN H 201 10.05 -2.27 41.62
N GLU H 202 10.55 -1.75 42.74
CA GLU H 202 11.39 -0.56 42.76
C GLU H 202 12.59 -0.80 43.67
N PRO H 203 13.71 -0.12 43.41
CA PRO H 203 14.88 -0.32 44.27
C PRO H 203 14.71 0.30 45.65
N LEU H 204 14.53 -0.57 46.66
CA LEU H 204 14.36 -0.11 48.02
C LEU H 204 15.70 0.34 48.61
N PRO H 205 15.69 1.33 49.50
CA PRO H 205 16.94 1.79 50.11
C PRO H 205 17.48 0.82 51.15
N GLN H 206 18.56 0.12 50.82
CA GLN H 206 19.16 -0.80 51.78
C GLN H 206 19.84 -0.07 52.93
N ILE H 207 20.28 1.17 52.71
CA ILE H 207 20.87 2.00 53.75
C ILE H 207 19.88 3.10 54.11
N LEU H 208 19.59 3.23 55.40
CA LEU H 208 18.64 4.23 55.89
C LEU H 208 19.33 5.19 56.83
N PRO H 209 19.82 6.33 56.34
CA PRO H 209 20.37 7.34 57.25
C PRO H 209 19.32 7.80 58.24
N CYS H 210 19.79 8.16 59.44
CA CYS H 210 18.91 8.66 60.48
C CYS H 210 19.65 9.69 61.32
N VAL H 211 18.91 10.61 61.92
CA VAL H 211 19.45 11.63 62.79
C VAL H 211 18.68 11.61 64.10
N MET H 212 19.39 11.56 65.22
CA MET H 212 18.78 11.50 66.53
C MET H 212 19.51 12.45 67.46
N ASP H 213 18.76 13.00 68.42
CA ASP H 213 19.36 13.87 69.42
C ASP H 213 20.25 13.07 70.37
N TRP H 214 21.39 13.66 70.73
CA TRP H 214 22.33 13.02 71.65
C TRP H 214 21.83 13.21 73.08
N ILE H 215 21.48 12.12 73.74
CA ILE H 215 20.94 12.16 75.09
C ILE H 215 22.07 12.46 76.07
N PRO H 216 21.97 13.55 76.85
CA PRO H 216 23.02 13.83 77.84
C PRO H 216 23.01 12.89 79.03
N GLY H 217 21.88 12.25 79.33
CA GLY H 217 21.77 11.41 80.50
C GLY H 217 21.98 12.16 81.80
N TYR H 218 22.85 11.66 82.67
CA TYR H 218 23.16 12.34 83.91
C TYR H 218 24.22 13.42 83.67
N ASP H 219 24.67 14.05 84.74
CA ASP H 219 25.66 15.11 84.64
C ASP H 219 26.98 14.55 84.13
N GLY H 220 27.59 15.25 83.18
CA GLY H 220 28.83 14.82 82.57
C GLY H 220 28.59 14.05 81.28
N GLU H 221 29.36 12.99 81.06
CA GLU H 221 29.26 12.15 79.87
C GLU H 221 29.41 12.99 78.60
N HIS H 222 30.60 13.57 78.46
CA HIS H 222 30.89 14.45 77.34
C HIS H 222 30.83 13.68 76.02
N ALA H 223 30.40 14.40 74.98
CA ALA H 223 30.28 13.79 73.66
C ALA H 223 31.66 13.42 73.13
N PRO H 224 31.78 12.27 72.46
CA PRO H 224 33.08 11.84 71.95
C PRO H 224 33.53 12.72 70.79
N ASP H 225 34.79 12.52 70.37
CA ASP H 225 35.33 13.25 69.23
C ASP H 225 34.68 12.84 67.93
N ASP H 226 34.00 11.70 67.89
CA ASP H 226 33.33 11.21 66.70
C ASP H 226 31.92 11.77 66.53
N ALA H 227 31.46 12.60 67.47
CA ALA H 227 30.13 13.21 67.38
C ALA H 227 30.23 14.49 66.56
N GLU H 228 29.39 14.59 65.53
CA GLU H 228 29.43 15.73 64.63
C GLU H 228 28.74 16.94 65.26
N ILE H 229 29.10 18.12 64.75
CA ILE H 229 28.58 19.39 65.27
C ILE H 229 27.63 19.98 64.24
N HIS H 230 26.66 20.75 64.72
CA HIS H 230 25.65 21.37 63.86
C HIS H 230 25.18 22.66 64.51
N TYR H 231 25.15 23.74 63.74
CA TYR H 231 24.81 25.07 64.23
C TYR H 231 23.43 25.46 63.68
N ASP H 232 22.39 25.00 64.38
CA ASP H 232 21.02 25.24 63.94
C ASP H 232 20.07 25.54 65.10
N LEU H 233 20.58 26.18 66.15
CA LEU H 233 19.75 26.55 67.29
C LEU H 233 19.70 28.06 67.43
N PRO H 234 18.67 28.73 66.94
CA PRO H 234 18.65 30.19 66.98
C PRO H 234 18.13 30.73 68.31
N VAL H 235 18.77 31.81 68.76
CA VAL H 235 18.37 32.47 69.99
C VAL H 235 18.17 33.96 69.71
N SER H 236 18.88 34.47 68.70
CA SER H 236 18.85 35.89 68.37
C SER H 236 19.53 36.08 67.03
N PHE H 237 19.09 37.11 66.30
CA PHE H 237 19.64 37.43 64.98
C PHE H 237 20.22 38.83 64.93
N GLN H 238 20.74 39.32 66.05
CA GLN H 238 21.41 40.62 66.09
C GLN H 238 22.34 40.71 67.29
N PRO H 239 23.61 40.29 67.18
CA PRO H 239 24.22 39.57 66.05
C PRO H 239 23.60 38.19 65.81
N PRO H 240 23.61 37.70 64.58
CA PRO H 240 23.06 36.37 64.30
C PRO H 240 24.00 35.27 64.82
N ARG H 241 23.52 34.50 65.78
CA ARG H 241 24.28 33.39 66.36
C ARG H 241 23.36 32.19 66.51
N HIS H 242 23.89 30.99 66.21
CA HIS H 242 23.18 29.74 66.42
C HIS H 242 24.04 28.85 67.30
N LEU H 243 23.46 28.35 68.39
CA LEU H 243 24.20 27.48 69.29
C LEU H 243 24.47 26.12 68.64
N PRO H 244 25.67 25.60 68.80
CA PRO H 244 25.99 24.30 68.21
C PRO H 244 25.21 23.17 68.88
N ARG H 245 25.00 22.10 68.12
CA ARG H 245 24.34 20.91 68.65
C ARG H 245 25.05 19.67 68.15
N PHE H 246 24.89 18.58 68.89
CA PHE H 246 25.52 17.31 68.55
C PHE H 246 24.49 16.37 67.95
N VAL H 247 24.85 15.74 66.83
CA VAL H 247 23.97 14.84 66.09
C VAL H 247 24.69 13.51 65.92
N ILE H 248 24.02 12.42 66.29
CA ILE H 248 24.56 11.08 66.09
C ILE H 248 23.65 10.32 65.12
N ARG H 249 24.24 9.36 64.42
CA ARG H 249 23.60 8.70 63.29
C ARG H 249 23.42 7.22 63.59
N ARG H 250 22.27 6.68 63.17
CA ARG H 250 21.83 5.32 63.52
C ARG H 250 21.34 4.60 62.27
N GLU H 251 21.02 3.32 62.44
CA GLU H 251 20.58 2.47 61.35
C GLU H 251 19.25 1.81 61.69
N LEU H 252 18.35 1.76 60.70
CA LEU H 252 17.16 0.92 60.78
C LEU H 252 17.03 0.15 59.48
N VAL H 253 16.84 -1.16 59.60
CA VAL H 253 16.80 -2.07 58.46
C VAL H 253 15.52 -2.89 58.56
N VAL H 254 14.76 -2.93 57.48
CA VAL H 254 13.54 -3.72 57.45
C VAL H 254 13.85 -5.15 57.01
N GLY H 255 13.01 -6.08 57.43
CA GLY H 255 13.17 -7.48 57.09
C GLY H 255 14.05 -8.27 58.03
N GLU H 256 14.62 -7.65 59.05
CA GLU H 256 15.45 -8.34 60.03
C GLU H 256 14.74 -8.55 61.37
N ASP H 257 13.72 -7.77 61.68
CA ASP H 257 12.97 -7.93 62.92
C ASP H 257 11.53 -8.39 62.71
N VAL H 258 10.98 -8.25 61.51
CA VAL H 258 9.63 -8.70 61.19
C VAL H 258 9.73 -9.79 60.13
N GLN H 259 9.13 -10.94 60.39
CA GLN H 259 9.18 -12.06 59.47
C GLN H 259 8.37 -11.76 58.21
N ARG H 377 -33.65 -15.19 17.52
C ARG H 377 -26.83 -25.24 10.61
#